data_1I7J
# 
_entry.id   1I7J 
# 
_audit_conform.dict_name       mmcif_pdbx.dic 
_audit_conform.dict_version    5.376 
_audit_conform.dict_location   http://mmcif.pdb.org/dictionaries/ascii/mmcif_pdbx.dic 
# 
loop_
_database_2.database_id 
_database_2.database_code 
_database_2.pdbx_database_accession 
_database_2.pdbx_DOI 
PDB   1I7J         pdb_00001i7j 10.2210/pdb1i7j/pdb 
NDB   AR0031       ?            ?                   
RCSB  RCSB013002   ?            ?                   
WWPDB D_1000013002 ?            ?                   
# 
_pdbx_database_related.db_name        PDB 
_pdbx_database_related.db_id          310D 
_pdbx_database_related.details        
;310D contains the same 2'-O-methylated RNA, at room temperature 
and higher hydration state.
;
_pdbx_database_related.content_type   unspecified 
# 
_pdbx_database_status.status_code                     REL 
_pdbx_database_status.entry_id                        1I7J 
_pdbx_database_status.recvd_initial_deposition_date   2001-03-09 
_pdbx_database_status.deposit_site                    RCSB 
_pdbx_database_status.process_site                    RCSB 
_pdbx_database_status.status_code_sf                  REL 
_pdbx_database_status.SG_entry                        . 
_pdbx_database_status.status_code_mr                  ? 
_pdbx_database_status.pdb_format_compatible           Y 
_pdbx_database_status.status_code_cs                  ? 
_pdbx_database_status.status_code_nmr_data            ? 
_pdbx_database_status.methods_development_category    ? 
# 
loop_
_audit_author.name 
_audit_author.pdbx_ordinal 
'Adamiak, D.A.'    1 
'Rypniewski, W.R.' 2 
'Milecki, J.'      3 
'Adamiak, R.W.'    4 
# 
loop_
_citation.id 
_citation.title 
_citation.journal_abbrev 
_citation.journal_volume 
_citation.page_first 
_citation.page_last 
_citation.year 
_citation.journal_id_ASTM 
_citation.country 
_citation.journal_id_ISSN 
_citation.journal_id_CSD 
_citation.book_publisher 
_citation.pdbx_database_id_PubMed 
_citation.pdbx_database_id_DOI 
primary 
;The 1.19 A X-ray structure of 2'-O-Me(CGCGCG)(2) duplex shows dehydrated RNA with 2-methyl-2,4-pentanediol in the minor groove.
;
'Nucleic Acids Res.' 29 4144 4153 2001 NARHAD UK 0305-1048 0389 ? 11600703 10.1093/nar/29.20.4144 
1       
;CRYSTAL STRUCTURE OF 2'-O-ME(CGCGCG)2: AN RNA DUPLEX AT 1.3 A RESOLUTION. HYDRATION PATTERN OF 2'-O-METHYLATED RNA
;
'Nucleic Acids Res.' 25 4599 4607 1997 NARHAD UK 0305-1048 0389 ? ?        10.1093/nar/25.22.4599 
# 
loop_
_citation_author.citation_id 
_citation_author.name 
_citation_author.ordinal 
_citation_author.identifier_ORCID 
primary 'Adamiak, D.A.'    1  ? 
primary 'Rypniewski, W.R.' 2  ? 
primary 'Milecki, J.'      3  ? 
primary 'Adamiak, R.W.'    4  ? 
1       'Adamiak, D.A.'    5  ? 
1       'Milecki, J.'      6  ? 
1       'Popenda, W.'      7  ? 
1       'Adamiak, R.W.'    8  ? 
1       'Dauter, A.'       9  ? 
1       'Rypniewski, W.R.' 10 ? 
# 
_cell.entry_id           1I7J 
_cell.length_a           24.805 
_cell.length_b           24.805 
_cell.length_c           77.372 
_cell.angle_alpha        90.00 
_cell.angle_beta         90.00 
_cell.angle_gamma        120.00 
_cell.Z_PDB              12 
_cell.pdbx_unique_axis   ? 
_cell.length_a_esd       ? 
_cell.length_b_esd       ? 
_cell.length_c_esd       ? 
_cell.angle_alpha_esd    ? 
_cell.angle_beta_esd     ? 
_cell.angle_gamma_esd    ? 
# 
_symmetry.entry_id                         1I7J 
_symmetry.space_group_name_H-M             'P 32 1 2' 
_symmetry.pdbx_full_space_group_name_H-M   ? 
_symmetry.cell_setting                     ? 
_symmetry.Int_Tables_number                153 
_symmetry.space_group_name_Hall            ? 
# 
loop_
_entity.id 
_entity.type 
_entity.src_method 
_entity.pdbx_description 
_entity.formula_weight 
_entity.pdbx_number_of_molecules 
_entity.pdbx_ec 
_entity.pdbx_mutation 
_entity.pdbx_fragment 
_entity.details 
1 polymer     syn "5'-R(*(OMC)P*(OMG)P*(OMC)P*(OMG)P*(OMC)P*(OMG))-3'" 1990.361 2  ? ? ? ? 
2 non-polymer syn 'MAGNESIUM ION'                                      24.305   5  ? ? ? ? 
3 non-polymer syn '(4S)-2-METHYL-2,4-PENTANEDIOL'                      118.174  2  ? ? ? ? 
4 water       nat water                                                18.015   65 ? ? ? ? 
# 
_entity_poly.entity_id                      1 
_entity_poly.type                           polyribonucleotide 
_entity_poly.nstd_linkage                   no 
_entity_poly.nstd_monomer                   yes 
_entity_poly.pdbx_seq_one_letter_code       '(OMC)(OMG)(OMC)(OMG)(OMC)(OMG)' 
_entity_poly.pdbx_seq_one_letter_code_can   CGCGCG 
_entity_poly.pdbx_strand_id                 A,B 
_entity_poly.pdbx_target_identifier         ? 
# 
loop_
_entity_poly_seq.entity_id 
_entity_poly_seq.num 
_entity_poly_seq.mon_id 
_entity_poly_seq.hetero 
1 1 OMC n 
1 2 OMG n 
1 3 OMC n 
1 4 OMG n 
1 5 OMC n 
1 6 OMG n 
# 
_struct_ref.id                         1 
_struct_ref.entity_id                  1 
_struct_ref.db_name                    PDB 
_struct_ref.db_code                    1I7J 
_struct_ref.pdbx_db_accession          1I7J 
_struct_ref.pdbx_align_begin           ? 
_struct_ref.pdbx_seq_one_letter_code   ? 
_struct_ref.pdbx_db_isoform            ? 
# 
loop_
_struct_ref_seq.align_id 
_struct_ref_seq.ref_id 
_struct_ref_seq.pdbx_PDB_id_code 
_struct_ref_seq.pdbx_strand_id 
_struct_ref_seq.seq_align_beg 
_struct_ref_seq.pdbx_seq_align_beg_ins_code 
_struct_ref_seq.seq_align_end 
_struct_ref_seq.pdbx_seq_align_end_ins_code 
_struct_ref_seq.pdbx_db_accession 
_struct_ref_seq.db_align_beg 
_struct_ref_seq.pdbx_db_align_beg_ins_code 
_struct_ref_seq.db_align_end 
_struct_ref_seq.pdbx_db_align_end_ins_code 
_struct_ref_seq.pdbx_auth_seq_align_beg 
_struct_ref_seq.pdbx_auth_seq_align_end 
1 1 1I7J A 1 ? 6 ? 1I7J 1 ? 6 ? 1 6 
2 1 1I7J B 1 ? 6 ? 1I7J 1 ? 6 ? 1 6 
# 
loop_
_chem_comp.id 
_chem_comp.type 
_chem_comp.mon_nstd_flag 
_chem_comp.name 
_chem_comp.pdbx_synonyms 
_chem_comp.formula 
_chem_comp.formula_weight 
HOH non-polymer   . WATER                                  ? 'H2 O'            18.015  
MG  non-polymer   . 'MAGNESIUM ION'                        ? 'Mg 2'            24.305  
MPD non-polymer   . '(4S)-2-METHYL-2,4-PENTANEDIOL'        ? 'C6 H14 O2'       118.174 
OMC 'RNA linking' n "O2'-METHYLYCYTIDINE-5'-MONOPHOSPHATE" ? 'C10 H16 N3 O8 P' 337.223 
OMG 'RNA linking' n "O2'-METHYLGUANOSINE-5'-MONOPHOSPHATE" ? 'C11 H16 N5 O8 P' 377.247 
# 
_exptl.entry_id          1I7J 
_exptl.method            'X-RAY DIFFRACTION' 
_exptl.crystals_number   1 
# 
_exptl_crystal.id                    1 
_exptl_crystal.density_meas          ? 
_exptl_crystal.density_Matthews      1.73 
_exptl_crystal.density_percent_sol   38 
_exptl_crystal.description           ? 
_exptl_crystal.F_000                 ? 
_exptl_crystal.preparation           ? 
# 
_exptl_crystal_grow.crystal_id      1 
_exptl_crystal_grow.method          'VAPOR DIFFUSION, HANGING DROP' 
_exptl_crystal_grow.temp            293 
_exptl_crystal_grow.temp_details    ? 
_exptl_crystal_grow.pH              7.5 
_exptl_crystal_grow.pdbx_details    
;15 mM MgCl2, 1 mM spermine tetrahydrochloride and 30-40% 2-methyl-2,4-pentanediol, pH 7.5, VAPOR DIFFUSION, HANGING DROP, temperature 293K
;
_exptl_crystal_grow.pdbx_pH_range   ? 
# 
loop_
_exptl_crystal_grow_comp.crystal_id 
_exptl_crystal_grow_comp.id 
_exptl_crystal_grow_comp.sol_id 
_exptl_crystal_grow_comp.name 
_exptl_crystal_grow_comp.volume 
_exptl_crystal_grow_comp.conc 
_exptl_crystal_grow_comp.details 
1 1 1 MgCl2                         ? ? ? 
1 2 1 'spermine tetrahydrochloride' ? ? ? 
1 3 1 MPD                           ? ? ? 
1 4 2 MPD                           ? ? ? 
# 
_diffrn.id                     1 
_diffrn.ambient_temp           100 
_diffrn.ambient_temp_details   ? 
_diffrn.crystal_id             1 
# 
_diffrn_detector.diffrn_id              1 
_diffrn_detector.detector               'IMAGE PLATE' 
_diffrn_detector.type                   MARRESEARCH 
_diffrn_detector.pdbx_collection_date   1996-10-03 
_diffrn_detector.details                ? 
# 
_diffrn_radiation.diffrn_id                        1 
_diffrn_radiation.wavelength_id                    1 
_diffrn_radiation.pdbx_monochromatic_or_laue_m_l   M 
_diffrn_radiation.monochromator                    Si 
_diffrn_radiation.pdbx_diffrn_protocol             'SINGLE WAVELENGTH' 
_diffrn_radiation.pdbx_scattering_type             x-ray 
# 
_diffrn_radiation_wavelength.id           1 
_diffrn_radiation_wavelength.wavelength   0.900 
_diffrn_radiation_wavelength.wt           1.0 
# 
_diffrn_source.diffrn_id                   1 
_diffrn_source.source                      SYNCHROTRON 
_diffrn_source.type                        'EMBL/DESY, HAMBURG BEAMLINE BW7A' 
_diffrn_source.pdbx_synchrotron_site       'EMBL/DESY, HAMBURG' 
_diffrn_source.pdbx_synchrotron_beamline   BW7A 
_diffrn_source.pdbx_wavelength             ? 
_diffrn_source.pdbx_wavelength_list        0.900 
# 
_reflns.entry_id                     1I7J 
_reflns.observed_criterion_sigma_I   0 
_reflns.observed_criterion_sigma_F   0 
_reflns.d_resolution_low             20 
_reflns.d_resolution_high            1.19 
_reflns.number_obs                   8715 
_reflns.number_all                   ? 
_reflns.percent_possible_obs         95.8 
_reflns.pdbx_Rmerge_I_obs            0.049 
_reflns.pdbx_Rsym_value              ? 
_reflns.pdbx_netI_over_sigmaI        23 
_reflns.B_iso_Wilson_estimate        13 
_reflns.pdbx_redundancy              17 
_reflns.R_free_details               ? 
_reflns.pdbx_chi_squared             ? 
_reflns.pdbx_scaling_rejects         ? 
_reflns.pdbx_diffrn_id               1 
_reflns.pdbx_ordinal                 1 
# 
_reflns_shell.d_res_high             1.19 
_reflns_shell.d_res_low              1.21 
_reflns_shell.percent_possible_all   94 
_reflns_shell.Rmerge_I_obs           0.46 
_reflns_shell.pdbx_Rsym_value        ? 
_reflns_shell.meanI_over_sigI_obs    2.1 
_reflns_shell.pdbx_redundancy        2.8 
_reflns_shell.percent_possible_obs   ? 
_reflns_shell.number_unique_all      415 
_reflns_shell.number_measured_all    ? 
_reflns_shell.number_measured_obs    ? 
_reflns_shell.number_unique_obs      ? 
_reflns_shell.pdbx_chi_squared       ? 
_reflns_shell.pdbx_diffrn_id         ? 
_reflns_shell.pdbx_ordinal           1 
# 
_refine.entry_id                                 1I7J 
_refine.ls_number_reflns_obs                     8715 
_refine.ls_number_reflns_all                     8715 
_refine.pdbx_ls_sigma_I                          0 
_refine.pdbx_ls_sigma_F                          0 
_refine.pdbx_data_cutoff_high_absF               ? 
_refine.pdbx_data_cutoff_low_absF                ? 
_refine.ls_d_res_low                             20 
_refine.ls_d_res_high                            1.19 
_refine.ls_percent_reflns_obs                    95.8 
_refine.ls_R_factor_obs                          0.155 
_refine.ls_R_factor_all                          0.155 
_refine.ls_R_factor_R_work                       0.155 
_refine.ls_R_factor_R_free                       ? 
_refine.ls_R_factor_R_free_error                 ? 
_refine.ls_R_factor_R_free_error_details         ? 
_refine.ls_percent_reflns_R_free                 ? 
_refine.ls_number_reflns_R_free                  ? 
_refine.ls_number_parameters                     ? 
_refine.ls_number_restraints                     ? 
_refine.occupancy_min                            ? 
_refine.occupancy_max                            ? 
_refine.B_iso_mean                               ? 
_refine.aniso_B[1][1]                            ? 
_refine.aniso_B[2][2]                            ? 
_refine.aniso_B[3][3]                            ? 
_refine.aniso_B[1][2]                            ? 
_refine.aniso_B[1][3]                            ? 
_refine.aniso_B[2][3]                            ? 
_refine.solvent_model_details                    ? 
_refine.solvent_model_param_ksol                 ? 
_refine.solvent_model_param_bsol                 ? 
_refine.pdbx_ls_cross_valid_method               ? 
_refine.details                                  ? 
_refine.pdbx_starting_model                      'PDB 310D' 
_refine.pdbx_method_to_determine_struct          'MOLECULAR REPLACEMENT' 
_refine.pdbx_isotropic_thermal_model             ? 
_refine.pdbx_stereochemistry_target_values       CCP4 
_refine.pdbx_stereochem_target_val_spec_case     ? 
_refine.pdbx_R_Free_selection_details            ? 
_refine.pdbx_overall_ESU_R_Free                  ? 
_refine.overall_SU_B                             ? 
_refine.ls_redundancy_reflns_obs                 ? 
_refine.correlation_coeff_Fo_to_Fc               ? 
_refine.correlation_coeff_Fo_to_Fc_free          ? 
_refine.overall_SU_R_Cruickshank_DPI             ? 
_refine.overall_SU_R_free                        ? 
_refine.overall_SU_ML                            ? 
_refine.pdbx_overall_ESU_R                       ? 
_refine.pdbx_data_cutoff_high_rms_absF           ? 
_refine.pdbx_refine_id                           'X-RAY DIFFRACTION' 
_refine.pdbx_overall_phase_error                 ? 
_refine.pdbx_solvent_vdw_probe_radii             ? 
_refine.pdbx_solvent_ion_probe_radii             ? 
_refine.pdbx_solvent_shrinkage_radii             ? 
_refine.ls_wR_factor_R_free                      ? 
_refine.ls_wR_factor_R_work                      ? 
_refine.overall_FOM_free_R_set                   ? 
_refine.overall_FOM_work_R_set                   ? 
_refine.pdbx_diffrn_id                           1 
_refine.pdbx_TLS_residual_ADP_flag               ? 
_refine.pdbx_overall_SU_R_free_Cruickshank_DPI   ? 
_refine.pdbx_overall_SU_R_Blow_DPI               ? 
_refine.pdbx_overall_SU_R_free_Blow_DPI          ? 
# 
_refine_hist.pdbx_refine_id                   'X-RAY DIFFRACTION' 
_refine_hist.cycle_id                         LAST 
_refine_hist.pdbx_number_atoms_protein        0 
_refine_hist.pdbx_number_atoms_nucleic_acid   376 
_refine_hist.pdbx_number_atoms_ligand         53 
_refine_hist.number_atoms_solvent             81 
_refine_hist.number_atoms_total               510 
_refine_hist.d_res_high                       1.19 
_refine_hist.d_res_low                        20 
# 
loop_
_refine_ls_restr.type 
_refine_ls_restr.dev_ideal 
_refine_ls_restr.dev_ideal_target 
_refine_ls_restr.weight 
_refine_ls_restr.number 
_refine_ls_restr.pdbx_refine_id 
_refine_ls_restr.pdbx_restraint_function 
s_approx_iso_adps   0.068 ? ? ? 'X-RAY DIFFRACTION' ? 
s_bond_d            0.014 ? ? ? 'X-RAY DIFFRACTION' ? 
s_from_restr_planes 0.047 ? ? ? 'X-RAY DIFFRACTION' ? 
# 
_refine_ls_shell.pdbx_total_number_of_bins_used   ? 
_refine_ls_shell.d_res_high                       1.19 
_refine_ls_shell.d_res_low                        1.21 
_refine_ls_shell.number_reflns_R_work             ? 
_refine_ls_shell.R_factor_R_work                  0.155 
_refine_ls_shell.percent_reflns_obs               95.8 
_refine_ls_shell.R_factor_R_free                  ? 
_refine_ls_shell.R_factor_R_free_error            ? 
_refine_ls_shell.percent_reflns_R_free            ? 
_refine_ls_shell.number_reflns_R_free             ? 
_refine_ls_shell.redundancy_reflns_obs            ? 
_refine_ls_shell.pdbx_refine_id                   'X-RAY DIFFRACTION' 
_refine_ls_shell.number_reflns_all                ? 
_refine_ls_shell.number_reflns_obs                ? 
_refine_ls_shell.R_factor_all                     ? 
# 
_pdbx_refine.entry_id                                    1I7J 
_pdbx_refine.R_factor_all_no_cutoff                      ? 
_pdbx_refine.R_factor_obs_no_cutoff                      ? 
_pdbx_refine.free_R_factor_no_cutoff                     ? 
_pdbx_refine.free_R_val_test_set_size_perc_no_cutoff     ? 
_pdbx_refine.free_R_val_test_set_ct_no_cutoff            ? 
_pdbx_refine.R_factor_all_4sig_cutoff                    0.1415 
_pdbx_refine.R_factor_obs_4sig_cutoff                    ? 
_pdbx_refine.free_R_factor_4sig_cutoff                   ? 
_pdbx_refine.free_R_val_test_set_size_perc_4sig_cutoff   ? 
_pdbx_refine.free_R_val_test_set_ct_4sig_cutoff          8667 
_pdbx_refine.number_reflns_obs_4sig_cutoff               ? 
_pdbx_refine.number_reflns_obs_no_cutoff                 ? 
_pdbx_refine.pdbx_refine_id                              'X-RAY DIFFRACTION' 
_pdbx_refine.free_R_error_no_cutoff                      ? 
# 
_struct.entry_id                  1I7J 
_struct.title                     
;CRYSTAL STRUCTURE OF 2'-O-ME(CGCGCG)2: AN RNA DUPLEX AT 1.19 A RESOLUTION. 2-METHYL-2,4-PENTANEDIOL AND MAGNESIUM BINDING.
;
_struct.pdbx_model_details        ? 
_struct.pdbx_CASP_flag            ? 
_struct.pdbx_model_type_details   ? 
# 
_struct_keywords.entry_id        1I7J 
_struct_keywords.pdbx_keywords   RNA 
_struct_keywords.text            
;2'-O-MeRNA duplex, 2-methyl-2, 4-pentanediol, magnesium, groove hydration and binding, RNA
;
# 
loop_
_struct_asym.id 
_struct_asym.pdbx_blank_PDB_chainid_flag 
_struct_asym.pdbx_modified 
_struct_asym.entity_id 
_struct_asym.details 
A N N 1 ? 
B N N 1 ? 
C N N 2 ? 
D N N 2 ? 
E N N 2 ? 
F N N 3 ? 
G N N 2 ? 
H N N 2 ? 
I N N 3 ? 
J N N 4 ? 
K N N 4 ? 
# 
_struct_biol.id                    1 
_struct_biol.pdbx_parent_biol_id   ? 
_struct_biol.details               ? 
# 
loop_
_struct_conn.id 
_struct_conn.conn_type_id 
_struct_conn.pdbx_leaving_atom_flag 
_struct_conn.pdbx_PDB_id 
_struct_conn.ptnr1_label_asym_id 
_struct_conn.ptnr1_label_comp_id 
_struct_conn.ptnr1_label_seq_id 
_struct_conn.ptnr1_label_atom_id 
_struct_conn.pdbx_ptnr1_label_alt_id 
_struct_conn.pdbx_ptnr1_PDB_ins_code 
_struct_conn.pdbx_ptnr1_standard_comp_id 
_struct_conn.ptnr1_symmetry 
_struct_conn.ptnr2_label_asym_id 
_struct_conn.ptnr2_label_comp_id 
_struct_conn.ptnr2_label_seq_id 
_struct_conn.ptnr2_label_atom_id 
_struct_conn.pdbx_ptnr2_label_alt_id 
_struct_conn.pdbx_ptnr2_PDB_ins_code 
_struct_conn.ptnr1_auth_asym_id 
_struct_conn.ptnr1_auth_comp_id 
_struct_conn.ptnr1_auth_seq_id 
_struct_conn.ptnr2_auth_asym_id 
_struct_conn.ptnr2_auth_comp_id 
_struct_conn.ptnr2_auth_seq_id 
_struct_conn.ptnr2_symmetry 
_struct_conn.pdbx_ptnr3_label_atom_id 
_struct_conn.pdbx_ptnr3_label_seq_id 
_struct_conn.pdbx_ptnr3_label_comp_id 
_struct_conn.pdbx_ptnr3_label_asym_id 
_struct_conn.pdbx_ptnr3_label_alt_id 
_struct_conn.pdbx_ptnr3_PDB_ins_code 
_struct_conn.details 
_struct_conn.pdbx_dist_value 
_struct_conn.pdbx_value_order 
_struct_conn.pdbx_role 
covale1  covale both ? A OMC 1 "O3'" ? ? ? 1_555 A OMG 2 P  ? ? A OMC 1   A OMG 2   1_555 ? ? ? ? ? ? ?            1.611 ? ? 
covale2  covale both ? A OMG 2 "O3'" ? ? ? 1_555 A OMC 3 P  ? ? A OMG 2   A OMC 3   1_555 ? ? ? ? ? ? ?            1.607 ? ? 
covale3  covale both ? A OMC 3 "O3'" ? ? ? 1_555 A OMG 4 P  ? ? A OMC 3   A OMG 4   1_555 ? ? ? ? ? ? ?            1.603 ? ? 
covale4  covale both ? A OMG 4 "O3'" ? ? ? 1_555 A OMC 5 P  ? ? A OMG 4   A OMC 5   1_555 ? ? ? ? ? ? ?            1.624 ? ? 
covale5  covale both ? A OMC 5 "O3'" ? ? ? 1_555 A OMG 6 P  ? ? A OMC 5   A OMG 6   1_555 ? ? ? ? ? ? ?            1.595 ? ? 
covale6  covale both ? B OMC 1 "O3'" ? ? ? 1_555 B OMG 2 P  ? ? B OMC 1   B OMG 2   1_555 ? ? ? ? ? ? ?            1.592 ? ? 
covale7  covale both ? B OMG 2 "O3'" ? ? ? 1_555 B OMC 3 P  ? ? B OMG 2   B OMC 3   1_555 ? ? ? ? ? ? ?            1.588 ? ? 
covale8  covale both ? B OMC 3 "O3'" ? ? ? 1_555 B OMG 4 P  ? ? B OMC 3   B OMG 4   1_555 ? ? ? ? ? ? ?            1.608 ? ? 
covale9  covale both ? B OMG 4 "O3'" ? ? ? 1_555 B OMC 5 P  ? ? B OMG 4   B OMC 5   1_555 ? ? ? ? ? ? ?            1.616 ? ? 
covale10 covale both ? B OMC 5 "O3'" ? ? ? 1_555 B OMG 6 P  ? ? B OMC 5   B OMG 6   1_555 ? ? ? ? ? ? ?            1.611 ? ? 
metalc1  metalc ?    ? A OMG 2 OP1   ? ? ? 1_555 C MG  . MG ? ? A OMG 2   A MG  101 1_555 ? ? ? ? ? ? ?            2.065 ? ? 
metalc2  metalc ?    ? A OMC 5 OP1   ? ? ? 1_555 D MG  . MG ? ? A OMC 5   A MG  103 1_555 ? ? ? ? ? ? ?            1.947 ? ? 
metalc3  metalc ?    ? C MG  . MG    ? ? ? 1_555 J HOH . O  ? ? A MG  101 A HOH 224 1_555 ? ? ? ? ? ? ?            1.915 ? ? 
metalc4  metalc ?    ? C MG  . MG    ? ? ? 1_555 J HOH . O  ? ? A MG  101 A HOH 226 1_555 ? ? ? ? ? ? ?            2.190 ? ? 
metalc5  metalc ?    ? C MG  . MG    ? ? ? 1_555 J HOH . O  ? ? A MG  101 A HOH 228 1_555 ? ? ? ? ? ? ?            1.895 ? ? 
metalc6  metalc ?    ? D MG  . MG    ? ? ? 1_555 J HOH . O  ? ? A MG  103 A HOH 219 1_555 ? ? ? ? ? ? ?            2.080 ? ? 
metalc7  metalc ?    ? D MG  . MG    ? ? ? 1_555 J HOH . O  ? ? A MG  103 A HOH 221 1_555 ? ? ? ? ? ? ?            2.448 ? ? 
metalc8  metalc ?    ? D MG  . MG    ? ? ? 1_555 K HOH . O  ? ? A MG  103 B HOH 217 6_665 ? ? ? ? ? ? ?            2.159 ? ? 
metalc9  metalc ?    ? D MG  . MG    ? ? ? 1_555 K HOH . O  ? ? A MG  103 B HOH 223 6_665 ? ? ? ? ? ? ?            1.982 ? ? 
metalc10 metalc ?    ? D MG  . MG    ? ? ? 1_555 K HOH . O  ? ? A MG  103 B HOH 224 6_665 ? ? ? ? ? ? ?            1.909 ? ? 
metalc11 metalc ?    ? E MG  . MG    ? ? ? 1_555 J HOH . O  ? ? A MG  104 A HOH 208 1_555 ? ? ? ? ? ? ?            2.110 ? ? 
metalc12 metalc ?    ? E MG  . MG    ? ? ? 1_555 J HOH . O  ? ? A MG  104 A HOH 212 1_555 ? ? ? ? ? ? ?            1.893 ? ? 
metalc13 metalc ?    ? E MG  . MG    ? ? ? 1_555 J HOH . O  ? ? A MG  104 A HOH 218 1_555 ? ? ? ? ? ? ?            2.367 ? ? 
metalc14 metalc ?    ? E MG  . MG    ? ? ? 1_555 J HOH . O  ? ? A MG  104 A HOH 222 1_555 ? ? ? ? ? ? ?            1.906 ? ? 
metalc15 metalc ?    ? B OMG 2 OP1   ? ? ? 1_555 G MG  . MG ? ? B OMG 2   B MG  102 1_555 ? ? ? ? ? ? ?            2.022 ? ? 
metalc16 metalc ?    ? G MG  . MG    ? ? ? 1_555 K HOH . O  ? ? B MG  102 B HOH 219 1_555 ? ? ? ? ? ? ?            2.248 ? ? 
metalc17 metalc ?    ? G MG  . MG    ? ? ? 1_555 K HOH . O  ? ? B MG  102 B HOH 221 1_555 ? ? ? ? ? ? ?            2.004 ? ? 
metalc18 metalc ?    ? G MG  . MG    ? ? ? 1_555 K HOH . O  ? ? B MG  102 B HOH 222 1_555 ? ? ? ? ? ? ?            2.206 ? ? 
metalc19 metalc ?    ? G MG  . MG    ? ? ? 1_555 K HOH . O  ? ? B MG  102 B HOH 227 1_555 ? ? ? ? ? ? ?            2.019 ? ? 
metalc20 metalc ?    ? G MG  . MG    ? ? ? 1_555 K HOH . O  ? ? B MG  102 B HOH 232 1_555 ? ? ? ? ? ? ?            2.052 ? ? 
metalc21 metalc ?    ? H MG  . MG    ? ? ? 1_555 K HOH . O  ? ? B MG  105 B HOH 206 1_555 ? ? ? ? ? ? ?            2.089 ? ? 
metalc22 metalc ?    ? H MG  . MG    ? ? ? 1_555 K HOH . O  ? ? B MG  105 B HOH 207 1_555 ? ? ? ? ? ? ?            2.014 ? ? 
metalc23 metalc ?    ? H MG  . MG    ? ? ? 1_555 K HOH . O  ? ? B MG  105 B HOH 226 1_555 ? ? ? ? ? ? ?            1.752 ? ? 
metalc24 metalc ?    ? H MG  . MG    ? ? ? 1_555 K HOH . O  ? ? B MG  105 B HOH 231 1_555 ? ? ? ? ? ? ?            1.976 ? ? 
hydrog1  hydrog ?    ? A OMC 1 N3    ? ? ? 1_555 B OMG 6 N1 ? ? A OMC 1   B OMG 6   1_555 ? ? ? ? ? ? WATSON-CRICK ?     ? ? 
hydrog2  hydrog ?    ? A OMC 1 N4    ? ? ? 1_555 B OMG 6 O6 ? ? A OMC 1   B OMG 6   1_555 ? ? ? ? ? ? WATSON-CRICK ?     ? ? 
hydrog3  hydrog ?    ? A OMC 1 O2    ? ? ? 1_555 B OMG 6 N2 ? ? A OMC 1   B OMG 6   1_555 ? ? ? ? ? ? WATSON-CRICK ?     ? ? 
hydrog4  hydrog ?    ? A OMG 2 N1    ? ? ? 1_555 B OMC 5 N3 ? ? A OMG 2   B OMC 5   1_555 ? ? ? ? ? ? WATSON-CRICK ?     ? ? 
hydrog5  hydrog ?    ? A OMG 2 N2    ? ? ? 1_555 B OMC 5 O2 ? ? A OMG 2   B OMC 5   1_555 ? ? ? ? ? ? WATSON-CRICK ?     ? ? 
hydrog6  hydrog ?    ? A OMG 2 O6    ? ? ? 1_555 B OMC 5 N4 ? ? A OMG 2   B OMC 5   1_555 ? ? ? ? ? ? WATSON-CRICK ?     ? ? 
hydrog7  hydrog ?    ? A OMC 3 N3    ? ? ? 1_555 B OMG 4 N1 ? ? A OMC 3   B OMG 4   1_555 ? ? ? ? ? ? WATSON-CRICK ?     ? ? 
hydrog8  hydrog ?    ? A OMC 3 N4    ? ? ? 1_555 B OMG 4 O6 ? ? A OMC 3   B OMG 4   1_555 ? ? ? ? ? ? WATSON-CRICK ?     ? ? 
hydrog9  hydrog ?    ? A OMC 3 O2    ? ? ? 1_555 B OMG 4 N2 ? ? A OMC 3   B OMG 4   1_555 ? ? ? ? ? ? WATSON-CRICK ?     ? ? 
hydrog10 hydrog ?    ? A OMG 4 N1    ? ? ? 1_555 B OMC 3 N3 ? ? A OMG 4   B OMC 3   1_555 ? ? ? ? ? ? WATSON-CRICK ?     ? ? 
hydrog11 hydrog ?    ? A OMG 4 N2    ? ? ? 1_555 B OMC 3 O2 ? ? A OMG 4   B OMC 3   1_555 ? ? ? ? ? ? WATSON-CRICK ?     ? ? 
hydrog12 hydrog ?    ? A OMG 4 O6    ? ? ? 1_555 B OMC 3 N4 ? ? A OMG 4   B OMC 3   1_555 ? ? ? ? ? ? WATSON-CRICK ?     ? ? 
hydrog13 hydrog ?    ? A OMC 5 N3    ? ? ? 1_555 B OMG 2 N1 ? ? A OMC 5   B OMG 2   1_555 ? ? ? ? ? ? WATSON-CRICK ?     ? ? 
hydrog14 hydrog ?    ? A OMC 5 N4    ? ? ? 1_555 B OMG 2 O6 ? ? A OMC 5   B OMG 2   1_555 ? ? ? ? ? ? WATSON-CRICK ?     ? ? 
hydrog15 hydrog ?    ? A OMC 5 O2    ? ? ? 1_555 B OMG 2 N2 ? ? A OMC 5   B OMG 2   1_555 ? ? ? ? ? ? WATSON-CRICK ?     ? ? 
hydrog16 hydrog ?    ? A OMG 6 N1    ? ? ? 1_555 B OMC 1 N3 ? ? A OMG 6   B OMC 1   1_555 ? ? ? ? ? ? WATSON-CRICK ?     ? ? 
hydrog17 hydrog ?    ? A OMG 6 N2    ? ? ? 1_555 B OMC 1 O2 ? ? A OMG 6   B OMC 1   1_555 ? ? ? ? ? ? WATSON-CRICK ?     ? ? 
hydrog18 hydrog ?    ? A OMG 6 O6    ? ? ? 1_555 B OMC 1 N4 ? ? A OMG 6   B OMC 1   1_555 ? ? ? ? ? ? WATSON-CRICK ?     ? ? 
# 
loop_
_struct_conn_type.id 
_struct_conn_type.criteria 
_struct_conn_type.reference 
covale ? ? 
metalc ? ? 
hydrog ? ? 
# 
loop_
_struct_site.id 
_struct_site.pdbx_evidence_code 
_struct_site.pdbx_auth_asym_id 
_struct_site.pdbx_auth_comp_id 
_struct_site.pdbx_auth_seq_id 
_struct_site.pdbx_auth_ins_code 
_struct_site.pdbx_num_residues 
_struct_site.details 
AC1 Software A MG  101 ? 6 'BINDING SITE FOR RESIDUE MG A 101'  
AC2 Software B MG  102 ? 6 'BINDING SITE FOR RESIDUE MG B 102'  
AC3 Software A MG  103 ? 7 'BINDING SITE FOR RESIDUE MG A 103'  
AC4 Software A MG  104 ? 4 'BINDING SITE FOR RESIDUE MG A 104'  
AC5 Software B MG  105 ? 4 'BINDING SITE FOR RESIDUE MG B 105'  
AC6 Software A MPD 201 ? 5 'BINDING SITE FOR RESIDUE MPD A 201' 
AC7 Software B MPD 202 ? 6 'BINDING SITE FOR RESIDUE MPD B 202' 
# 
loop_
_struct_site_gen.id 
_struct_site_gen.site_id 
_struct_site_gen.pdbx_num_res 
_struct_site_gen.label_comp_id 
_struct_site_gen.label_asym_id 
_struct_site_gen.label_seq_id 
_struct_site_gen.pdbx_auth_ins_code 
_struct_site_gen.auth_comp_id 
_struct_site_gen.auth_asym_id 
_struct_site_gen.auth_seq_id 
_struct_site_gen.label_atom_id 
_struct_site_gen.label_alt_id 
_struct_site_gen.symmetry 
_struct_site_gen.details 
1  AC1 6 OMG A 2 ? OMG A 2   . ? 1_555 ? 
2  AC1 6 HOH J . ? HOH A 224 . ? 1_555 ? 
3  AC1 6 HOH J . ? HOH A 225 . ? 1_555 ? 
4  AC1 6 HOH J . ? HOH A 226 . ? 1_555 ? 
5  AC1 6 HOH J . ? HOH A 228 . ? 1_555 ? 
6  AC1 6 HOH J . ? HOH A 229 . ? 1_555 ? 
7  AC2 6 OMG B 2 ? OMG B 2   . ? 1_555 ? 
8  AC2 6 HOH K . ? HOH B 219 . ? 1_555 ? 
9  AC2 6 HOH K . ? HOH B 221 . ? 1_555 ? 
10 AC2 6 HOH K . ? HOH B 222 . ? 1_555 ? 
11 AC2 6 HOH K . ? HOH B 227 . ? 1_555 ? 
12 AC2 6 HOH K . ? HOH B 232 . ? 1_555 ? 
13 AC3 7 OMC A 5 ? OMC A 5   . ? 1_555 ? 
14 AC3 7 HOH J . ? HOH A 219 . ? 1_555 ? 
15 AC3 7 HOH J . ? HOH A 221 . ? 1_555 ? 
16 AC3 7 OMC B 5 ? OMC B 5   . ? 6_665 ? 
17 AC3 7 HOH K . ? HOH B 217 . ? 6_665 ? 
18 AC3 7 HOH K . ? HOH B 223 . ? 6_665 ? 
19 AC3 7 HOH K . ? HOH B 224 . ? 6_665 ? 
20 AC4 4 HOH J . ? HOH A 208 . ? 1_555 ? 
21 AC4 4 HOH J . ? HOH A 212 . ? 1_555 ? 
22 AC4 4 HOH J . ? HOH A 218 . ? 1_555 ? 
23 AC4 4 HOH J . ? HOH A 222 . ? 1_555 ? 
24 AC5 4 HOH K . ? HOH B 206 . ? 1_555 ? 
25 AC5 4 HOH K . ? HOH B 207 . ? 1_555 ? 
26 AC5 4 HOH K . ? HOH B 226 . ? 1_555 ? 
27 AC5 4 HOH K . ? HOH B 231 . ? 1_555 ? 
28 AC6 5 OMG A 2 ? OMG A 2   . ? 1_555 ? 
29 AC6 5 OMC A 3 ? OMC A 3   . ? 1_555 ? 
30 AC6 5 OMG A 4 ? OMG A 4   . ? 6_555 ? 
31 AC6 5 OMG A 6 ? OMG A 6   . ? 1_545 ? 
32 AC6 5 HOH J . ? HOH A 213 . ? 1_555 ? 
33 AC7 6 OMC A 5 ? OMC A 5   . ? 1_555 ? 
34 AC7 6 OMG A 6 ? OMG A 6   . ? 1_555 ? 
35 AC7 6 OMG B 2 ? OMG B 2   . ? 1_555 ? 
36 AC7 6 OMC B 3 ? OMC B 3   . ? 1_555 ? 
37 AC7 6 OMG B 6 ? OMG B 6   . ? 1_565 ? 
38 AC7 6 HOH K . ? HOH B 216 . ? 1_555 ? 
# 
_atom_sites.entry_id                    1I7J 
_atom_sites.fract_transf_matrix[1][1]   0.03915577 
_atom_sites.fract_transf_matrix[1][2]   0.02353878 
_atom_sites.fract_transf_matrix[1][3]   -0.00892985 
_atom_sites.fract_transf_matrix[2][1]   0.00328799 
_atom_sites.fract_transf_matrix[2][2]   0.04496251 
_atom_sites.fract_transf_matrix[2][3]   0.01159987 
_atom_sites.fract_transf_matrix[3][1]   0.00464583 
_atom_sites.fract_transf_matrix[3][2]   -0.00333042 
_atom_sites.fract_transf_matrix[3][3]   0.01159225 
_atom_sites.fract_transf_vector[1]      0.165681 
_atom_sites.fract_transf_vector[2]      0.330303 
_atom_sites.fract_transf_vector[3]      0.093559 
# 
loop_
_atom_type.symbol 
C  
H  
MG 
N  
O  
P  
# 
loop_
_atom_site.group_PDB 
_atom_site.id 
_atom_site.type_symbol 
_atom_site.label_atom_id 
_atom_site.label_alt_id 
_atom_site.label_comp_id 
_atom_site.label_asym_id 
_atom_site.label_entity_id 
_atom_site.label_seq_id 
_atom_site.pdbx_PDB_ins_code 
_atom_site.Cartn_x 
_atom_site.Cartn_y 
_atom_site.Cartn_z 
_atom_site.occupancy 
_atom_site.B_iso_or_equiv 
_atom_site.pdbx_formal_charge 
_atom_site.auth_seq_id 
_atom_site.auth_comp_id 
_atom_site.auth_asym_id 
_atom_site.auth_atom_id 
_atom_site.pdbx_PDB_model_num 
HETATM 1   N  N1     . OMC A 1 1 ? 4.791   -6.785  4.501  1.00 17.26 ? 1   OMC A N1     1 
HETATM 2   C  C2     . OMC A 1 1 ? 4.153   -7.290  3.374  1.00 16.89 ? 1   OMC A C2     1 
HETATM 3   N  N3     . OMC A 1 1 ? 2.870   -6.970  3.136  1.00 14.39 ? 1   OMC A N3     1 
HETATM 4   C  C4     . OMC A 1 1 ? 2.199   -6.143  3.995  1.00 15.96 ? 1   OMC A C4     1 
HETATM 5   C  C5     . OMC A 1 1 ? 2.861   -5.627  5.155  1.00 17.18 ? 1   OMC A C5     1 
HETATM 6   C  C6     . OMC A 1 1 ? 4.140   -5.963  5.368  1.00 17.65 ? 1   OMC A C6     1 
HETATM 7   O  O2     . OMC A 1 1 ? 4.741   -8.026  2.594  1.00 16.64 ? 1   OMC A O2     1 
HETATM 8   N  N4     . OMC A 1 1 ? 0.951   -5.842  3.748  1.00 16.94 ? 1   OMC A N4     1 
HETATM 9   C  "C1'"  . OMC A 1 1 ? 6.175   -7.180  4.820  1.00 20.00 ? 1   OMC A "C1'"  1 
HETATM 10  C  "C2'"  . OMC A 1 1 ? 7.098   -6.484  3.829  1.00 18.78 ? 1   OMC A "C2'"  1 
HETATM 11  O  "O2'"  . OMC A 1 1 ? 8.313   -7.231  3.905  1.00 20.20 ? 1   OMC A "O2'"  1 
HETATM 12  C  CM2    . OMC A 1 1 ? 8.314   -8.165  2.811  1.00 23.69 ? 1   OMC A CM2    1 
HETATM 13  C  "C3'"  . OMC A 1 1 ? 7.262   -5.286  4.780  1.00 19.26 ? 1   OMC A "C3'"  1 
HETATM 14  C  "C4'"  . OMC A 1 1 ? 7.406   -5.809  6.234  1.00 22.82 ? 1   OMC A "C4'"  1 
HETATM 15  O  "O4'"  . OMC A 1 1 ? 6.418   -6.880  6.189  1.00 20.40 ? 1   OMC A "O4'"  1 
HETATM 16  O  "O3'"  . OMC A 1 1 ? 8.477   -4.611  4.489  1.00 19.50 ? 1   OMC A "O3'"  1 
HETATM 17  C  "C5'"  . OMC A 1 1 ? 7.118   -5.012  7.483  1.00 26.84 ? 1   OMC A "C5'"  1 
HETATM 18  O  "O5'"  . OMC A 1 1 ? 6.038   -4.128  7.161  1.00 33.16 ? 1   OMC A "O5'"  1 
HETATM 19  H  H5     . OMC A 1 1 ? 2.412   -5.069  5.748  1.00 20.62 ? 1   OMC A H5     1 
HETATM 20  H  H6     . OMC A 1 1 ? 4.585   -5.632  6.114  1.00 21.18 ? 1   OMC A H6     1 
HETATM 21  H  HN41   . OMC A 1 1 ? 0.561   -6.164  3.051  1.00 20.33 ? 1   OMC A HN41   1 
HETATM 22  H  HN42   . OMC A 1 1 ? 0.520   -5.323  4.280  1.00 20.33 ? 1   OMC A HN42   1 
HETATM 23  H  "H1'"  . OMC A 1 1 ? 6.258   -8.149  4.695  1.00 24.00 ? 1   OMC A "H1'"  1 
HETATM 24  H  "H2'"  . OMC A 1 1 ? 6.740   -6.301  2.935  1.00 22.53 ? 1   OMC A "H2'"  1 
HETATM 25  H  HM21   . OMC A 1 1 ? 9.104   -8.708  2.855  1.00 35.54 ? 1   OMC A HM21   1 
HETATM 26  H  HM22   . OMC A 1 1 ? 8.302   -7.684  1.979  1.00 35.54 ? 1   OMC A HM22   1 
HETATM 27  H  HM23   . OMC A 1 1 ? 7.537   -8.726  2.866  1.00 35.54 ? 1   OMC A HM23   1 
HETATM 28  H  "H3'"  . OMC A 1 1 ? 6.499   -4.675  4.705  1.00 23.11 ? 1   OMC A "H3'"  1 
HETATM 29  H  "H4'"  . OMC A 1 1 ? 8.292   -6.215  6.328  1.00 27.39 ? 1   OMC A "H4'"  1 
HETATM 30  H  "H5'"  . OMC A 1 1 ? 6.867   -5.601  8.211  1.00 32.21 ? 1   OMC A "H5'"  1 
HETATM 31  H  "H5''" . OMC A 1 1 ? 7.902   -4.505  7.749  1.00 32.21 ? 1   OMC A "H5''" 1 
HETATM 32  H  "HO5'" . OMC A 1 1 ? 6.267   -3.628  6.552  1.00 49.74 ? 1   OMC A "HO5'" 1 
HETATM 33  P  P      . OMG A 1 2 ? 8.534   -3.251  3.627  1.00 20.04 ? 2   OMG A P      1 
HETATM 34  O  OP1    . OMG A 1 2 ? 9.881   -2.670  3.766  1.00 26.41 ? 2   OMG A OP1    1 
HETATM 35  O  OP2    . OMG A 1 2 ? 7.383   -2.392  4.003  1.00 21.03 ? 2   OMG A OP2    1 
HETATM 36  O  "O5'"  . OMG A 1 2 ? 8.290   -3.804  2.157  1.00 18.58 ? 2   OMG A "O5'"  1 
HETATM 37  C  "C5'"  . OMG A 1 2 ? 9.312   -4.581  1.527  1.00 20.16 ? 2   OMG A "C5'"  1 
HETATM 38  C  "C4'"  . OMG A 1 2 ? 8.708   -4.935  0.173  1.00 18.72 ? 2   OMG A "C4'"  1 
HETATM 39  O  "O4'"  . OMG A 1 2 ? 7.566   -5.834  0.265  1.00 19.53 ? 2   OMG A "O4'"  1 
HETATM 40  C  "C3'"  . OMG A 1 2 ? 8.123   -3.916  -0.842 1.00 16.30 ? 2   OMG A "C3'"  1 
HETATM 41  O  "O3'"  . OMG A 1 2 ? 9.191   -3.231  -1.476 1.00 19.65 ? 2   OMG A "O3'"  1 
HETATM 42  C  "C2'"  . OMG A 1 2 ? 7.124   -4.649  -1.722 1.00 16.12 ? 2   OMG A "C2'"  1 
HETATM 43  O  "O2'"  . OMG A 1 2 ? 7.969   -5.313  -2.638 1.00 21.34 ? 2   OMG A "O2'"  1 
HETATM 44  C  CM2    . OMG A 1 2 ? 7.217   -5.795  -3.731 1.00 20.18 ? 2   OMG A CM2    1 
HETATM 45  C  "C1'"  . OMG A 1 2 ? 6.567   -5.654  -0.740 1.00 17.50 ? 2   OMG A "C1'"  1 
HETATM 46  N  N9     . OMG A 1 2 ? 5.380   -5.068  -0.077 1.00 17.14 ? 2   OMG A N9     1 
HETATM 47  C  C8     . OMG A 1 2 ? 5.221   -4.669  1.227  1.00 17.73 ? 2   OMG A C8     1 
HETATM 48  N  N7     . OMG A 1 2 ? 3.973   -4.364  1.535  1.00 16.60 ? 2   OMG A N7     1 
HETATM 49  C  C5     . OMG A 1 2 ? 3.285   -4.593  0.343  1.00 14.62 ? 2   OMG A C5     1 
HETATM 50  C  C6     . OMG A 1 2 ? 1.909   -4.446  0.055  1.00 14.80 ? 2   OMG A C6     1 
HETATM 51  O  O6     . OMG A 1 2 ? 0.969   -4.086  0.766  1.00 15.63 ? 2   OMG A O6     1 
HETATM 52  N  N1     . OMG A 1 2 ? 1.635   -4.775  -1.285 1.00 14.47 ? 2   OMG A N1     1 
HETATM 53  C  C2     . OMG A 1 2 ? 2.560   -5.188  -2.218 1.00 15.95 ? 2   OMG A C2     1 
HETATM 54  N  N2     . OMG A 1 2 ? 2.067   -5.441  -3.439 1.00 16.31 ? 2   OMG A N2     1 
HETATM 55  N  N3     . OMG A 1 2 ? 3.861   -5.328  -1.941 1.00 15.15 ? 2   OMG A N3     1 
HETATM 56  C  C4     . OMG A 1 2 ? 4.127   -5.011  -0.640 1.00 15.10 ? 2   OMG A C4     1 
HETATM 57  H  "H5'"  . OMG A 1 2 ? 9.509   -5.380  2.041  1.00 24.20 ? 2   OMG A "H5'"  1 
HETATM 58  H  "H5''" . OMG A 1 2 ? 10.127  -4.066  1.421  1.00 24.20 ? 2   OMG A "H5''" 1 
HETATM 59  H  "H4'"  . OMG A 1 2 ? 9.402   -5.430  -0.311 1.00 22.47 ? 2   OMG A "H4'"  1 
HETATM 60  H  "H3'"  . OMG A 1 2 ? 7.620   -3.251  -0.326 1.00 19.56 ? 2   OMG A "H3'"  1 
HETATM 61  H  "H2'"  . OMG A 1 2 ? 6.449   -4.072  -2.137 1.00 19.35 ? 2   OMG A "H2'"  1 
HETATM 62  H  HM21   . OMG A 1 2 ? 7.808   -6.197  -4.374 1.00 30.27 ? 2   OMG A HM21   1 
HETATM 63  H  HM22   . OMG A 1 2 ? 6.746   -5.067  -4.141 1.00 30.27 ? 2   OMG A HM22   1 
HETATM 64  H  HM23   . OMG A 1 2 ? 6.589   -6.451  -3.422 1.00 30.27 ? 2   OMG A HM23   1 
HETATM 65  H  "H1'"  . OMG A 1 2 ? 6.349   -6.501  -1.183 1.00 21.00 ? 2   OMG A "H1'"  1 
HETATM 66  H  H8     . OMG A 1 2 ? 5.923   -4.620  1.834  1.00 21.27 ? 2   OMG A H8     1 
HETATM 67  H  HN1    . OMG A 1 2 ? 0.818   -4.713  -1.545 1.00 17.36 ? 2   OMG A HN1    1 
HETATM 68  H  HN21   . OMG A 1 2 ? 2.591   -5.702  -4.070 1.00 19.57 ? 2   OMG A HN21   1 
HETATM 69  H  HN22   . OMG A 1 2 ? 1.227   -5.342  -3.593 1.00 19.57 ? 2   OMG A HN22   1 
HETATM 70  N  N1     . OMC A 1 3 ? 4.204   -1.805  -3.556 1.00 14.21 ? 3   OMC A N1     1 
HETATM 71  C  C2     . OMC A 1 3 ? 2.812   -1.686  -3.569 1.00 13.18 ? 3   OMC A C2     1 
HETATM 72  N  N3     . OMC A 1 3 ? 2.154   -1.525  -2.405 1.00 14.16 ? 3   OMC A N3     1 
HETATM 73  C  C4     . OMC A 1 3 ? 2.845   -1.476  -1.232 1.00 12.89 ? 3   OMC A C4     1 
HETATM 74  C  C5     . OMC A 1 3 ? 4.273   -1.578  -1.209 1.00 14.91 ? 3   OMC A C5     1 
HETATM 75  C  C6     . OMC A 1 3 ? 4.887   -1.743  -2.400 1.00 14.72 ? 3   OMC A C6     1 
HETATM 76  O  O2     . OMC A 1 3 ? 2.205   -1.736  -4.623 1.00 14.01 ? 3   OMC A O2     1 
HETATM 77  N  N4     . OMC A 1 3 ? 2.147   -1.314  -0.127 1.00 14.77 ? 3   OMC A N4     1 
HETATM 78  C  "C1'"  . OMC A 1 3 ? 4.816   -2.035  -4.875 1.00 15.23 ? 3   OMC A "C1'"  1 
HETATM 79  C  "C2'"  . OMC A 1 3 ? 5.015   -0.688  -5.488 1.00 14.43 ? 3   OMC A "C2'"  1 
HETATM 80  O  "O2'"  . OMC A 1 3 ? 5.150   -0.844  -6.901 1.00 16.96 ? 3   OMC A "O2'"  1 
HETATM 81  C  CM2    . OMC A 1 3 ? 3.962   -1.013  -7.668 1.00 18.74 ? 3   OMC A CM2    1 
HETATM 82  C  "C3'"  . OMC A 1 3 ? 6.391   -0.316  -5.000 1.00 15.38 ? 3   OMC A "C3'"  1 
HETATM 83  C  "C4'"  . OMC A 1 3 ? 7.159   -1.637  -5.115 1.00 17.65 ? 3   OMC A "C4'"  1 
HETATM 84  O  "O4'"  . OMC A 1 3 ? 6.114   -2.556  -4.713 1.00 18.78 ? 3   OMC A "O4'"  1 
HETATM 85  O  "O3'"  . OMC A 1 3 ? 7.128   0.696   -5.659 1.00 15.81 ? 3   OMC A "O3'"  1 
HETATM 86  C  "C5'"  . OMC A 1 3 ? 8.364   -1.839  -4.213 1.00 18.43 ? 3   OMC A "C5'"  1 
HETATM 87  O  "O5'"  . OMC A 1 3 ? 8.028   -1.378  -2.876 1.00 17.84 ? 3   OMC A "O5'"  1 
HETATM 88  P  P      . OMC A 1 3 ? 9.085   -1.644  -1.702 1.00 20.43 ? 3   OMC A P      1 
HETATM 89  O  OP1    . OMC A 1 3 ? 10.453  -1.178  -2.107 1.00 25.31 ? 3   OMC A OP1    1 
HETATM 90  O  OP2    . OMC A 1 3 ? 8.531   -0.974  -0.489 1.00 22.35 ? 3   OMC A OP2    1 
HETATM 91  H  H5     . OMC A 1 3 ? 4.753   -1.531  -0.413 1.00 17.90 ? 3   OMC A H5     1 
HETATM 92  H  H6     . OMC A 1 3 ? 5.814   -1.817  -2.422 1.00 17.66 ? 3   OMC A H6     1 
HETATM 93  H  HN41   . OMC A 1 3 ? 1.292   -1.244  -0.166 1.00 17.73 ? 3   OMC A HN41   1 
HETATM 94  H  HN42   . OMC A 1 3 ? 2.548   -1.278  0.633  1.00 17.73 ? 3   OMC A HN42   1 
HETATM 95  H  "H1'"  . OMC A 1 3 ? 4.260   -2.613  -5.438 1.00 18.28 ? 3   OMC A "H1'"  1 
HETATM 96  H  "H2'"  . OMC A 1 3 ? 4.326   -0.039  -5.233 1.00 17.32 ? 3   OMC A "H2'"  1 
HETATM 97  H  HM21   . OMC A 1 3 ? 4.193   -1.131  -8.592 1.00 28.11 ? 3   OMC A HM21   1 
HETATM 98  H  HM22   . OMC A 1 3 ? 3.407   -0.236  -7.573 1.00 28.11 ? 3   OMC A HM22   1 
HETATM 99  H  HM23   . OMC A 1 3 ? 3.487   -1.786  -7.355 1.00 28.11 ? 3   OMC A HM23   1 
HETATM 100 H  "H3'"  . OMC A 1 3 ? 6.327   -0.080  -4.051 1.00 18.46 ? 3   OMC A "H3'"  1 
HETATM 101 H  "H4'"  . OMC A 1 3 ? 7.409   -1.801  -6.049 1.00 21.18 ? 3   OMC A "H4'"  1 
HETATM 102 H  "H5'"  . OMC A 1 3 ? 8.606   -2.778  -4.189 1.00 22.12 ? 3   OMC A "H5'"  1 
HETATM 103 H  "H5''" . OMC A 1 3 ? 9.122   -1.339  -4.555 1.00 22.12 ? 3   OMC A "H5''" 1 
HETATM 104 P  P      . OMG A 1 4 ? 7.065   2.225   -5.183 1.00 15.51 ? 4   OMG A P      1 
HETATM 105 O  OP1    . OMG A 1 4 ? 8.002   3.017   -6.021 1.00 18.95 ? 4   OMG A OP1    1 
HETATM 106 O  OP2    . OMG A 1 4 ? 7.186   2.294   -3.710 1.00 16.54 ? 4   OMG A OP2    1 
HETATM 107 O  "O5'"  . OMG A 1 4 ? 5.554   2.660   -5.519 1.00 14.52 ? 4   OMG A "O5'"  1 
HETATM 108 C  "C5'"  . OMG A 1 4 ? 5.158   2.868   -6.874 1.00 15.24 ? 4   OMG A "C5'"  1 
HETATM 109 C  "C4'"  . OMG A 1 4 ? 3.687   3.273   -6.891 1.00 13.71 ? 4   OMG A "C4'"  1 
HETATM 110 O  "O4'"  . OMG A 1 4 ? 2.894   2.185   -6.337 1.00 13.09 ? 4   OMG A "O4'"  1 
HETATM 111 C  "C3'"  . OMG A 1 4 ? 3.334   4.393   -5.926 1.00 12.98 ? 4   OMG A "C3'"  1 
HETATM 112 O  "O3'"  . OMG A 1 4 ? 3.719   5.604   -6.506 1.00 14.46 ? 4   OMG A "O3'"  1 
HETATM 113 C  "C2'"  . OMG A 1 4 ? 1.834   4.243   -5.854 1.00 12.39 ? 4   OMG A "C2'"  1 
HETATM 114 O  "O2'"  . OMG A 1 4 ? 1.221   4.641   -7.069 1.00 13.72 ? 4   OMG A "O2'"  1 
HETATM 115 C  CM2    . OMG A 1 4 ? -0.208  4.762   -7.006 1.00 16.48 ? 4   OMG A CM2    1 
HETATM 116 C  "C1'"  . OMG A 1 4 ? 1.736   2.735   -5.722 1.00 13.12 ? 4   OMG A "C1'"  1 
HETATM 117 N  N9     . OMG A 1 4 ? 1.827   2.342   -4.289 1.00 12.79 ? 4   OMG A N9     1 
HETATM 118 C  C8     . OMG A 1 4 ? 2.904   1.925   -3.529 1.00 12.73 ? 4   OMG A C8     1 
HETATM 119 N  N7     . OMG A 1 4 ? 2.615   1.685   -2.278 1.00 13.28 ? 4   OMG A N7     1 
HETATM 120 C  C5     . OMG A 1 4 ? 1.242   1.963   -2.196 1.00 12.58 ? 4   OMG A C5     1 
HETATM 121 C  C6     . OMG A 1 4 ? 0.362   1.886   -1.091 1.00 11.95 ? 4   OMG A C6     1 
HETATM 122 O  O6     . OMG A 1 4 ? 0.559   1.564   0.067  1.00 13.47 ? 4   OMG A O6     1 
HETATM 123 N  N1     . OMG A 1 4 ? -0.924  2.257   -1.448 1.00 12.87 ? 4   OMG A N1     1 
HETATM 124 C  C2     . OMG A 1 4 ? -1.335  2.645   -2.706 1.00 12.58 ? 4   OMG A C2     1 
HETATM 125 N  N2     . OMG A 1 4 ? -2.647  2.967   -2.827 1.00 13.92 ? 4   OMG A N2     1 
HETATM 126 N  N3     . OMG A 1 4 ? -0.501  2.722   -3.760 1.00 12.96 ? 4   OMG A N3     1 
HETATM 127 C  C4     . OMG A 1 4 ? 0.760   2.361   -3.423 1.00 12.04 ? 4   OMG A C4     1 
HETATM 128 H  "H5'"  . OMG A 1 4 ? 5.284   2.054   -7.385 1.00 18.29 ? 4   OMG A "H5'"  1 
HETATM 129 H  "H5''" . OMG A 1 4 ? 5.699   3.567   -7.274 1.00 18.29 ? 4   OMG A "H5''" 1 
HETATM 130 H  "H4'"  . OMG A 1 4 ? 3.394   3.491   -7.801 1.00 16.45 ? 4   OMG A "H4'"  1 
HETATM 131 H  "H3'"  . OMG A 1 4 ? 3.754   4.261   -5.051 1.00 15.58 ? 4   OMG A "H3'"  1 
HETATM 132 H  "H2'"  . OMG A 1 4 ? 1.453   4.707   -5.080 1.00 14.87 ? 4   OMG A "H2'"  1 
HETATM 133 H  HM21   . OMG A 1 4 ? -0.555  4.915   -7.888 1.00 24.72 ? 4   OMG A HM21   1 
HETATM 134 H  HM22   . OMG A 1 4 ? -0.442  5.499   -6.437 1.00 24.72 ? 4   OMG A HM22   1 
HETATM 135 H  HM23   . OMG A 1 4 ? -0.582  3.952   -6.651 1.00 24.72 ? 4   OMG A HM23   1 
HETATM 136 H  "H1'"  . OMG A 1 4 ? 0.916   2.392   -6.134 1.00 15.74 ? 4   OMG A "H1'"  1 
HETATM 137 H  H8     . OMG A 1 4 ? 3.759   1.824   -3.879 1.00 15.27 ? 4   OMG A H8     1 
HETATM 138 H  HN1    . OMG A 1 4 ? -1.521  2.243   -0.830 1.00 15.45 ? 4   OMG A HN1    1 
HETATM 139 H  HN21   . OMG A 1 4 ? -2.959  3.225   -3.586 1.00 16.71 ? 4   OMG A HN21   1 
HETATM 140 H  HN22   . OMG A 1 4 ? -3.167  2.914   -2.144 1.00 16.71 ? 4   OMG A HN22   1 
HETATM 141 N  N1     . OMC A 1 5 ? 0.259   6.085   -2.113 1.00 13.36 ? 5   OMC A N1     1 
HETATM 142 C  C2     . OMC A 1 5 ? -0.401  5.797   -0.923 1.00 13.19 ? 5   OMC A C2     1 
HETATM 143 N  N3     . OMC A 1 5 ? 0.244   5.163   0.056  1.00 13.55 ? 5   OMC A N3     1 
HETATM 144 C  C4     . OMC A 1 5 ? 1.545   4.798   -0.116 1.00 13.20 ? 5   OMC A C4     1 
HETATM 145 C  C5     . OMC A 1 5 ? 2.239   5.088   -1.317 1.00 11.65 ? 5   OMC A C5     1 
HETATM 146 C  C6     . OMC A 1 5 ? 1.564   5.731   -2.301 1.00 13.16 ? 5   OMC A C6     1 
HETATM 147 O  O2     . OMC A 1 5 ? -1.580  6.129   -0.775 1.00 15.40 ? 5   OMC A O2     1 
HETATM 148 N  N4     . OMC A 1 5 ? 2.113   4.171   0.909  1.00 13.80 ? 5   OMC A N4     1 
HETATM 149 C  "C1'"  . OMC A 1 5 ? -0.461  6.940   -3.092 1.00 12.80 ? 5   OMC A "C1'"  1 
HETATM 150 C  "C2'"  . OMC A 1 5 ? -0.459  8.374   -2.597 1.00 13.63 ? 5   OMC A "C2'"  1 
HETATM 151 O  "O2'"  . OMC A 1 5 ? -1.473  9.159   -3.242 1.00 14.63 ? 5   OMC A "O2'"  1 
HETATM 152 C  CM2    . OMC A 1 5 ? -2.728  8.876   -2.621 1.00 13.79 ? 5   OMC A CM2    1 
HETATM 153 C  "C3'"  . OMC A 1 5 ? 0.786   8.826   -3.355 1.00 14.34 ? 5   OMC A "C3'"  1 
HETATM 154 C  "C4'"  . OMC A 1 5 ? 0.761   8.175   -4.730 1.00 14.78 ? 5   OMC A "C4'"  1 
HETATM 155 O  "O4'"  . OMC A 1 5 ? 0.191   6.896   -4.342 1.00 14.22 ? 5   OMC A "O4'"  1 
HETATM 156 O  "O3'"  . OMC A 1 5 ? 0.971   10.229  -3.529 1.00 16.05 ? 5   OMC A "O3'"  1 
HETATM 157 C  "C5'"  . OMC A 1 5 ? 1.958   7.973   -5.640 1.00 15.02 ? 5   OMC A "C5'"  1 
HETATM 158 O  "O5'"  . OMC A 1 5 ? 2.939   7.329   -4.803 1.00 14.32 ? 5   OMC A "O5'"  1 
HETATM 159 P  P      . OMC A 1 5 ? 4.260   6.804   -5.554 1.00 15.68 ? 5   OMC A P      1 
HETATM 160 O  OP1    . OMC A 1 5 ? 4.764   7.835   -6.469 1.00 17.83 ? 5   OMC A OP1    1 
HETATM 161 O  OP2    . OMC A 1 5 ? 5.153   6.233   -4.542 1.00 17.95 ? 5   OMC A OP2    1 
HETATM 162 H  H5     . OMC A 1 5 ? 3.130   4.845   -1.426 1.00 13.97 ? 5   OMC A H5     1 
HETATM 163 H  H6     . OMC A 1 5 ? 1.989   5.930   -3.104 1.00 15.79 ? 5   OMC A H6     1 
HETATM 164 H  HN41   . OMC A 1 5 ? 1.661   4.019   1.625  1.00 16.56 ? 5   OMC A HN41   1 
HETATM 165 H  HN42   . OMC A 1 5 ? 2.933   3.917   0.857  1.00 16.56 ? 5   OMC A HN42   1 
HETATM 166 H  "H1'"  . OMC A 1 5 ? -1.384  6.625   -3.188 1.00 15.36 ? 5   OMC A "H1'"  1 
HETATM 167 H  "H2'"  . OMC A 1 5 ? -0.412  8.477   -1.623 1.00 16.35 ? 5   OMC A "H2'"  1 
HETATM 168 H  HM21   . OMC A 1 5 ? -3.426  9.349   -3.081 1.00 20.69 ? 5   OMC A HM21   1 
HETATM 169 H  HM22   . OMC A 1 5 ? -2.702  9.158   -1.703 1.00 20.69 ? 5   OMC A HM22   1 
HETATM 170 H  HM23   . OMC A 1 5 ? -2.900  7.933   -2.661 1.00 20.69 ? 5   OMC A HM23   1 
HETATM 171 H  "H3'"  . OMC A 1 5 ? 1.568   8.480   -2.877 1.00 17.21 ? 5   OMC A "H3'"  1 
HETATM 172 H  "H4'"  . OMC A 1 5 ? 0.080   8.644   -5.256 1.00 17.73 ? 5   OMC A "H4'"  1 
HETATM 173 H  "H5'"  . OMC A 1 5 ? 1.727   7.410   -6.395 1.00 18.02 ? 5   OMC A "H5'"  1 
HETATM 174 H  "H5''" . OMC A 1 5 ? 2.290   8.821   -5.970 1.00 18.02 ? 5   OMC A "H5''" 1 
HETATM 175 P  P      . OMG A 1 6 ? 1.766   11.059  -2.422 1.00 18.23 ? 6   OMG A P      1 
HETATM 176 O  OP1    . OMG A 1 6 ? 1.889   12.464  -2.829 1.00 21.39 ? 6   OMG A OP1    1 
HETATM 177 O  OP2    . OMG A 1 6 ? 3.039   10.353  -2.077 1.00 22.39 ? 6   OMG A OP2    1 
HETATM 178 O  "O5'"  . OMG A 1 6 ? 0.816   10.962  -1.111 1.00 16.85 ? 6   OMG A "O5'"  1 
HETATM 179 C  "C5'"  . OMG A 1 6 ? -0.477  11.588  -1.094 1.00 17.33 ? 6   OMG A "C5'"  1 
HETATM 180 C  "C4'"  . OMG A 1 6 ? -1.196  11.424  0.217  1.00 17.25 ? 6   OMG A "C4'"  1 
HETATM 181 O  "O4'"  . OMG A 1 6 ? -1.304  9.990   0.386  1.00 14.98 ? 6   OMG A "O4'"  1 
HETATM 182 C  "C3'"  . OMG A 1 6 ? -0.225  11.817  1.364  1.00 18.28 ? 6   OMG A "C3'"  1 
HETATM 183 O  "O3'"  . OMG A 1 6 ? -0.367  13.159  1.770  1.00 24.87 ? 6   OMG A "O3'"  1 
HETATM 184 C  "C2'"  . OMG A 1 6 ? -1.021  11.051  2.433  1.00 17.62 ? 6   OMG A "C2'"  1 
HETATM 185 O  "O2'"  . OMG A 1 6 ? -2.237  11.655  2.844  1.00 21.41 ? 6   OMG A "O2'"  1 
HETATM 186 C  CM2    . OMG A 1 6 ? -2.589  11.312  4.187  1.00 22.21 ? 6   OMG A CM2    1 
HETATM 187 C  "C1'"  . OMG A 1 6 ? -1.192  9.707   1.770  1.00 15.76 ? 6   OMG A "C1'"  1 
HETATM 188 N  N9     . OMG A 1 6 ? -0.109  8.746   2.018  1.00 14.32 ? 6   OMG A N9     1 
HETATM 189 C  C8     . OMG A 1 6 ? 1.020   8.544   1.251  1.00 14.52 ? 6   OMG A C8     1 
HETATM 190 N  N7     . OMG A 1 6 ? 1.849   7.654   1.765  1.00 13.25 ? 6   OMG A N7     1 
HETATM 191 C  C5     . OMG A 1 6 ? 1.207   7.258   2.940  1.00 12.80 ? 6   OMG A C5     1 
HETATM 192 C  C6     . OMG A 1 6 ? 1.621   6.318   3.916  1.00 13.48 ? 6   OMG A C6     1 
HETATM 193 O  O6     . OMG A 1 6 ? 2.625   5.625   3.981  1.00 14.86 ? 6   OMG A O6     1 
HETATM 194 N  N1     . OMG A 1 6 ? 0.678   6.221   4.947  1.00 14.87 ? 6   OMG A N1     1 
HETATM 195 C  C2     . OMG A 1 6 ? -0.501  6.920   5.035  1.00 14.88 ? 6   OMG A C2     1 
HETATM 196 N  N2     . OMG A 1 6 ? -1.256  6.666   6.115  1.00 15.92 ? 6   OMG A N2     1 
HETATM 197 N  N3     . OMG A 1 6 ? -0.890  7.804   4.118  1.00 14.61 ? 6   OMG A N3     1 
HETATM 198 C  C4     . OMG A 1 6 ? 0.019   7.912   3.102  1.00 13.74 ? 6   OMG A C4     1 
HETATM 199 H  "H5'"  . OMG A 1 6 ? -1.021  11.208  -1.803 1.00 20.80 ? 6   OMG A "H5'"  1 
HETATM 200 H  "H5''" . OMG A 1 6 ? -0.371  12.535  -1.279 1.00 20.80 ? 6   OMG A "H5''" 1 
HETATM 201 H  "H4'"  . OMG A 1 6 ? -2.058  11.889  0.254  1.00 20.70 ? 6   OMG A "H4'"  1 
HETATM 202 H  "H3'"  . OMG A 1 6 ? 0.700   11.516  1.243  1.00 21.94 ? 6   OMG A "H3'"  1 
HETATM 203 H  "HO3'" . OMG A 1 6 ? -0.184  13.655  1.143  1.00 37.30 ? 6   OMG A "HO3'" 1 
HETATM 204 H  "H2'"  . OMG A 1 6 ? -0.450  10.938  3.222  1.00 21.15 ? 6   OMG A "H2'"  1 
HETATM 205 H  HM21   . OMG A 1 6 ? -3.411  11.748  4.423  1.00 33.31 ? 6   OMG A HM21   1 
HETATM 206 H  HM22   . OMG A 1 6 ? -1.892  11.598  4.782  1.00 33.31 ? 6   OMG A HM22   1 
HETATM 207 H  HM23   . OMG A 1 6 ? -2.700  10.361  4.255  1.00 33.31 ? 6   OMG A HM23   1 
HETATM 208 H  "H1'"  . OMG A 1 6 ? -2.035  9.314   2.077  1.00 18.92 ? 6   OMG A "H1'"  1 
HETATM 209 H  H8     . OMG A 1 6 ? 1.181   8.991   0.451  1.00 17.43 ? 6   OMG A H8     1 
HETATM 210 H  HN1    . OMG A 1 6 ? 0.854   5.672   5.585  1.00 17.85 ? 6   OMG A HN1    1 
HETATM 211 H  HN21   . OMG A 1 6 ? -2.004  7.076   6.224  1.00 19.11 ? 6   OMG A HN21   1 
HETATM 212 H  HN22   . OMG A 1 6 ? -0.991  6.092   6.699  1.00 19.11 ? 6   OMG A HN22   1 
HETATM 213 N  N1     . OMC B 1 1 ? 0.635   3.062   9.004  1.00 18.42 ? 1   OMC B N1     1 
HETATM 214 C  C2     . OMC B 1 1 ? 0.453   4.134   8.127  1.00 17.52 ? 1   OMC B C2     1 
HETATM 215 N  N3     . OMC B 1 1 ? 1.172   4.196   6.984  1.00 16.00 ? 1   OMC B N3     1 
HETATM 216 C  C4     . OMC B 1 1 ? 2.073   3.216   6.689  1.00 16.73 ? 1   OMC B C4     1 
HETATM 217 C  C5     . OMC B 1 1 ? 2.258   2.109   7.584  1.00 18.66 ? 1   OMC B C5     1 
HETATM 218 C  C6     . OMC B 1 1 ? 1.524   2.088   8.705  1.00 18.67 ? 1   OMC B C6     1 
HETATM 219 O  O2     . OMC B 1 1 ? -0.360  5.017   8.396  1.00 17.81 ? 1   OMC B O2     1 
HETATM 220 N  N4     . OMC B 1 1 ? 2.762   3.297   5.574  1.00 17.54 ? 1   OMC B N4     1 
HETATM 221 C  "C1'"  . OMC B 1 1 ? -0.215  2.923   10.233 1.00 19.92 ? 1   OMC B "C1'"  1 
HETATM 222 C  "C2'"  . OMC B 1 1 ? -1.697  2.624   9.935  1.00 18.41 ? 1   OMC B "C2'"  1 
HETATM 223 O  "O2'"  . OMC B 1 1 ? -2.478  3.074   11.072 1.00 21.03 ? 1   OMC B "O2'"  1 
HETATM 224 C  CM2    . OMC B 1 1 ? -2.983  4.417   10.941 1.00 20.89 ? 1   OMC B CM2    1 
HETATM 225 C  "C3'"  . OMC B 1 1 ? -1.397  1.113   10.087 1.00 18.89 ? 1   OMC B "C3'"  1 
HETATM 226 C  "C4'"  . OMC B 1 1 ? -0.624  1.125   11.420 1.00 23.13 ? 1   OMC B "C4'"  1 
HETATM 227 O  "O4'"  . OMC B 1 1 ? 0.476   2.055   11.147 1.00 20.26 ? 1   OMC B "O4'"  1 
HETATM 228 O  "O3'"  . OMC B 1 1 ? -2.651  0.528   10.384 1.00 20.42 ? 1   OMC B "O3'"  1 
HETATM 229 C  "C5'"  . OMC B 1 1 ? 0.176   -0.141  11.315 1.00 23.61 ? 1   OMC B "C5'"  1 
HETATM 230 O  "O5'"  . OMC B 1 1 ? 0.965   -0.862  10.371 1.00 29.18 ? 1   OMC B "O5'"  1 
HETATM 231 H  H5     . OMC B 1 1 ? 2.866   1.432   7.393  1.00 22.39 ? 1   OMC B H5     1 
HETATM 232 H  H6     . OMC B 1 1 ? 1.629   1.380   9.298  1.00 22.40 ? 1   OMC B H6     1 
HETATM 233 H  HN41   . OMC B 1 1 ? 2.643   3.962   5.041  1.00 21.05 ? 1   OMC B HN41   1 
HETATM 234 H  HN42   . OMC B 1 1 ? 3.333   2.685   5.377  1.00 21.05 ? 1   OMC B HN42   1 
HETATM 235 H  "H1'"  . OMC B 1 1 ? -0.208  3.808   10.656 1.00 23.90 ? 1   OMC B "H1'"  1 
HETATM 236 H  "H2'"  . OMC B 1 1 ? -2.021  2.908   9.055  1.00 22.09 ? 1   OMC B "H2'"  1 
HETATM 237 H  HM21   . OMC B 1 1 ? -3.593  4.601   11.658 1.00 31.34 ? 1   OMC B HM21   1 
HETATM 238 H  HM22   . OMC B 1 1 ? -3.439  4.506   10.101 1.00 31.34 ? 1   OMC B HM22   1 
HETATM 239 H  HM23   . OMC B 1 1 ? -2.251  5.037   10.975 1.00 31.34 ? 1   OMC B HM23   1 
HETATM 240 H  "H3'"  . OMC B 1 1 ? -0.919  0.708   9.335  1.00 22.67 ? 1   OMC B "H3'"  1 
HETATM 241 H  "H4'"  . OMC B 1 1 ? -1.141  1.266   12.241 1.00 27.75 ? 1   OMC B "H4'"  1 
HETATM 242 H  "H5'"  . OMC B 1 1 ? 0.785   -0.057  12.066 1.00 28.33 ? 1   OMC B "H5'"  1 
HETATM 243 H  "H5''" . OMC B 1 1 ? -0.468  -0.811  11.593 1.00 28.33 ? 1   OMC B "H5''" 1 
HETATM 244 H  "HO5'" . OMC B 1 1 ? 0.472   -1.245  9.838  1.00 43.77 ? 1   OMC B "HO5'" 1 
HETATM 245 P  P      . OMG B 1 2 ? -3.442  -0.299  9.277  1.00 20.16 ? 2   OMG B P      1 
HETATM 246 O  OP1    . OMG B 1 2 ? -4.465  -1.134  9.910  1.00 25.24 ? 2   OMG B OP1    1 
HETATM 247 O  OP2    . OMG B 1 2 ? -2.460  -0.992  8.376  1.00 21.41 ? 2   OMG B OP2    1 
HETATM 248 O  "O5'"  . OMG B 1 2 ? -4.091  0.892   8.456  1.00 19.38 ? 2   OMG B "O5'"  1 
HETATM 249 C  "C5'"  . OMG B 1 2 ? -5.073  1.716   9.076  1.00 19.26 ? 2   OMG B "C5'"  1 
HETATM 250 C  "C4'"  . OMG B 1 2 ? -5.441  2.788   8.016  1.00 19.31 ? 2   OMG B "C4'"  1 
HETATM 251 O  "O4'"  . OMG B 1 2 ? -4.324  3.690   7.798  1.00 18.35 ? 2   OMG B "O4'"  1 
HETATM 252 C  "C3'"  . OMG B 1 2 ? -5.720  2.350   6.543  1.00 17.47 ? 2   OMG B "C3'"  1 
HETATM 253 O  "O3'"  . OMG B 1 2 ? -7.095  1.932   6.482  1.00 19.68 ? 2   OMG B "O3'"  1 
HETATM 254 C  "C2'"  . OMG B 1 2 ? -5.490  3.603   5.732  1.00 17.40 ? 2   OMG B "C2'"  1 
HETATM 255 O  "O2'"  . OMG B 1 2 ? -6.635  4.423   6.001  1.00 22.12 ? 2   OMG B "O2'"  1 
HETATM 256 C  CM2    . OMG B 1 2 ? -6.656  5.517   5.094  1.00 25.11 ? 2   OMG B CM2    1 
HETATM 257 C  "C1'"  . OMG B 1 2 ? -4.294  4.184   6.444  1.00 18.55 ? 2   OMG B "C1'"  1 
HETATM 258 N  N9     . OMG B 1 2 ? -3.104  3.566   5.808  1.00 16.75 ? 2   OMG B N9     1 
HETATM 259 C  C8     . OMG B 1 2 ? -2.207  2.644   6.290  1.00 17.84 ? 2   OMG B C8     1 
HETATM 260 N  N7     . OMG B 1 2 ? -1.156  2.484   5.525  1.00 17.11 ? 2   OMG B N7     1 
HETATM 261 C  C5     . OMG B 1 2 ? -1.366  3.361   4.479  1.00 16.32 ? 2   OMG B C5     1 
HETATM 262 C  C6     . OMG B 1 2 ? -0.553  3.626   3.344  1.00 14.45 ? 2   OMG B C6     1 
HETATM 263 O  O6     . OMG B 1 2 ? 0.547   3.136   3.028  1.00 14.54 ? 2   OMG B O6     1 
HETATM 264 N  N1     . OMG B 1 2 ? -1.161  4.593   2.522  1.00 14.57 ? 2   OMG B N1     1 
HETATM 265 C  C2     . OMG B 1 2 ? -2.365  5.205   2.759  1.00 16.16 ? 2   OMG B C2     1 
HETATM 266 N  N2     . OMG B 1 2 ? -2.789  6.090   1.863  1.00 16.09 ? 2   OMG B N2     1 
HETATM 267 N  N3     . OMG B 1 2 ? -3.129  4.951   3.831  1.00 15.60 ? 2   OMG B N3     1 
HETATM 268 C  C4     . OMG B 1 2 ? -2.558  4.024   4.639  1.00 15.65 ? 2   OMG B C4     1 
HETATM 269 H  "H5'"  . OMG B 1 2 ? -4.714  2.133   9.874  1.00 23.11 ? 2   OMG B "H5'"  1 
HETATM 270 H  "H5''" . OMG B 1 2 ? -5.853  1.193   9.320  1.00 23.11 ? 2   OMG B "H5''" 1 
HETATM 271 H  "H4'"  . OMG B 1 2 ? -6.207  3.306   8.343  1.00 23.17 ? 2   OMG B "H4'"  1 
HETATM 272 H  "H3'"  . OMG B 1 2 ? -5.115  1.630   6.265  1.00 20.97 ? 2   OMG B "H3'"  1 
HETATM 273 H  "H2'"  . OMG B 1 2 ? -5.338  3.434   4.779  1.00 20.88 ? 2   OMG B "H2'"  1 
HETATM 274 H  HM21   . OMG B 1 2 ? -7.473  6.010   5.207  1.00 37.66 ? 2   OMG B HM21   1 
HETATM 275 H  HM22   . OMG B 1 2 ? -6.605  5.187   4.193  1.00 37.66 ? 2   OMG B HM22   1 
HETATM 276 H  HM23   . OMG B 1 2 ? -5.908  6.092   5.267  1.00 37.66 ? 2   OMG B HM23   1 
HETATM 277 H  "H1'"  . OMG B 1 2 ? -4.274  5.163   6.404  1.00 22.26 ? 2   OMG B "H1'"  1 
HETATM 278 H  H8     . OMG B 1 2 ? -2.334  2.178   7.085  1.00 21.41 ? 2   OMG B H8     1 
HETATM 279 H  HN1    . OMG B 1 2 ? -0.739  4.820   1.807  1.00 17.48 ? 2   OMG B HN1    1 
HETATM 280 H  HN21   . OMG B 1 2 ? -3.542  6.489   1.978  1.00 19.31 ? 2   OMG B HN21   1 
HETATM 281 H  HN22   . OMG B 1 2 ? -2.310  6.264   1.170  1.00 19.31 ? 2   OMG B HN22   1 
HETATM 282 N  N1     . OMC B 1 3 ? -5.077  2.588   1.420  1.00 15.49 ? 3   OMC B N1     1 
HETATM 283 C  C2     . OMC B 1 3 ? -4.079  2.733   0.453  1.00 14.53 ? 3   OMC B C2     1 
HETATM 284 N  N3     . OMC B 1 3 ? -2.871  2.172   0.656  1.00 14.16 ? 3   OMC B N3     1 
HETATM 285 C  C4     . OMC B 1 3 ? -2.628  1.468   1.790  1.00 13.27 ? 3   OMC B C4     1 
HETATM 286 C  C5     . OMC B 1 3 ? -3.635  1.301   2.790  1.00 15.60 ? 3   OMC B C5     1 
HETATM 287 C  C6     . OMC B 1 3 ? -4.826  1.874   2.554  1.00 16.45 ? 3   OMC B C6     1 
HETATM 288 O  O2     . OMC B 1 3 ? -4.337  3.370   -0.556 1.00 14.12 ? 3   OMC B O2     1 
HETATM 289 N  N4     . OMC B 1 3 ? -1.445  0.936   1.955  1.00 14.39 ? 3   OMC B N4     1 
HETATM 290 C  "C1'"  . OMC B 1 3 ? -6.390  3.208   1.139  1.00 16.15 ? 3   OMC B "C1'"  1 
HETATM 291 C  "C2'"  . OMC B 1 3 ? -7.220  2.330   0.208  1.00 15.97 ? 3   OMC B "C2'"  1 
HETATM 292 O  "O2'"  . OMC B 1 3 ? -8.188  3.093   -0.541 1.00 18.45 ? 3   OMC B "O2'"  1 
HETATM 293 C  CM2    . OMC B 1 3 ? -7.577  3.751   -1.663 1.00 18.79 ? 3   OMC B CM2    1 
HETATM 294 C  "C3'"  . OMC B 1 3 ? -7.942  1.536   1.289  1.00 16.90 ? 3   OMC B "C3'"  1 
HETATM 295 C  "C4'"  . OMC B 1 3 ? -8.362  2.629   2.276  1.00 17.25 ? 3   OMC B "C4'"  1 
HETATM 296 O  "O4'"  . OMC B 1 3 ? -7.084  3.286   2.397  1.00 16.96 ? 3   OMC B "O4'"  1 
HETATM 297 O  "O3'"  . OMC B 1 3 ? -9.095  0.836   0.870  1.00 16.21 ? 3   OMC B "O3'"  1 
HETATM 298 C  "C5'"  . OMC B 1 3 ? -8.593  2.001   3.617  1.00 19.24 ? 3   OMC B "C5'"  1 
HETATM 299 O  "O5'"  . OMC B 1 3 ? -7.517  1.256   4.178  1.00 18.42 ? 3   OMC B "O5'"  1 
HETATM 300 P  P      . OMC B 1 3 ? -7.518  0.661   5.630  1.00 20.02 ? 3   OMC B P      1 
HETATM 301 O  OP1    . OMC B 1 3 ? -8.866  0.220   6.053  1.00 25.51 ? 3   OMC B OP1    1 
HETATM 302 O  OP2    . OMC B 1 3 ? -6.439  -0.386  5.668  1.00 21.81 ? 3   OMC B OP2    1 
HETATM 303 H  H5     . OMC B 1 3 ? -3.473  0.819   3.568  1.00 18.72 ? 3   OMC B H5     1 
HETATM 304 H  H6     . OMC B 1 3 ? -5.503  1.781   3.187  1.00 19.73 ? 3   OMC B H6     1 
HETATM 305 H  HN41   . OMC B 1 3 ? -0.840  1.036   1.352  1.00 17.26 ? 3   OMC B HN41   1 
HETATM 306 H  HN42   . OMC B 1 3 ? -1.270  0.486   2.667  1.00 17.26 ? 3   OMC B HN42   1 
HETATM 307 H  "H1'"  . OMC B 1 3 ? -6.274  4.103   0.756  1.00 19.38 ? 3   OMC B "H1'"  1 
HETATM 308 H  "H2'"  . OMC B 1 3 ? -6.664  1.764   -0.366 1.00 19.16 ? 3   OMC B "H2'"  1 
HETATM 309 H  HM21   . OMC B 1 3 ? -8.251  4.201   -2.177 1.00 28.18 ? 3   OMC B HM21   1 
HETATM 310 H  HM22   . OMC B 1 3 ? -7.135  3.101   -2.213 1.00 28.18 ? 3   OMC B HM22   1 
HETATM 311 H  HM23   . OMC B 1 3 ? -6.934  4.392   -1.347 1.00 28.18 ? 3   OMC B HM23   1 
HETATM 312 H  "H3'"  . OMC B 1 3 ? -7.317  0.917   1.723  1.00 20.29 ? 3   OMC B "H3'"  1 
HETATM 313 H  "H4'"  . OMC B 1 3 ? -9.090  3.206   1.963  1.00 20.70 ? 3   OMC B "H4'"  1 
HETATM 314 H  "H5'"  . OMC B 1 3 ? -8.829  2.706   4.241  1.00 23.09 ? 3   OMC B "H5'"  1 
HETATM 315 H  "H5''" . OMC B 1 3 ? -9.361  1.413   3.545  1.00 23.09 ? 3   OMC B "H5''" 1 
HETATM 316 P  P      . OMG B 1 4 ? -8.986  -0.705  0.423  1.00 15.42 ? 4   OMG B P      1 
HETATM 317 O  OP1    . OMG B 1 4 ? -10.362 -1.185  0.152  1.00 18.46 ? 4   OMG B OP1    1 
HETATM 318 O  OP2    . OMG B 1 4 ? -8.176  -1.478  1.396  1.00 17.30 ? 4   OMG B OP2    1 
HETATM 319 O  "O5'"  . OMG B 1 4 ? -8.157  -0.696  -0.964 1.00 14.10 ? 4   OMG B "O5'"  1 
HETATM 320 C  "C5'"  . OMG B 1 4 ? -8.786  -0.140  -2.109 1.00 14.70 ? 4   OMG B "C5'"  1 
HETATM 321 C  "C4'"  . OMG B 1 4 ? -7.780  -0.230  -3.263 1.00 13.26 ? 4   OMG B "C4'"  1 
HETATM 322 O  "O4'"  . OMG B 1 4 ? -6.621  0.596   -2.957 1.00 13.21 ? 4   OMG B "O4'"  1 
HETATM 323 C  "C3'"  . OMG B 1 4 ? -7.079  -1.577  -3.439 1.00 13.13 ? 4   OMG B "C3'"  1 
HETATM 324 O  "O3'"  . OMG B 1 4 ? -8.031  -2.395  -4.105 1.00 15.05 ? 4   OMG B "O3'"  1 
HETATM 325 C  "C2'"  . OMG B 1 4 ? -5.904  -1.160  -4.305 1.00 12.12 ? 4   OMG B "C2'"  1 
HETATM 326 O  "O2'"  . OMG B 1 4 ? -6.338  -0.852  -5.633 1.00 13.84 ? 4   OMG B "O2'"  1 
HETATM 327 C  CM2    . OMG B 1 4 ? -5.161  -0.752  -6.438 1.00 17.41 ? 4   OMG B CM2    1 
HETATM 328 C  "C1'"  . OMG B 1 4 ? -5.458  0.091   -3.587 1.00 12.58 ? 4   OMG B "C1'"  1 
HETATM 329 N  N9     . OMG B 1 4 ? -4.578  -0.267  -2.448 1.00 11.93 ? 4   OMG B N9     1 
HETATM 330 C  C8     . OMG B 1 4 ? -4.811  -0.456  -1.132 1.00 12.69 ? 4   OMG B C8     1 
HETATM 331 N  N7     . OMG B 1 4 ? -3.739  -0.775  -0.437 1.00 12.99 ? 4   OMG B N7     1 
HETATM 332 C  C5     . OMG B 1 4 ? -2.720  -0.792  -1.403 1.00 12.69 ? 4   OMG B C5     1 
HETATM 333 C  C6     . OMG B 1 4 ? -1.337  -1.074  -1.257 1.00 12.05 ? 4   OMG B C6     1 
HETATM 334 O  O6     . OMG B 1 4 ? -0.693  -1.369  -0.246 1.00 12.48 ? 4   OMG B O6     1 
HETATM 335 N  N1     . OMG B 1 4 ? -0.693  -0.982  -2.479 1.00 11.54 ? 4   OMG B N1     1 
HETATM 336 C  C2     . OMG B 1 4 ? -1.284  -0.663  -3.687 1.00 12.09 ? 4   OMG B C2     1 
HETATM 337 N  N2     . OMG B 1 4 ? -0.480  -0.628  -4.756 1.00 14.32 ? 4   OMG B N2     1 
HETATM 338 N  N3     . OMG B 1 4 ? -2.590  -0.397  -3.828 1.00 12.30 ? 4   OMG B N3     1 
HETATM 339 C  C4     . OMG B 1 4 ? -3.227  -0.484  -2.637 1.00 12.14 ? 4   OMG B C4     1 
HETATM 340 H  "H5'"  . OMG B 1 4 ? -9.029  0.785   -1.945 1.00 17.64 ? 4   OMG B "H5'"  1 
HETATM 341 H  "H5''" . OMG B 1 4 ? -9.591  -0.636  -2.325 1.00 17.64 ? 4   OMG B "H5''" 1 
HETATM 342 H  "H4'"  . OMG B 1 4 ? -8.193  0.056   -4.103 1.00 15.92 ? 4   OMG B "H4'"  1 
HETATM 343 H  "H3'"  . OMG B 1 4 ? -6.793  -1.962  -2.584 1.00 15.76 ? 4   OMG B "H3'"  1 
HETATM 344 H  "H2'"  . OMG B 1 4 ? -5.200  -1.843  -4.307 1.00 14.54 ? 4   OMG B "H2'"  1 
HETATM 345 H  HM21   . OMG B 1 4 ? -5.411  -0.607  -7.353 1.00 26.11 ? 4   OMG B HM21   1 
HETATM 346 H  HM22   . OMG B 1 4 ? -4.657  -1.567  -6.369 1.00 26.11 ? 4   OMG B HM22   1 
HETATM 347 H  HM23   . OMG B 1 4 ? -4.625  -0.018  -6.131 1.00 26.11 ? 4   OMG B HM23   1 
HETATM 348 H  "H1'"  . OMG B 1 4 ? -5.045  0.743   -4.191 1.00 15.10 ? 4   OMG B "H1'"  1 
HETATM 349 H  H8     . OMG B 1 4 ? -5.656  -0.369  -0.750 1.00 15.23 ? 4   OMG B H8     1 
HETATM 350 H  HN1    . OMG B 1 4 ? 0.152   -1.138  -2.487 1.00 13.84 ? 4   OMG B HN1    1 
HETATM 351 H  HN21   . OMG B 1 4 ? -0.802  -0.436  -5.531 1.00 17.19 ? 4   OMG B HN21   1 
HETATM 352 H  HN22   . OMG B 1 4 ? 0.359   -0.797  -4.669 1.00 17.19 ? 4   OMG B HN22   1 
HETATM 353 N  N1     . OMC B 1 5 ? -2.671  -4.210  -3.874 1.00 12.37 ? 5   OMC B N1     1 
HETATM 354 C  C2     . OMC B 1 5 ? -1.370  -4.436  -3.438 1.00 12.58 ? 5   OMC B C2     1 
HETATM 355 N  N3     . OMC B 1 5 ? -1.117  -4.458  -2.104 1.00 12.43 ? 5   OMC B N3     1 
HETATM 356 C  C4     . OMC B 1 5 ? -2.126  -4.284  -1.225 1.00 12.67 ? 5   OMC B C4     1 
HETATM 357 C  C5     . OMC B 1 5 ? -3.458  -4.060  -1.674 1.00 13.08 ? 5   OMC B C5     1 
HETATM 358 C  C6     . OMC B 1 5 ? -3.684  -4.031  -3.016 1.00 12.63 ? 5   OMC B C6     1 
HETATM 359 O  O2     . OMC B 1 5 ? -0.480  -4.594  -4.283 1.00 14.65 ? 5   OMC B O2     1 
HETATM 360 N  N4     . OMC B 1 5 ? -1.822  -4.318  0.077  1.00 13.55 ? 5   OMC B N4     1 
HETATM 361 C  "C1'"  . OMC B 1 5 ? -2.941  -4.364  -5.309 1.00 12.36 ? 5   OMC B "C1'"  1 
HETATM 362 C  "C2'"  . OMC B 1 5 ? -2.965  -5.837  -5.692 1.00 12.96 ? 5   OMC B "C2'"  1 
HETATM 363 O  "O2'"  . OMC B 1 5 ? -2.758  -6.073  -7.061 1.00 14.18 ? 5   OMC B "O2'"  1 
HETATM 364 C  CM2    . OMC B 1 5 ? -1.344  -5.931  -7.346 1.00 13.25 ? 5   OMC B CM2    1 
HETATM 365 C  "C3'"  . OMC B 1 5 ? -4.455  -6.171  -5.498 1.00 13.15 ? 5   OMC B "C3'"  1 
HETATM 366 C  "C4'"  . OMC B 1 5 ? -5.096  -4.933  -6.131 1.00 14.04 ? 5   OMC B "C4'"  1 
HETATM 367 O  "O4'"  . OMC B 1 5 ? -4.211  -3.860  -5.679 1.00 13.63 ? 5   OMC B "O4'"  1 
HETATM 368 O  "O3'"  . OMC B 1 5 ? -4.937  -7.283  -6.231 1.00 15.53 ? 5   OMC B "O3'"  1 
HETATM 369 C  "C5'"  . OMC B 1 5 ? -6.521  -4.538  -5.808 1.00 14.80 ? 5   OMC B "C5'"  1 
HETATM 370 O  "O5'"  . OMC B 1 5 ? -6.677  -4.544  -4.373 1.00 13.91 ? 5   OMC B "O5'"  1 
HETATM 371 P  P      . OMC B 1 5 ? -8.019  -3.970  -3.743 1.00 15.98 ? 5   OMC B P      1 
HETATM 372 O  OP1    . OMC B 1 5 ? -9.201  -4.563  -4.431 1.00 19.54 ? 5   OMC B OP1    1 
HETATM 373 O  OP2    . OMC B 1 5 ? -7.971  -4.133  -2.269 1.00 19.04 ? 5   OMC B OP2    1 
HETATM 374 H  H5     . OMC B 1 5 ? -4.153  -3.937  -1.069 1.00 15.70 ? 5   OMC B H5     1 
HETATM 375 H  H6     . OMC B 1 5 ? -4.544  -3.885  -3.339 1.00 15.16 ? 5   OMC B H6     1 
HETATM 376 H  HN41   . OMC B 1 5 ? -1.009  -4.449  0.325  1.00 16.26 ? 5   OMC B HN41   1 
HETATM 377 H  HN42   . OMC B 1 5 ? -2.440  -4.212  0.665  1.00 16.26 ? 5   OMC B HN42   1 
HETATM 378 H  "H1'"  . OMC B 1 5 ? -2.244  -3.904  -5.823 1.00 14.84 ? 5   OMC B "H1'"  1 
HETATM 379 H  "H2'"  . OMC B 1 5 ? -2.381  -6.382  -5.125 1.00 15.55 ? 5   OMC B "H2'"  1 
HETATM 380 H  HM21   . OMC B 1 5 ? -1.188  -6.090  -8.280 1.00 19.87 ? 5   OMC B HM21   1 
HETATM 381 H  HM22   . OMC B 1 5 ? -0.848  -6.568  -6.826 1.00 19.87 ? 5   OMC B HM22   1 
HETATM 382 H  HM23   . OMC B 1 5 ? -1.060  -5.042  -7.120 1.00 19.87 ? 5   OMC B HM23   1 
HETATM 383 H  "H3'"  . OMC B 1 5 ? -4.684  -6.245  -4.548 1.00 15.78 ? 5   OMC B "H3'"  1 
HETATM 384 H  "H4'"  . OMC B 1 5 ? -5.013  -5.009  -7.105 1.00 16.85 ? 5   OMC B "H4'"  1 
HETATM 385 H  "H5'"  . OMC B 1 5 ? -6.709  -3.654  -6.159 1.00 17.76 ? 5   OMC B "H5'"  1 
HETATM 386 H  "H5''" . OMC B 1 5 ? -7.140  -5.165  -6.213 1.00 17.76 ? 5   OMC B "H5''" 1 
HETATM 387 P  P      . OMG B 1 6 ? -4.929  -8.678  -5.425 1.00 17.95 ? 6   OMG B P      1 
HETATM 388 O  OP1    . OMG B 1 6 ? -5.562  -9.701  -6.293 1.00 21.41 ? 6   OMG B OP1    1 
HETATM 389 O  OP2    . OMG B 1 6 ? -5.571  -8.467  -4.093 1.00 20.89 ? 6   OMG B OP2    1 
HETATM 390 O  "O5'"  . OMG B 1 6 ? -3.398  -9.047  -5.176 1.00 16.45 ? 6   OMG B "O5'"  1 
HETATM 391 C  "C5'"  . OMG B 1 6 ? -2.605  -9.306  -6.359 1.00 16.85 ? 6   OMG B "C5'"  1 
HETATM 392 C  "C4'"  . OMG B 1 6 ? -1.259  -9.651  -5.804 1.00 16.82 ? 6   OMG B "C4'"  1 
HETATM 393 O  "O4'"  . OMG B 1 6 ? -0.650  -8.494  -5.169 1.00 15.76 ? 6   OMG B "O4'"  1 
HETATM 394 C  "C3'"  . OMG B 1 6 ? -1.115  -10.733 -4.706 1.00 18.84 ? 6   OMG B "C3'"  1 
HETATM 395 O  "O3'"  . OMG B 1 6 ? -1.114  -12.086 -5.206 1.00 23.62 ? 6   OMG B "O3'"  1 
HETATM 396 C  "C2'"  . OMG B 1 6 ? 0.264   -10.455 -4.101 1.00 19.18 ? 6   OMG B "C2'"  1 
HETATM 397 O  "O2'"  . OMG B 1 6 ? 1.291   -10.829 -5.023 1.00 22.72 ? 6   OMG B "O2'"  1 
HETATM 398 C  CM2    . OMG B 1 6 ? 2.601   -11.075 -4.505 1.00 27.00 ? 6   OMG B CM2    1 
HETATM 399 C  "C1'"  . OMG B 1 6 ? 0.261   -8.939  -4.141 1.00 15.69 ? 6   OMG B "C1'"  1 
HETATM 400 N  N9     . OMG B 1 6 ? -0.234  -8.388  -2.865 1.00 14.19 ? 6   OMG B N9     1 
HETATM 401 C  C8     . OMG B 1 6 ? -1.524  -8.065  -2.521 1.00 12.89 ? 6   OMG B C8     1 
HETATM 402 N  N7     . OMG B 1 6 ? -1.649  -7.677  -1.255 1.00 12.45 ? 6   OMG B N7     1 
HETATM 403 C  C5     . OMG B 1 6 ? -0.367  -7.757  -0.777 1.00 12.23 ? 6   OMG B C5     1 
HETATM 404 C  C6     . OMG B 1 6 ? 0.124   -7.460  0.534  1.00 13.16 ? 6   OMG B C6     1 
HETATM 405 O  O6     . OMG B 1 6 ? -0.456  -7.071  1.527  1.00 14.69 ? 6   OMG B O6     1 
HETATM 406 N  N1     . OMG B 1 6 ? 1.494   -7.674  0.615  1.00 14.35 ? 6   OMG B N1     1 
HETATM 407 C  C2     . OMG B 1 6 ? 2.321   -8.108  -0.397 1.00 14.48 ? 6   OMG B C2     1 
HETATM 408 N  N2     . OMG B 1 6 ? 3.616   -8.230  -0.044 1.00 15.83 ? 6   OMG B N2     1 
HETATM 409 N  N3     . OMG B 1 6 ? 1.864   -8.386  -1.622 1.00 14.73 ? 6   OMG B N3     1 
HETATM 410 C  C4     . OMG B 1 6 ? 0.520   -8.179  -1.718 1.00 13.58 ? 6   OMG B C4     1 
HETATM 411 H  "H5'"  . OMG B 1 6 ? -2.557  -8.522  -6.926 1.00 20.22 ? 6   OMG B "H5'"  1 
HETATM 412 H  "H5''" . OMG B 1 6 ? -2.971  -10.046 -6.869 1.00 20.22 ? 6   OMG B "H5''" 1 
HETATM 413 H  "H4'"  . OMG B 1 6 ? -0.686  -9.913  -6.556 1.00 20.19 ? 6   OMG B "H4'"  1 
HETATM 414 H  "H3'"  . OMG B 1 6 ? -1.812  -10.623 -4.027 1.00 22.61 ? 6   OMG B "H3'"  1 
HETATM 415 H  "HO3'" . OMG B 1 6 ? -0.363  -12.407 -5.127 1.00 35.43 ? 6   OMG B "HO3'" 1 
HETATM 416 H  "H2'"  . OMG B 1 6 ? 0.384   -10.827 -3.203 1.00 23.01 ? 6   OMG B "H2'"  1 
HETATM 417 H  HM21   . OMG B 1 6 ? 3.171   -11.388 -5.211 1.00 40.50 ? 6   OMG B HM21   1 
HETATM 418 H  HM22   . OMG B 1 6 ? 2.552   -11.741 -3.815 1.00 40.50 ? 6   OMG B HM22   1 
HETATM 419 H  HM23   . OMG B 1 6 ? 2.959   -10.262 -4.140 1.00 40.50 ? 6   OMG B HM23   1 
HETATM 420 H  "H1'"  . OMG B 1 6 ? 1.163   -8.606  -4.323 1.00 18.83 ? 6   OMG B "H1'"  1 
HETATM 421 H  H8     . OMG B 1 6 ? -2.239  -8.112  -3.114 1.00 15.47 ? 6   OMG B H8     1 
HETATM 422 H  HN1    . OMG B 1 6 ? 1.863   -7.521  1.376  1.00 17.23 ? 6   OMG B HN1    1 
HETATM 423 H  HN21   . OMG B 1 6 ? 4.195   -8.498  -0.620 1.00 19.00 ? 6   OMG B HN21   1 
HETATM 424 H  HN22   . OMG B 1 6 ? 3.863   -8.038  0.758  1.00 19.00 ? 6   OMG B HN22   1 
HETATM 425 MG MG     . MG  C 2 . ? 11.352  -2.083  5.090  0.56 20.91 ? 101 MG  A MG     1 
HETATM 426 MG MG     . MG  D 2 . ? 5.744   8.808   -7.841 0.39 12.21 ? 103 MG  A MG     1 
HETATM 427 MG MG     . MG  E 2 . ? 6.036   5.925   1.226  0.53 55.58 ? 104 MG  A MG     1 
HETATM 428 C  C1     . MPD F 3 . ? 6.051   -6.312  -9.012 0.60 36.18 ? 201 MPD A C1     1 
HETATM 429 C  C2     . MPD F 3 . ? 5.252   -5.096  -8.588 0.60 32.63 ? 201 MPD A C2     1 
HETATM 430 O  O2     . MPD F 3 . ? 5.899   -4.475  -7.449 0.60 37.83 ? 201 MPD A O2     1 
HETATM 431 C  CM     . MPD F 3 . ? 5.192   -4.101  -9.745 0.60 35.75 ? 201 MPD A CM     1 
HETATM 432 C  C3     . MPD F 3 . ? 3.832   -5.503  -8.190 0.60 33.24 ? 201 MPD A C3     1 
HETATM 433 C  C4     . MPD F 3 . ? 3.776   -6.718  -7.280 0.60 27.58 ? 201 MPD A C4     1 
HETATM 434 O  O4     . MPD F 3 . ? 3.966   -6.316  -5.911 0.60 33.71 ? 201 MPD A O4     1 
HETATM 435 C  C5     . MPD F 3 . ? 2.361   -7.293  -7.281 0.60 24.47 ? 201 MPD A C5     1 
HETATM 436 MG MG     . MG  G 2 . ? -4.663  -2.494  11.393 0.45 23.08 ? 102 MG  B MG     1 
HETATM 437 MG MG     . MG  H 2 . ? -4.840  -6.572  1.916  0.38 23.29 ? 105 MG  B MG     1 
HETATM 438 C  C1     . MPD I 3 . ? -9.214  7.263   -0.354 0.60 38.18 ? 202 MPD B C1     1 
HETATM 439 C  C2     . MPD I 3 . ? -8.381  7.654   0.870  0.60 36.40 ? 202 MPD B C2     1 
HETATM 440 O  O2     . MPD I 3 . ? -8.021  6.451   1.603  0.60 44.73 ? 202 MPD B O2     1 
HETATM 441 C  CM     . MPD I 3 . ? -9.185  8.582   1.780  0.60 40.34 ? 202 MPD B CM     1 
HETATM 442 C  C3     . MPD I 3 . ? -7.103  8.367   0.410  0.60 36.06 ? 202 MPD B C3     1 
HETATM 443 C  C4     . MPD I 3 . ? -5.953  8.819   1.305  0.60 37.27 ? 202 MPD B C4     1 
HETATM 444 O  O4     . MPD I 3 . ? -5.472  7.676   2.063  0.60 37.25 ? 202 MPD B O4     1 
HETATM 445 C  C5     . MPD I 3 . ? -4.744  9.165   0.446  0.60 34.14 ? 202 MPD B C5     1 
HETATM 446 O  O      . HOH J 4 . ? 4.455   1.956   -0.026 1.00 19.46 ? 202 HOH A O      1 
HETATM 447 O  O      . HOH J 4 . ? 6.887   1.232   -1.162 1.00 20.69 ? 203 HOH A O      1 
HETATM 448 O  O      . HOH J 4 . ? 0.954   -3.413  -6.421 0.77 15.35 ? 204 HOH A O      1 
HETATM 449 O  O      . HOH J 4 . ? -2.327  1.870   -6.012 1.00 24.22 ? 205 HOH A O      1 
HETATM 450 O  O      . HOH J 4 . ? 10.201  -5.381  -3.917 0.67 20.88 ? 206 HOH A O      1 
HETATM 451 O  O      . HOH J 4 . ? 2.669   5.819   -9.383 1.00 25.91 ? 207 HOH A O      1 
HETATM 452 O  O      . HOH J 4 . ? 4.438   7.202   0.710  0.55 19.72 ? 208 HOH A O      1 
HETATM 453 O  O      . HOH J 4 . ? 5.676   4.372   -2.534 0.77 19.11 ? 209 HOH A O      1 
HETATM 454 O  O      . HOH J 4 . ? 6.473   -0.938  1.686  0.84 23.36 ? 210 HOH A O      1 
HETATM 455 O  O      . HOH J 4 . ? 5.363   -10.607 1.110  0.50 23.47 ? 211 HOH A O      1 
HETATM 456 O  O      . HOH J 4 . ? 5.126   5.050   2.636  0.96 26.20 ? 212 HOH A O      1 
HETATM 457 O  O      . HOH J 4 . ? 3.922   -8.226  -3.987 1.00 26.53 ? 213 HOH A O      1 
HETATM 458 O  O      . HOH J 4 . ? -3.541  4.513   -5.380 0.80 23.60 ? 214 HOH A O      1 
HETATM 459 O  O      . HOH J 4 . ? 5.161   10.510  -4.269 0.67 36.69 ? 215 HOH A O      1 
HETATM 460 O  O      . HOH J 4 . ? 11.395  0.391   -4.588 0.79 23.12 ? 216 HOH A O      1 
HETATM 461 O  O      . HOH J 4 . ? 4.592   7.867   -1.916 1.00 23.43 ? 217 HOH A O      1 
HETATM 462 O  O      . HOH J 4 . ? 8.104   4.920   1.787  0.78 27.73 ? 218 HOH A O      1 
HETATM 463 O  O      . HOH J 4 . ? 4.177   8.279   -9.101 0.67 31.59 ? 219 HOH A O      1 
HETATM 464 O  O      . HOH J 4 . ? -3.952  7.822   7.073  0.84 33.07 ? 220 HOH A O      1 
HETATM 465 O  O      . HOH J 4 . ? 4.764   10.845  -6.902 0.55 24.81 ? 221 HOH A O      1 
HETATM 466 O  O      . HOH J 4 . ? 5.613   4.373   0.204  0.63 29.38 ? 222 HOH A O      1 
HETATM 467 O  O      . HOH J 4 . ? 2.440   -0.693  3.577  0.38 26.85 ? 223 HOH A O      1 
HETATM 468 O  O      . HOH J 4 . ? 11.591  -0.946  3.568  0.40 23.49 ? 224 HOH A O      1 
HETATM 469 O  O      . HOH J 4 . ? 12.257  -3.530  5.254  0.70 27.27 ? 225 HOH A O      1 
HETATM 470 O  O      . HOH J 4 . ? 10.288  -0.339  5.878  0.56 26.20 ? 226 HOH A O      1 
HETATM 471 O  O      . HOH J 4 . ? -2.264  -4.175  4.212  0.68 30.77 ? 227 HOH A O      1 
HETATM 472 O  O      . HOH J 4 . ? 12.790  -1.759  6.281  0.22 14.29 ? 228 HOH A O      1 
HETATM 473 O  O      . HOH J 4 . ? 11.005  -2.480  6.743  0.67 38.14 ? 229 HOH A O      1 
HETATM 474 O  O      . HOH J 4 . ? 11.179  -6.138  4.674  0.49 17.94 ? 230 HOH A O      1 
HETATM 475 O  O      . HOH J 4 . ? 8.685   1.967   -9.025 0.19 19.90 ? 231 HOH A O      1 
HETATM 476 O  O      . HOH J 4 . ? 0.004   -3.092  5.302  0.70 28.24 ? 232 HOH A O      1 
HETATM 477 O  O      . HOH J 4 . ? 3.929   0.295   2.285  0.51 24.79 ? 233 HOH A O      1 
HETATM 478 O  O      . HOH J 4 . ? 0.646   -2.295  2.860  0.74 28.25 ? 234 HOH A O      1 
HETATM 479 O  O      . HOH K 4 . ? -6.236  -1.656  3.228  1.00 21.74 ? 203 HOH B O      1 
HETATM 480 O  O      . HOH K 4 . ? -3.725  -2.313  1.912  1.00 18.80 ? 204 HOH B O      1 
HETATM 481 O  O      . HOH K 4 . ? -4.200  5.914   -1.614 0.87 19.42 ? 205 HOH B O      1 
HETATM 482 O  O      . HOH K 4 . ? -4.131  -7.272  0.080  0.82 23.28 ? 206 HOH B O      1 
HETATM 483 O  O      . HOH K 4 . ? -2.934  -6.624  2.565  0.76 27.08 ? 207 HOH B O      1 
HETATM 484 O  O      . HOH K 4 . ? -6.646  -3.626  0.202  0.74 19.30 ? 208 HOH B O      1 
HETATM 485 O  O      . HOH K 4 . ? -9.184  -1.036  -6.614 1.00 24.62 ? 209 HOH B O      1 
HETATM 486 O  O      . HOH K 4 . ? 6.386   -11.229 -1.294 0.56 25.22 ? 210 HOH B O      1 
HETATM 487 O  O      . HOH K 4 . ? -6.185  7.660   -3.239 1.00 28.87 ? 211 HOH B O      1 
HETATM 488 O  O      . HOH K 4 . ? -0.997  -0.385  4.481  0.74 31.76 ? 212 HOH B O      1 
HETATM 489 O  O      . HOH K 4 . ? -3.645  -1.100  5.753  0.74 24.90 ? 213 HOH B O      1 
HETATM 490 O  O      . HOH K 4 . ? -12.282 0.998   -0.282 0.62 31.68 ? 214 HOH B O      1 
HETATM 491 O  O      . HOH K 4 . ? -1.292  7.805   9.067  0.50 26.83 ? 215 HOH B O      1 
HETATM 492 O  O      . HOH K 4 . ? -3.870  8.316   3.925  1.00 26.51 ? 216 HOH B O      1 
HETATM 493 O  O      . HOH K 4 . ? -10.304 -3.503  -6.616 0.93 35.59 ? 217 HOH B O      1 
HETATM 494 O  O      . HOH K 4 . ? 6.009   -9.203  -2.071 0.95 29.35 ? 218 HOH B O      1 
HETATM 495 O  O      . HOH K 4 . ? -2.720  -2.270  12.501 0.60 26.79 ? 219 HOH B O      1 
HETATM 496 O  O      . HOH K 4 . ? -6.094  -2.416  7.766  0.80 34.42 ? 220 HOH B O      1 
HETATM 497 O  O      . HOH K 4 . ? -3.841  -4.074  10.473 0.68 27.58 ? 221 HOH B O      1 
HETATM 498 O  O      . HOH K 4 . ? -5.601  -3.884  12.825 0.39 44.35 ? 222 HOH B O      1 
HETATM 499 O  O      . HOH K 4 . ? -10.242 -6.679  -4.485 0.55 12.82 ? 223 HOH B O      1 
HETATM 500 O  O      . HOH K 4 . ? -10.296 -5.513  -6.818 0.44 13.30 ? 224 HOH B O      1 
HETATM 501 O  O      . HOH K 4 . ? -5.050  -9.769  -1.650 0.44 32.46 ? 225 HOH B O      1 
HETATM 502 O  O      . HOH K 4 . ? -4.938  -4.834  1.715  0.67 25.06 ? 226 HOH B O      1 
HETATM 503 O  O      . HOH K 4 . ? -5.160  -1.162  12.825 0.75 30.04 ? 227 HOH B O      1 
HETATM 504 O  O      . HOH K 4 . ? 0.670   -1.436  4.192  0.60 19.98 ? 228 HOH B O      1 
HETATM 505 O  O      . HOH K 4 . ? -8.353  -7.589  -3.720 0.44 28.86 ? 229 HOH B O      1 
HETATM 506 O  O      . HOH K 4 . ? -10.331 -3.960  -1.032 0.74 29.67 ? 230 HOH B O      1 
HETATM 507 O  O      . HOH K 4 . ? -6.744  -6.752  1.420  0.32 33.51 ? 231 HOH B O      1 
HETATM 508 O  O      . HOH K 4 . ? -6.410  -2.621  10.324 0.81 32.68 ? 232 HOH B O      1 
HETATM 509 O  O      . HOH K 4 . ? -1.810  -0.815  -7.245 0.44 21.16 ? 233 HOH B O      1 
HETATM 510 O  O      . HOH K 4 . ? -6.366  -6.663  -1.929 0.60 22.40 ? 234 HOH B O      1 
# 
loop_
_atom_site_anisotrop.id 
_atom_site_anisotrop.type_symbol 
_atom_site_anisotrop.pdbx_label_atom_id 
_atom_site_anisotrop.pdbx_label_alt_id 
_atom_site_anisotrop.pdbx_label_comp_id 
_atom_site_anisotrop.pdbx_label_asym_id 
_atom_site_anisotrop.pdbx_label_seq_id 
_atom_site_anisotrop.pdbx_PDB_ins_code 
_atom_site_anisotrop.U[1][1] 
_atom_site_anisotrop.U[2][2] 
_atom_site_anisotrop.U[3][3] 
_atom_site_anisotrop.U[1][2] 
_atom_site_anisotrop.U[1][3] 
_atom_site_anisotrop.U[2][3] 
_atom_site_anisotrop.pdbx_auth_seq_id 
_atom_site_anisotrop.pdbx_auth_comp_id 
_atom_site_anisotrop.pdbx_auth_asym_id 
_atom_site_anisotrop.pdbx_auth_atom_id 
1   N  N1    . OMC A 1 ? 0.2445 0.1910 0.2202 -0.0243 -0.0679 0.0514  1   OMC A N1    
2   C  C2    . OMC A 1 ? 0.2499 0.1250 0.2668 -0.0020 -0.0754 0.0194  1   OMC A C2    
3   N  N3    . OMC A 1 ? 0.2223 0.1554 0.1691 -0.0219 -0.0368 0.0269  1   OMC A N3    
4   C  C4    . OMC A 1 ? 0.2399 0.2019 0.1645 -0.0186 -0.0374 0.0039  1   OMC A C4    
5   C  C5    . OMC A 1 ? 0.2663 0.2064 0.1800 -0.0275 -0.0526 -0.0003 1   OMC A C5    
6   C  C6    . OMC A 1 ? 0.2455 0.2309 0.1942 -0.0520 -0.0424 0.0429  1   OMC A C6    
7   O  O2    . OMC A 1 ? 0.2254 0.1316 0.2752 -0.0129 -0.0393 0.0299  1   OMC A O2    
8   N  N4    . OMC A 1 ? 0.2392 0.2254 0.1791 0.0001  -0.0337 -0.0010 1   OMC A N4    
9   C  "C1'" . OMC A 1 ? 0.2550 0.2242 0.2808 -0.0182 -0.0838 0.0536  1   OMC A "C1'" 
10  C  "C2'" . OMC A 1 ? 0.2169 0.1867 0.3098 -0.0027 -0.0922 0.0643  1   OMC A "C2'" 
11  O  "O2'" . OMC A 1 ? 0.2299 0.1856 0.3521 0.0104  -0.1014 0.0172  1   OMC A "O2'" 
12  C  CM2   . OMC A 1 ? 0.3581 0.1977 0.3444 0.0568  -0.1417 0.0161  1   OMC A CM2   
13  C  "C3'" . OMC A 1 ? 0.1819 0.2084 0.3414 0.0141  -0.0682 0.0344  1   OMC A "C3'" 
14  C  "C4'" . OMC A 1 ? 0.2375 0.3137 0.3161 -0.0566 -0.0692 0.0217  1   OMC A "C4'" 
15  O  "O4'" . OMC A 1 ? 0.2555 0.2283 0.2913 -0.0199 -0.1113 0.0445  1   OMC A "O4'" 
16  O  "O3'" . OMC A 1 ? 0.2037 0.2091 0.3281 0.0007  -0.0900 0.0383  1   OMC A "O3'" 
17  C  "C5'" . OMC A 1 ? 0.3065 0.3510 0.3623 -0.1498 -0.0118 -0.0353 1   OMC A "C5'" 
18  O  "O5'" . OMC A 1 ? 0.4484 0.2886 0.5231 -0.0557 0.0611  -0.0288 1   OMC A "O5'" 
33  P  P     . OMG A 2 ? 0.2080 0.1897 0.3639 -0.0063 -0.0891 0.0238  2   OMG A P     
34  O  OP1   . OMG A 2 ? 0.2243 0.2177 0.5617 -0.0407 -0.1402 0.0548  2   OMG A OP1   
35  O  OP2   . OMG A 2 ? 0.2456 0.1541 0.3994 -0.0057 -0.0623 0.0048  2   OMG A OP2   
36  O  "O5'" . OMG A 2 ? 0.1851 0.2021 0.3188 0.0093  -0.0474 0.0604  2   OMG A "O5'" 
37  C  "C5'" . OMG A 2 ? 0.1635 0.2730 0.3296 0.0170  -0.0293 0.0746  2   OMG A "C5'" 
38  C  "C4'" . OMG A 2 ? 0.1806 0.2007 0.3301 0.0273  -0.0218 0.0649  2   OMG A "C4'" 
39  O  "O4'" . OMG A 2 ? 0.1822 0.1812 0.3787 0.0320  -0.0361 0.0675  2   OMG A "O4'" 
40  C  "C3'" . OMG A 2 ? 0.1330 0.1823 0.3043 0.0320  -0.0112 0.0369  2   OMG A "C3'" 
41  O  "O3'" . OMG A 2 ? 0.1529 0.2188 0.3750 0.0189  0.0114  0.0772  2   OMG A "O3'" 
42  C  "C2'" . OMG A 2 ? 0.1706 0.1374 0.3046 0.0437  -0.0092 0.0043  2   OMG A "C2'" 
43  O  "O2'" . OMG A 2 ? 0.2890 0.2162 0.3054 0.0978  0.0265  0.0100  2   OMG A "O2'" 
44  C  CM2   . OMG A 2 ? 0.2574 0.2076 0.3017 0.0751  0.0584  -0.0053 2   OMG A CM2   
45  C  "C1'" . OMG A 2 ? 0.1894 0.1491 0.3263 0.0368  -0.0191 0.0306  2   OMG A "C1'" 
46  N  N9    . OMG A 2 ? 0.1741 0.1952 0.2821 0.0281  -0.0260 0.0463  2   OMG A N9    
47  C  C8    . OMG A 2 ? 0.1750 0.1974 0.3012 0.0203  -0.0448 0.0101  2   OMG A C8    
48  N  N7    . OMG A 2 ? 0.1762 0.2042 0.2505 0.0195  -0.0377 0.0531  2   OMG A N7    
49  C  C5    . OMG A 2 ? 0.1779 0.1268 0.2508 0.0204  -0.0376 0.0388  2   OMG A C5    
50  C  C6    . OMG A 2 ? 0.1689 0.1566 0.2369 -0.0090 -0.0243 0.0489  2   OMG A C6    
51  O  O6    . OMG A 2 ? 0.1556 0.2036 0.2345 -0.0306 -0.0357 -0.0054 2   OMG A O6    
52  N  N1    . OMG A 2 ? 0.1325 0.1833 0.2339 -0.0084 -0.0090 0.0446  2   OMG A N1    
53  C  C2    . OMG A 2 ? 0.1456 0.1683 0.2920 -0.0088 -0.0080 -0.0246 2   OMG A C2    
54  N  N2    . OMG A 2 ? 0.1640 0.1629 0.2927 0.0572  -0.0214 -0.0389 2   OMG A N2    
55  N  N3    . OMG A 2 ? 0.1531 0.1187 0.3038 0.0207  -0.0205 -0.0252 2   OMG A N3    
56  C  C4    . OMG A 2 ? 0.1794 0.0999 0.2945 0.0081  -0.0302 -0.0002 2   OMG A C4    
70  N  N1    . OMC A 3 ? 0.1417 0.1299 0.2684 0.0539  0.0234  0.0133  3   OMC A N1    
71  C  C2    . OMC A 3 ? 0.1414 0.1171 0.2425 0.0194  0.0199  -0.0235 3   OMC A C2    
72  N  N3    . OMC A 3 ? 0.1457 0.1666 0.2257 0.0139  0.0150  -0.0372 3   OMC A N3    
73  C  C4    . OMC A 3 ? 0.1550 0.0945 0.2405 0.0286  -0.0024 0.0106  3   OMC A C4    
74  C  C5    . OMC A 3 ? 0.1548 0.1380 0.2738 0.0343  -0.0043 0.0025  3   OMC A C5    
75  C  C6    . OMC A 3 ? 0.1496 0.1299 0.2797 0.0272  0.0085  0.0361  3   OMC A C6    
76  O  O2    . OMC A 3 ? 0.1523 0.1617 0.2183 0.0029  0.0266  -0.0226 3   OMC A O2    
77  N  N4    . OMC A 3 ? 0.1624 0.1723 0.2267 0.0319  -0.0138 -0.0263 3   OMC A N4    
78  C  "C1'" . OMC A 3 ? 0.1606 0.1319 0.2863 0.0360  0.0408  -0.0270 3   OMC A "C1'" 
79  C  "C2'" . OMC A 3 ? 0.1588 0.1351 0.2544 0.0227  0.0555  -0.0384 3   OMC A "C2'" 
80  O  "O2'" . OMC A 3 ? 0.2065 0.1739 0.2641 0.0058  0.0785  -0.0423 3   OMC A "O2'" 
81  C  CM2   . OMC A 3 ? 0.2805 0.1653 0.2662 0.0569  0.0010  -0.0139 3   OMC A CM2   
82  C  "C3'" . OMC A 3 ? 0.1450 0.1538 0.2857 0.0311  0.0496  0.0043  3   OMC A "C3'" 
83  C  "C4'" . OMC A 3 ? 0.1606 0.1767 0.3333 0.0458  0.0804  -0.0177 3   OMC A "C4'" 
84  O  "O4'" . OMC A 3 ? 0.1688 0.1523 0.3925 0.0482  0.0755  -0.0060 3   OMC A "O4'" 
85  O  "O3'" . OMC A 3 ? 0.1408 0.1878 0.2721 0.0229  0.0537  -0.0024 3   OMC A "O3'" 
86  C  "C5'" . OMC A 3 ? 0.1494 0.1833 0.3676 0.0509  0.0870  0.0404  3   OMC A "C5'" 
87  O  "O5'" . OMC A 3 ? 0.1503 0.1704 0.3570 0.0259  0.0342  0.0235  3   OMC A "O5'" 
88  P  P     . OMC A 3 ? 0.1645 0.1969 0.4146 -0.0032 -0.0012 0.0474  3   OMC A P     
89  O  OP1   . OMC A 3 ? 0.1614 0.2470 0.5532 -0.0316 -0.0045 0.0569  3   OMC A OP1   
90  O  OP2   . OMC A 3 ? 0.2569 0.2281 0.3642 0.0351  -0.0341 0.0607  3   OMC A OP2   
104 P  P     . OMG A 4 ? 0.1507 0.1670 0.2716 0.0008  0.0418  0.0174  4   OMG A P     
105 O  OP1   . OMG A 4 ? 0.1719 0.2163 0.3318 0.0143  0.0683  0.0604  4   OMG A OP1   
106 O  OP2   . OMG A 4 ? 0.1973 0.1659 0.2655 -0.0022 0.0034  0.0194  4   OMG A OP2   
107 O  "O5'" . OMG A 4 ? 0.1544 0.1732 0.2242 0.0183  0.0381  -0.0054 4   OMG A "O5'" 
108 C  "C5'" . OMG A 4 ? 0.1662 0.2058 0.2072 0.0252  0.0710  0.0050  4   OMG A "C5'" 
109 C  "C4'" . OMG A 4 ? 0.1627 0.1739 0.1842 0.0054  0.0422  0.0110  4   OMG A "C4'" 
110 O  "O4'" . OMG A 4 ? 0.1740 0.1509 0.1725 0.0074  0.0519  -0.0054 4   OMG A "O4'" 
111 C  "C3'" . OMG A 4 ? 0.1662 0.1427 0.1845 0.0234  0.0406  0.0304  4   OMG A "C3'" 
112 O  "O3'" . OMG A 4 ? 0.1747 0.1658 0.2088 0.0103  0.0354  0.0415  4   OMG A "O3'" 
113 C  "C2'" . OMG A 4 ? 0.1648 0.1412 0.1646 0.0044  0.0170  -0.0093 4   OMG A "C2'" 
114 O  "O2'" . OMG A 4 ? 0.1745 0.1640 0.1827 0.0120  0.0187  0.0112  4   OMG A "O2'" 
115 C  CM2   . OMG A 4 ? 0.1639 0.1885 0.2738 -0.0134 -0.0063 0.0565  4   OMG A CM2   
116 C  "C1'" . OMG A 4 ? 0.1846 0.1419 0.1719 0.0147  0.0575  0.0069  4   OMG A "C1'" 
117 N  N9    . OMG A 4 ? 0.1675 0.1487 0.1700 0.0446  0.0452  -0.0043 4   OMG A N9    
118 C  C8    . OMG A 4 ? 0.1753 0.1221 0.1863 0.0437  0.0450  0.0029  4   OMG A C8    
119 N  N7    . OMG A 4 ? 0.1805 0.1364 0.1877 0.0324  0.0497  0.0117  4   OMG A N7    
120 C  C5    . OMG A 4 ? 0.1724 0.1250 0.1805 -0.0003 0.0494  0.0145  4   OMG A C5    
121 C  C6    . OMG A 4 ? 0.1571 0.1180 0.1791 0.0021  0.0387  0.0149  4   OMG A C6    
122 O  O6    . OMG A 4 ? 0.1867 0.1488 0.1762 0.0294  0.0521  0.0265  4   OMG A O6    
123 N  N1    . OMG A 4 ? 0.1521 0.1264 0.2106 0.0094  0.0244  -0.0073 4   OMG A N1    
124 C  C2    . OMG A 4 ? 0.1428 0.1282 0.2071 0.0036  0.0290  -0.0029 4   OMG A C2    
125 N  N2    . OMG A 4 ? 0.1567 0.1414 0.2310 0.0365  0.0187  0.0014  4   OMG A N2    
126 N  N3    . OMG A 4 ? 0.1587 0.1207 0.2129 0.0038  0.0333  -0.0223 4   OMG A N3    
127 C  C4    . OMG A 4 ? 0.1707 0.1018 0.1848 0.0215  0.0547  0.0123  4   OMG A C4    
141 N  N1    . OMC A 5 ? 0.1835 0.1348 0.1891 0.0181  0.0210  0.0169  5   OMC A N1    
142 C  C2    . OMC A 5 ? 0.1641 0.1555 0.1815 0.0017  0.0183  -0.0027 5   OMC A C2    
143 N  N3    . OMC A 5 ? 0.1863 0.1597 0.1687 0.0018  0.0106  -0.0060 5   OMC A N3    
144 C  C4    . OMC A 5 ? 0.1987 0.1307 0.1722 0.0174  0.0155  0.0125  5   OMC A C4    
145 C  C5    . OMC A 5 ? 0.1911 0.0963 0.1551 0.0079  0.0058  -0.0110 5   OMC A C5    
146 C  C6    . OMC A 5 ? 0.1924 0.1397 0.1677 0.0395  0.0290  0.0115  5   OMC A C6    
147 O  O2    . OMC A 5 ? 0.1861 0.1635 0.2358 0.0358  0.0289  -0.0267 5   OMC A O2    
148 N  N4    . OMC A 5 ? 0.1873 0.1580 0.1790 -0.0105 0.0022  0.0351  5   OMC A N4    
149 C  "C1'" . OMC A 5 ? 0.1630 0.1370 0.1864 0.0172  0.0124  -0.0028 5   OMC A "C1'" 
150 C  "C2'" . OMC A 5 ? 0.1665 0.1238 0.2275 0.0227  0.0134  -0.0044 5   OMC A "C2'" 
151 O  "O2'" . OMC A 5 ? 0.1846 0.1378 0.2336 0.0221  -0.0004 -0.0001 5   OMC A "O2'" 
152 C  CM2   . OMC A 5 ? 0.1702 0.1643 0.1895 0.0298  -0.0119 -0.0265 5   OMC A CM2   
153 C  "C3'" . OMC A 5 ? 0.1870 0.1359 0.2221 0.0211  0.0141  0.0331  5   OMC A "C3'" 
154 C  "C4'" . OMC A 5 ? 0.2011 0.1501 0.2102 0.0307  0.0164  0.0360  5   OMC A "C4'" 
155 O  "O4'" . OMC A 5 ? 0.2042 0.1431 0.1930 0.0381  0.0309  0.0145  5   OMC A "O4'" 
156 O  "O3'" . OMC A 5 ? 0.1842 0.1296 0.2961 0.0211  -0.0140 0.0308  5   OMC A "O3'" 
157 C  "C5'" . OMC A 5 ? 0.2122 0.1553 0.2031 0.0310  0.0180  0.0534  5   OMC A "C5'" 
158 O  "O5'" . OMC A 5 ? 0.1917 0.1368 0.2158 0.0186  0.0170  0.0450  5   OMC A "O5'" 
159 P  P     . OMC A 5 ? 0.1865 0.1562 0.2532 0.0104  0.0244  0.0305  5   OMC A P     
160 O  OP1   . OMC A 5 ? 0.2255 0.1741 0.2778 0.0026  0.0654  0.0264  5   OMC A OP1   
161 O  OP2   . OMC A 5 ? 0.1981 0.1347 0.3491 0.0102  -0.0562 0.0121  5   OMC A OP2   
175 P  P     . OMG A 6 ? 0.1926 0.1725 0.3274 -0.0100 -0.0362 0.0415  6   OMG A P     
176 O  OP1   . OMG A 6 ? 0.2943 0.1515 0.3672 -0.0288 0.0271  0.0146  6   OMG A OP1   
177 O  OP2   . OMG A 6 ? 0.1610 0.2918 0.3979 -0.0095 -0.0280 0.0992  6   OMG A OP2   
178 O  "O5'" . OMG A 6 ? 0.1993 0.1570 0.2839 0.0212  -0.0557 0.0349  6   OMG A "O5'" 
179 C  "C5'" . OMG A 6 ? 0.2455 0.1504 0.2626 0.0592  -0.0365 0.0234  6   OMG A "C5'" 
180 C  "C4'" . OMG A 6 ? 0.2638 0.1574 0.2343 0.0423  -0.0451 -0.0261 6   OMG A "C4'" 
181 O  "O4'" . OMG A 6 ? 0.2208 0.1585 0.1900 0.0348  -0.0192 -0.0289 6   OMG A "O4'" 
182 C  "C3'" . OMG A 6 ? 0.2765 0.1439 0.2744 0.0512  -0.0691 -0.0440 6   OMG A "C3'" 
183 O  "O3'" . OMG A 6 ? 0.4704 0.1582 0.3161 0.0700  -0.1274 -0.0633 6   OMG A "O3'" 
184 C  "C2'" . OMG A 6 ? 0.2345 0.2115 0.2236 0.0568  -0.0724 -0.0643 6   OMG A "C2'" 
185 O  "O2'" . OMG A 6 ? 0.2994 0.2669 0.2472 0.1354  -0.0559 -0.0275 6   OMG A "O2'" 
186 C  CM2   . OMG A 6 ? 0.3180 0.2638 0.2621 0.0225  -0.0093 -0.0694 6   OMG A CM2   
187 C  "C1'" . OMG A 6 ? 0.2088 0.1866 0.2036 0.0336  -0.0568 -0.0231 6   OMG A "C1'" 
188 N  N9    . OMG A 6 ? 0.1750 0.1559 0.2132 0.0029  -0.0175 0.0106  6   OMG A N9    
189 C  C8    . OMG A 6 ? 0.1969 0.1491 0.2057 0.0034  -0.0041 0.0335  6   OMG A C8    
190 N  N7    . OMG A 6 ? 0.1968 0.1449 0.1618 0.0144  -0.0076 -0.0017 6   OMG A N7    
191 C  C5    . OMG A 6 ? 0.2001 0.1278 0.1584 -0.0034 -0.0111 -0.0065 6   OMG A C5    
192 C  C6    . OMG A 6 ? 0.2209 0.1485 0.1428 -0.0040 -0.0278 -0.0108 6   OMG A C6    
193 O  O6    . OMG A 6 ? 0.2520 0.1393 0.1732 0.0222  -0.0014 0.0005  6   OMG A O6    
194 N  N1    . OMG A 6 ? 0.2618 0.1362 0.1671 0.0108  0.0074  -0.0016 6   OMG A N1    
195 C  C2    . OMG A 6 ? 0.2484 0.1502 0.1668 -0.0042 -0.0006 -0.0260 6   OMG A C2    
196 N  N2    . OMG A 6 ? 0.2158 0.2069 0.1822 -0.0235 -0.0096 -0.0151 6   OMG A N2    
197 N  N3    . OMG A 6 ? 0.2067 0.1376 0.2106 0.0052  0.0098  -0.0129 6   OMG A N3    
198 C  C4    . OMG A 6 ? 0.1988 0.1367 0.1865 -0.0029 -0.0022 -0.0067 6   OMG A C4    
213 N  N1    . OMC B 1 ? 0.3103 0.2056 0.1839 -0.0639 -0.0322 0.0189  1   OMC B N1    
214 C  C2    . OMC B 1 ? 0.2642 0.2015 0.2002 -0.0412 -0.0177 0.0169  1   OMC B C2    
215 N  N3    . OMC B 1 ? 0.2387 0.1877 0.1816 -0.0392 -0.0371 0.0193  1   OMC B N3    
216 C  C4    . OMC B 1 ? 0.2573 0.1978 0.1806 -0.0152 -0.0326 0.0474  1   OMC B C4    
217 C  C5    . OMC B 1 ? 0.3154 0.1867 0.2068 -0.0328 -0.0193 0.0602  1   OMC B C5    
218 C  C6    . OMC B 1 ? 0.2958 0.2134 0.2000 -0.0516 -0.0318 0.0620  1   OMC B C6    
219 O  O2    . OMC B 1 ? 0.2662 0.2032 0.2071 -0.0450 -0.0385 -0.0484 1   OMC B O2    
220 N  N4    . OMC B 1 ? 0.2870 0.2001 0.1795 0.0111  -0.0236 0.0548  1   OMC B N4    
221 C  "C1'" . OMC B 1 ? 0.3705 0.2180 0.1683 -0.0675 -0.0237 0.0010  1   OMC B "C1'" 
222 C  "C2'" . OMC B 1 ? 0.3393 0.2042 0.1558 -0.0326 0.0201  -0.0329 1   OMC B "C2'" 
223 O  "O2'" . OMC B 1 ? 0.4411 0.1934 0.1645 -0.0668 0.0615  -0.0417 1   OMC B "O2'" 
224 C  CM2   . OMC B 1 ? 0.3733 0.2564 0.1642 0.0020  0.0508  -0.0373 1   OMC B CM2   
225 C  "C3'" . OMC B 1 ? 0.3399 0.2044 0.1737 -0.0560 0.0528  -0.0137 1   OMC B "C3'" 
226 C  "C4'" . OMC B 1 ? 0.4038 0.2564 0.2187 -0.0664 -0.0077 0.0481  1   OMC B "C4'" 
227 O  "O4'" . OMC B 1 ? 0.3618 0.2353 0.1726 -0.0397 -0.0040 0.0076  1   OMC B "O4'" 
228 O  "O3'" . OMC B 1 ? 0.3687 0.2532 0.1540 -0.0810 0.0713  -0.0275 1   OMC B "O3'" 
229 C  "C5'" . OMC B 1 ? 0.3462 0.2559 0.2949 -0.0846 -0.0122 0.0249  1   OMC B "C5'" 
230 O  "O5'" . OMC B 1 ? 0.2837 0.4318 0.3933 -0.0098 0.0013  0.0003  1   OMC B "O5'" 
245 P  P     . OMG B 2 ? 0.3493 0.2228 0.1939 -0.0787 0.0664  -0.0206 2   OMG B P     
246 O  OP1   . OMG B 2 ? 0.4564 0.2999 0.2026 -0.1582 0.0920  -0.0141 2   OMG B OP1   
247 O  OP2   . OMG B 2 ? 0.3808 0.2118 0.2209 -0.0617 0.0594  -0.0608 2   OMG B OP2   
248 O  "O5'" . OMG B 2 ? 0.3027 0.2505 0.1833 -0.0689 0.0650  -0.0235 2   OMG B "O5'" 
249 C  "C5'" . OMG B 2 ? 0.2207 0.3385 0.1725 -0.0629 0.0349  -0.0314 2   OMG B "C5'" 
250 C  "C4'" . OMG B 2 ? 0.3057 0.2327 0.1951 -0.0825 0.0017  -0.0736 2   OMG B "C4'" 
251 O  "O4'" . OMG B 2 ? 0.2472 0.2569 0.1930 -0.0469 0.0580  -0.0880 2   OMG B "O4'" 
252 C  "C3'" . OMG B 2 ? 0.2203 0.2765 0.1671 -0.0337 0.0281  -0.0560 2   OMG B "C3'" 
253 O  "O3'" . OMG B 2 ? 0.2266 0.3365 0.1848 -0.0617 0.0344  -0.0819 2   OMG B "O3'" 
254 C  "C2'" . OMG B 2 ? 0.2385 0.2353 0.1874 -0.0055 0.0616  -0.0800 2   OMG B "C2'" 
255 O  "O2'" . OMG B 2 ? 0.2620 0.2863 0.2920 0.0319  0.0580  -0.0947 2   OMG B "O2'" 
256 C  CM2   . OMG B 2 ? 0.4131 0.2115 0.3294 0.0573  0.0334  -0.1261 2   OMG B CM2   
257 C  "C1'" . OMG B 2 ? 0.2646 0.2469 0.1933 -0.0291 0.0459  -0.0798 2   OMG B "C1'" 
258 N  N9    . OMG B 2 ? 0.2412 0.2406 0.1546 -0.0362 0.0215  -0.0639 2   OMG B N9    
259 C  C8    . OMG B 2 ? 0.2260 0.2365 0.2154 -0.0548 0.0414  -0.0173 2   OMG B C8    
260 N  N7    . OMG B 2 ? 0.2493 0.2154 0.1854 -0.0391 0.0414  -0.0215 2   OMG B N7    
261 C  C5    . OMG B 2 ? 0.2343 0.1979 0.1879 -0.0468 0.0275  -0.0259 2   OMG B C5    
262 C  C6    . OMG B 2 ? 0.2203 0.1466 0.1820 -0.0477 0.0176  -0.0384 2   OMG B C6    
263 O  O6    . OMG B 2 ? 0.2026 0.1807 0.1691 -0.0431 0.0049  0.0148  2   OMG B O6    
264 N  N1    . OMG B 2 ? 0.1955 0.1709 0.1872 -0.0288 0.0362  -0.0306 2   OMG B N1    
265 C  C2    . OMG B 2 ? 0.2278 0.1429 0.2431 -0.0215 0.0808  -0.0251 2   OMG B C2    
266 N  N2    . OMG B 2 ? 0.2197 0.1597 0.2320 -0.0077 0.0619  -0.0292 2   OMG B N2    
267 N  N3    . OMG B 2 ? 0.2492 0.1565 0.1872 -0.0265 0.0672  -0.0702 2   OMG B N3    
268 C  C4    . OMG B 2 ? 0.2360 0.1867 0.1716 -0.0530 0.0228  -0.0659 2   OMG B C4    
282 N  N1    . OMC B 3 ? 0.1892 0.1753 0.2242 -0.0150 0.0623  -0.0535 3   OMC B N1    
283 C  C2    . OMC B 3 ? 0.1567 0.1488 0.2466 -0.0202 0.0472  -0.0122 3   OMC B C2    
284 N  N3    . OMC B 3 ? 0.1664 0.1814 0.1900 -0.0026 0.0274  -0.0301 3   OMC B N3    
285 C  C4    . OMC B 3 ? 0.1805 0.1413 0.1825 -0.0312 0.0306  -0.0428 3   OMC B C4    
286 C  C5    . OMC B 3 ? 0.2006 0.1961 0.1960 -0.0346 0.0509  -0.0438 3   OMC B C5    
287 C  C6    . OMC B 3 ? 0.2166 0.1998 0.2085 -0.0119 0.0726  -0.0556 3   OMC B C6    
288 O  O2    . OMC B 3 ? 0.1514 0.1461 0.2389 0.0188  0.0505  -0.0253 3   OMC B O2    
289 N  N4    . OMC B 3 ? 0.1897 0.2077 0.1492 -0.0150 0.0201  -0.0251 3   OMC B N4    
290 C  "C1'" . OMC B 3 ? 0.1906 0.1667 0.2563 0.0084  0.0696  -0.0889 3   OMC B "C1'" 
291 C  "C2'" . OMC B 3 ? 0.1863 0.1677 0.2529 0.0184  0.0564  -0.0784 3   OMC B "C2'" 
292 O  "O2'" . OMC B 3 ? 0.1769 0.2103 0.3140 0.0316  0.0480  -0.0750 3   OMC B "O2'" 
293 C  CM2   . OMC B 3 ? 0.2236 0.2635 0.2266 0.0701  0.0194  -0.0754 3   OMC B CM2   
294 C  "C3'" . OMC B 3 ? 0.1656 0.2040 0.2727 -0.0085 0.0691  -0.0902 3   OMC B "C3'" 
295 C  "C4'" . OMC B 3 ? 0.1792 0.2159 0.2602 0.0006  0.0608  -0.0903 3   OMC B "C4'" 
296 O  "O4'" . OMC B 3 ? 0.1883 0.2131 0.2430 -0.0081 0.0502  -0.0774 3   OMC B "O4'" 
297 O  "O3'" . OMC B 3 ? 0.1723 0.2185 0.2250 0.0045  0.0348  -0.0662 3   OMC B "O3'" 
298 C  "C5'" . OMC B 3 ? 0.1694 0.3063 0.2553 -0.0587 0.0469  -0.0879 3   OMC B "C5'" 
299 O  "O5'" . OMC B 3 ? 0.2160 0.2735 0.2103 -0.0692 0.0309  -0.0751 3   OMC B "O5'" 
300 P  P     . OMC B 3 ? 0.2414 0.2951 0.2241 -0.0821 0.0696  -0.0689 3   OMC B P     
301 O  OP1   . OMC B 3 ? 0.3036 0.3264 0.3393 -0.1268 0.1618  -0.1098 3   OMC B OP1   
302 O  OP2   . OMC B 3 ? 0.2886 0.3037 0.2362 -0.0562 0.0005  -0.0499 3   OMC B OP2   
316 P  P     . OMG B 4 ? 0.1627 0.2034 0.2197 -0.0242 0.0382  -0.0550 4   OMG B P     
317 O  OP1   . OMG B 4 ? 0.1571 0.2836 0.2606 -0.0375 0.0626  -0.0933 4   OMG B OP1   
318 O  OP2   . OMG B 4 ? 0.2325 0.2048 0.2200 -0.0355 0.0190  -0.0264 4   OMG B OP2   
319 O  "O5'" . OMG B 4 ? 0.1398 0.1877 0.2084 0.0065  0.0350  -0.0372 4   OMG B "O5'" 
320 C  "C5'" . OMG B 4 ? 0.1277 0.1949 0.2358 0.0083  0.0370  -0.0224 4   OMG B "C5'" 
321 C  "C4'" . OMG B 4 ? 0.1221 0.1792 0.2028 -0.0032 0.0146  -0.0385 4   OMG B "C4'" 
322 O  "O4'" . OMG B 4 ? 0.1154 0.1579 0.2286 0.0113  0.0239  -0.0517 4   OMG B "O4'" 
323 C  "C3'" . OMG B 4 ? 0.1666 0.1719 0.1606 -0.0034 0.0142  -0.0512 4   OMG B "C3'" 
324 O  "O3'" . OMG B 4 ? 0.1619 0.2038 0.2060 -0.0164 0.0217  -0.0675 4   OMG B "O3'" 
325 C  "C2'" . OMG B 4 ? 0.1396 0.1574 0.1635 0.0211  0.0010  -0.0298 4   OMG B "C2'" 
326 O  "O2'" . OMG B 4 ? 0.1657 0.2011 0.1590 -0.0043 0.0017  -0.0194 4   OMG B "O2'" 
327 C  CM2   . OMG B 4 ? 0.2244 0.2231 0.2140 -0.0254 0.0596  0.0120  4   OMG B CM2   
328 C  "C1'" . OMG B 4 ? 0.1098 0.1769 0.1912 0.0196  -0.0027 -0.0433 4   OMG B "C1'" 
329 N  N9    . OMG B 4 ? 0.1280 0.1571 0.1682 0.0181  0.0077  -0.0370 4   OMG B N9    
330 C  C8    . OMG B 4 ? 0.1426 0.1587 0.1810 0.0264  0.0249  -0.0270 4   OMG B C8    
331 N  N7    . OMG B 4 ? 0.1429 0.1613 0.1891 0.0091  0.0146  0.0066  4   OMG B N7    
332 C  C5    . OMG B 4 ? 0.1294 0.1532 0.1997 0.0188  0.0050  -0.0124 4   OMG B C5    
333 C  C6    . OMG B 4 ? 0.1323 0.1574 0.1680 0.0037  0.0070  -0.0137 4   OMG B C6    
334 O  O6    . OMG B 4 ? 0.1281 0.1780 0.1682 0.0228  -0.0062 -0.0411 4   OMG B O6    
335 N  N1    . OMG B 4 ? 0.1511 0.1152 0.1720 -0.0059 0.0239  -0.0306 4   OMG B N1    
336 C  C2    . OMG B 4 ? 0.1363 0.1587 0.1642 -0.0061 0.0258  -0.0430 4   OMG B C2    
337 N  N2    . OMG B 4 ? 0.1555 0.2216 0.1672 -0.0141 0.0327  -0.0447 4   OMG B N2    
338 N  N3    . OMG B 4 ? 0.1479 0.1281 0.1914 0.0096  0.0252  -0.0449 4   OMG B N3    
339 C  C4    . OMG B 4 ? 0.1214 0.1522 0.1878 0.0167  0.0133  -0.0249 4   OMG B C4    
353 N  N1    . OMC B 5 ? 0.1548 0.1466 0.1687 -0.0023 -0.0021 -0.0452 5   OMC B N1    
354 C  C2    . OMC B 5 ? 0.1576 0.1359 0.1847 0.0355  -0.0015 -0.0493 5   OMC B C2    
355 N  N3    . OMC B 5 ? 0.1501 0.1370 0.1853 -0.0081 -0.0025 -0.0201 5   OMC B N3    
356 C  C4    . OMC B 5 ? 0.1590 0.1515 0.1711 -0.0114 -0.0124 -0.0493 5   OMC B C4    
357 C  C5    . OMC B 5 ? 0.1626 0.1658 0.1688 0.0125  -0.0144 -0.0732 5   OMC B C5    
358 C  C6    . OMC B 5 ? 0.1476 0.1664 0.1659 -0.0042 -0.0013 -0.0446 5   OMC B C6    
359 O  O2    . OMC B 5 ? 0.1748 0.1884 0.1936 0.0375  0.0124  -0.0436 5   OMC B O2    
360 N  N4    . OMC B 5 ? 0.1624 0.1818 0.1707 -0.0243 -0.0165 -0.0231 5   OMC B N4    
361 C  "C1'" . OMC B 5 ? 0.1473 0.1584 0.1640 -0.0018 0.0107  -0.0154 5   OMC B "C1'" 
362 C  "C2'" . OMC B 5 ? 0.1583 0.1718 0.1624 0.0077  0.0090  -0.0570 5   OMC B "C2'" 
363 O  "O2'" . OMC B 5 ? 0.1957 0.1884 0.1547 0.0053  0.0201  -0.0240 5   OMC B "O2'" 
364 C  CM2   . OMC B 5 ? 0.1987 0.1457 0.1590 0.0058  0.0277  -0.0203 5   OMC B CM2   
365 C  "C3'" . OMC B 5 ? 0.1646 0.1906 0.1446 -0.0204 -0.0059 -0.0270 5   OMC B "C3'" 
366 C  "C4'" . OMC B 5 ? 0.1663 0.2155 0.1519 0.0057  -0.0180 -0.0366 5   OMC B "C4'" 
367 O  "O4'" . OMC B 5 ? 0.1625 0.1839 0.1714 0.0149  -0.0032 -0.0233 5   OMC B "O4'" 
368 O  "O3'" . OMC B 5 ? 0.2020 0.2035 0.1845 -0.0461 0.0283  -0.0456 5   OMC B "O3'" 
369 C  "C5'" . OMC B 5 ? 0.1664 0.2314 0.1646 -0.0020 -0.0266 -0.0400 5   OMC B "C5'" 
370 O  "O5'" . OMC B 5 ? 0.1823 0.1784 0.1679 -0.0236 0.0015  -0.0463 5   OMC B "O5'" 
371 P  P     . OMC B 5 ? 0.1826 0.2112 0.2137 -0.0400 0.0200  -0.0534 5   OMC B P     
372 O  OP1   . OMC B 5 ? 0.1850 0.2484 0.3090 -0.0414 0.0196  -0.1242 5   OMC B OP1   
373 O  OP2   . OMC B 5 ? 0.3130 0.2141 0.1963 -0.0844 0.0754  -0.0607 5   OMC B OP2   
387 P  P     . OMG B 6 ? 0.2791 0.2107 0.1923 -0.0733 0.0422  -0.0432 6   OMG B P     
388 O  OP1   . OMG B 6 ? 0.3031 0.2304 0.2801 -0.1134 0.0444  -0.0714 6   OMG B OP1   
389 O  OP2   . OMG B 6 ? 0.2701 0.3175 0.2062 -0.1079 0.0649  -0.0309 6   OMG B OP2   
390 O  "O5'" . OMG B 6 ? 0.3026 0.1590 0.1636 -0.0278 0.0329  -0.0473 6   OMG B "O5'" 
391 C  "C5'" . OMG B 6 ? 0.2909 0.1990 0.1505 -0.0102 0.0112  -0.0438 6   OMG B "C5'" 
392 C  "C4'" . OMG B 6 ? 0.3204 0.1666 0.1521 0.0368  0.0046  -0.0394 6   OMG B "C4'" 
393 O  "O4'" . OMG B 6 ? 0.2566 0.1761 0.1660 0.0183  -0.0001 -0.0168 6   OMG B "O4'" 
394 C  "C3'" . OMG B 6 ? 0.4079 0.1627 0.1453 0.0197  -0.0080 -0.0413 6   OMG B "C3'" 
395 O  "O3'" . OMG B 6 ? 0.4707 0.1618 0.2649 0.0740  -0.0682 -0.0475 6   OMG B "O3'" 
396 C  "C2'" . OMG B 6 ? 0.3858 0.2001 0.1428 0.0688  -0.0071 -0.0330 6   OMG B "C2'" 
397 O  "O2'" . OMG B 6 ? 0.4195 0.2621 0.1819 0.1288  0.0129  -0.0181 6   OMG B "O2'" 
398 C  CM2   . OMG B 6 ? 0.4010 0.4176 0.2072 0.1169  0.0130  -0.0244 6   OMG B CM2   
399 C  "C1'" . OMG B 6 ? 0.2393 0.2056 0.1513 0.0304  0.0221  -0.0021 6   OMG B "C1'" 
400 N  N9    . OMG B 6 ? 0.2136 0.1637 0.1619 0.0131  0.0105  -0.0132 6   OMG B N9    
401 C  C8    . OMG B 6 ? 0.2005 0.1332 0.1560 -0.0009 -0.0009 -0.0238 6   OMG B C8    
402 N  N7    . OMG B 6 ? 0.2019 0.1294 0.1416 0.0201  -0.0151 -0.0138 6   OMG B N7    
403 C  C5    . OMG B 6 ? 0.1996 0.1024 0.1628 0.0089  -0.0130 -0.0106 6   OMG B C5    
404 C  C6    . OMG B 6 ? 0.2107 0.1306 0.1589 0.0076  -0.0266 -0.0001 6   OMG B C6    
405 O  O6    . OMG B 6 ? 0.2051 0.1882 0.1649 0.0113  -0.0282 -0.0241 6   OMG B O6    
406 N  N1    . OMG B 6 ? 0.2070 0.1380 0.2004 0.0057  -0.0273 -0.0231 6   OMG B N1    
407 C  C2    . OMG B 6 ? 0.2049 0.1306 0.2148 0.0181  -0.0204 0.0070  6   OMG B C2    
408 N  N2    . OMG B 6 ? 0.1996 0.1588 0.2431 -0.0035 -0.0167 0.0053  6   OMG B N2    
409 N  N3    . OMG B 6 ? 0.2049 0.1536 0.2009 0.0095  0.0096  -0.0165 6   OMG B N3    
410 C  C4    . OMG B 6 ? 0.2017 0.1562 0.1580 0.0073  0.0023  0.0070  6   OMG B C4    
425 MG MG    . MG  C . ? 0.3596 0.2149 0.2200 0.0146  -0.0319 -0.0360 101 MG  A MG    
426 MG MG    . MG  D . ? 0.1446 0.1558 0.1636 -0.0298 0.0415  0.0108  103 MG  A MG    
427 MG MG    . MG  E . ? 0.5535 0.6325 0.9260 -0.2519 -0.2695 0.4565  104 MG  A MG    
428 C  C1    . MPD F . ? 0.5634 0.3802 0.4313 0.0071  -0.0207 -0.0210 201 MPD A C1    
429 C  C2    . MPD F . ? 0.5277 0.3887 0.3236 -0.0035 -0.0177 -0.0082 201 MPD A C2    
430 O  O2    . MPD F . ? 0.5976 0.4571 0.3827 -0.0683 -0.0335 -0.0530 201 MPD A O2    
431 C  CM    . MPD F . ? 0.6346 0.3687 0.3549 0.0025  0.0666  0.0020  201 MPD A CM    
432 C  C3    . MPD F . ? 0.5373 0.4205 0.3050 -0.0221 -0.0257 0.0213  201 MPD A C3    
433 C  C4    . MPD F . ? 0.3495 0.3931 0.3055 0.0954  -0.0281 0.0173  201 MPD A C4    
434 O  O4    . MPD F . ? 0.4670 0.5179 0.2958 -0.0332 -0.0197 0.0268  201 MPD A O4    
435 C  C5    . MPD F . ? 0.3206 0.4207 0.1884 0.1259  0.0135  0.0462  201 MPD A C5    
436 MG MG    . MG  G . ? 0.4906 0.1729 0.2137 0.0463  -0.0570 -0.0210 102 MG  B MG    
437 MG MG    . MG  H . ? 0.3353 0.2358 0.3139 0.0100  0.0252  -0.0536 105 MG  B MG    
438 C  C1    . MPD I . ? 0.4737 0.3875 0.5895 0.0272  -0.0059 -0.1829 202 MPD B C1    
439 C  C2    . MPD I . ? 0.4720 0.3362 0.5750 0.0496  -0.0247 -0.1155 202 MPD B C2    
440 O  O2    . MPD I . ? 0.6262 0.3293 0.7440 0.0160  -0.0780 -0.0537 202 MPD B O2    
441 C  CM    . MPD I . ? 0.5939 0.3661 0.5728 -0.0188 0.0502  -0.1629 202 MPD B CM    
442 C  C3    . MPD I . ? 0.4343 0.3354 0.6004 0.0703  -0.0580 -0.0794 202 MPD B C3    
443 C  C4    . MPD I . ? 0.5035 0.3711 0.5414 0.0157  -0.0617 -0.0650 202 MPD B C4    
444 O  O4    . MPD I . ? 0.3365 0.4745 0.6042 0.0353  0.0087  0.0194  202 MPD B O4    
445 C  C5    . MPD I . ? 0.4458 0.5338 0.3177 0.0077  -0.1903 -0.0236 202 MPD B C5    
446 O  O     . HOH J . ? 0.2146 0.2496 0.2749 -0.0432 -0.0123 -0.0333 202 HOH A O     
447 O  O     . HOH J . ? 0.1738 0.2626 0.3498 0.0079  0.0266  0.0051  203 HOH A O     
448 O  O     . HOH J . ? 0.1798 0.2016 0.2017 0.0005  0.0520  -0.0708 204 HOH A O     
449 O  O     . HOH J . ? 0.4481 0.2658 0.2064 0.0192  -0.0276 0.0256  205 HOH A O     
450 O  O     . HOH J . ? 0.2331 0.3270 0.2331 0.0700  0.0793  0.0071  206 HOH A O     
451 O  O     . HOH J . ? 0.3253 0.3962 0.2630 0.0094  0.0538  0.0527  207 HOH A O     
452 O  O     . HOH J . ? 0.1663 0.2977 0.2853 -0.0458 -0.0267 0.0972  208 HOH A O     
453 O  O     . HOH J . ? 0.2881 0.1706 0.2674 0.0227  0.0859  0.0245  209 HOH A O     
454 O  O     . HOH J . ? 0.3108 0.2312 0.3455 0.0792  0.0209  0.0416  210 HOH A O     
455 O  O     . HOH J . ? 0.3272 0.3234 0.2411 0.1070  0.0597  0.0885  211 HOH A O     
456 O  O     . HOH J . ? 0.2987 0.3687 0.3282 0.1020  -0.0009 0.0177  212 HOH A O     
457 O  O     . HOH J . ? 0.2728 0.3078 0.4275 0.0669  0.1026  0.0833  213 HOH A O     
458 O  O     . HOH J . ? 0.2997 0.2827 0.3145 0.0320  0.0127  0.0767  214 HOH A O     
459 O  O     . HOH J . ? 0.4903 0.5207 0.3830 -0.1110 -0.0028 -0.1313 215 HOH A O     
460 O  O     . HOH J . ? 0.2507 0.2488 0.3787 -0.0394 0.0132  0.0111  216 HOH A O     
461 O  O     . HOH J . ? 0.3008 0.3024 0.2871 -0.0301 -0.0332 -0.0006 217 HOH A O     
462 O  O     . HOH J . ? 0.4204 0.2767 0.3563 -0.0535 -0.1062 -0.0425 218 HOH A O     
463 O  O     . HOH J . ? 0.4225 0.4737 0.3042 -0.1934 -0.0361 0.0437  219 HOH A O     
464 O  O     . HOH J . ? 0.3419 0.4402 0.4745 0.0308  0.1318  0.0165  220 HOH A O     
465 O  O     . HOH J . ? 0.5113 0.2533 0.1780 0.0783  0.0871  0.0377  221 HOH A O     
466 O  O     . HOH J . ? 0.3384 0.3291 0.4489 0.1217  -0.0878 -0.0397 222 HOH A O     
467 O  O     . HOH J . ? 0.3900 0.2547 0.3754 -0.0972 -0.2412 0.1761  223 HOH A O     
468 O  O     . HOH J . ? 0.2679 0.2762 0.3483 0.0181  -0.0590 0.0529  224 HOH A O     
469 O  O     . HOH J . ? 0.2656 0.3136 0.4570 0.0775  0.0174  0.0601  225 HOH A O     
470 O  O     . HOH J . ? 0.1963 0.3238 0.4755 0.0458  -0.0345 -0.0651 226 HOH A O     
471 O  O     . HOH J . ? 0.4114 0.4850 0.2727 -0.0143 -0.0311 -0.0171 227 HOH A O     
472 O  O     . HOH J . ? 0.2032 0.1587 0.1812 0.0535  -0.0498 -0.0746 228 HOH A O     
473 O  O     . HOH J . ? 0.5154 0.5550 0.3791 -0.0175 0.0585  -0.0177 229 HOH A O     
474 O  O     . HOH J . ? 0.2275 0.2262 0.2280 0.0436  0.0026  -0.0144 230 HOH A O     
475 O  O     . HOH J . ? 0.1502 0.2907 0.3154 0.0450  0.1022  0.0281  231 HOH A O     
476 O  O     . HOH J . ? 0.4001 0.3055 0.3675 0.1425  0.0622  -0.0927 232 HOH A O     
477 O  O     . HOH J . ? 0.2153 0.4620 0.2649 -0.0709 0.0726  -0.0935 233 HOH A O     
478 O  O     . HOH J . ? 0.5288 0.3183 0.2262 -0.0060 0.1134  -0.1241 234 HOH A O     
479 O  O     . HOH K . ? 0.2552 0.3167 0.2541 -0.0669 0.0727  -0.0638 203 HOH B O     
480 O  O     . HOH K . ? 0.2114 0.2593 0.2435 -0.0235 0.0067  0.0000  204 HOH B O     
481 O  O     . HOH K . ? 0.1499 0.2202 0.3679 0.0747  0.0149  -0.0061 205 HOH B O     
482 O  O     . HOH K . ? 0.2340 0.4123 0.2382 -0.1464 0.0410  -0.0277 206 HOH B O     
483 O  O     . HOH K . ? 0.2309 0.4219 0.3762 0.0750  0.0397  0.0251  207 HOH B O     
484 O  O     . HOH K . ? 0.1881 0.2301 0.3153 0.0003  -0.0505 -0.0044 208 HOH B O     
485 O  O     . HOH K . ? 0.2581 0.4176 0.2597 0.0845  0.0173  -0.0101 209 HOH B O     
486 O  O     . HOH K . ? 0.3390 0.3881 0.2313 -0.0411 -0.0010 -0.0384 210 HOH B O     
487 O  O     . HOH K . ? 0.2516 0.3801 0.4654 0.0234  0.0156  -0.1320 211 HOH B O     
488 O  O     . HOH K . ? 0.4672 0.4988 0.2409 -0.0666 0.0618  0.0498  212 HOH B O     
489 O  O     . HOH K . ? 0.4063 0.3133 0.2266 0.0485  0.0197  -0.1485 213 HOH B O     
490 O  O     . HOH K . ? 0.2395 0.4032 0.5609 0.0010  -0.1056 -0.0330 214 HOH B O     
491 O  O     . HOH K . ? 0.2855 0.3950 0.3390 0.0816  0.0438  -0.0488 215 HOH B O     
492 O  O     . HOH K . ? 0.2373 0.3889 0.3810 0.0739  0.0956  -0.1069 216 HOH B O     
493 O  O     . HOH K . ? 0.4154 0.3433 0.5934 -0.0544 -0.0568 -0.0234 217 HOH B O     
494 O  O     . HOH K . ? 0.2111 0.5288 0.3752 -0.0301 0.0584  -0.0958 218 HOH B O     
495 O  O     . HOH K . ? 0.3633 0.2434 0.4113 -0.0528 -0.0304 0.0483  219 HOH B O     
496 O  O     . HOH K . ? 0.5458 0.4206 0.3414 -0.0103 -0.0456 0.0567  220 HOH B O     
497 O  O     . HOH K . ? 0.3943 0.2538 0.3996 0.0029  0.1206  0.0533  221 HOH B O     
498 O  O     . HOH K . ? 0.8762 0.6479 0.1609 -0.2169 0.0802  -0.1037 222 HOH B O     
499 O  O     . HOH K . ? 0.1316 0.1425 0.2128 -0.0304 0.0263  0.0075  223 HOH B O     
500 O  O     . HOH K . ? 0.0875 0.3107 0.1070 -0.0227 0.0160  -0.0586 224 HOH B O     
501 O  O     . HOH K . ? 0.6324 0.3347 0.2662 -0.0471 0.0186  0.1100  225 HOH B O     
502 O  O     . HOH K . ? 0.4085 0.2749 0.2689 0.0536  0.0449  -0.0355 226 HOH B O     
503 O  O     . HOH K . ? 0.4870 0.3989 0.2554 -0.0474 0.0628  -0.0498 227 HOH B O     
504 O  O     . HOH K . ? 0.3088 0.3051 0.1452 -0.0420 0.0089  0.0248  228 HOH B O     
505 O  O     . HOH K . ? 0.2908 0.2520 0.5537 -0.0570 -0.0705 0.1500  229 HOH B O     
506 O  O     . HOH K . ? 0.4037 0.4857 0.2379 -0.1603 0.0639  -0.0217 230 HOH B O     
507 O  O     . HOH K . ? 0.4362 0.5099 0.3271 -0.1236 -0.0387 -0.0567 231 HOH B O     
508 O  O     . HOH K . ? 0.3633 0.3799 0.4985 0.0102  -0.1063 -0.0177 232 HOH B O     
509 O  O     . HOH K . ? 0.2532 0.3801 0.1707 -0.1071 0.0012  -0.0647 233 HOH B O     
510 O  O     . HOH K . ? 0.3009 0.3985 0.1518 -0.0941 -0.0437 -0.0591 234 HOH B O     
# 
loop_
_pdbx_poly_seq_scheme.asym_id 
_pdbx_poly_seq_scheme.entity_id 
_pdbx_poly_seq_scheme.seq_id 
_pdbx_poly_seq_scheme.mon_id 
_pdbx_poly_seq_scheme.ndb_seq_num 
_pdbx_poly_seq_scheme.pdb_seq_num 
_pdbx_poly_seq_scheme.auth_seq_num 
_pdbx_poly_seq_scheme.pdb_mon_id 
_pdbx_poly_seq_scheme.auth_mon_id 
_pdbx_poly_seq_scheme.pdb_strand_id 
_pdbx_poly_seq_scheme.pdb_ins_code 
_pdbx_poly_seq_scheme.hetero 
A 1 1 OMC 1 1 1 OMC +C A . n 
A 1 2 OMG 2 2 2 OMG +G A . n 
A 1 3 OMC 3 3 3 OMC +C A . n 
A 1 4 OMG 4 4 4 OMG +G A . n 
A 1 5 OMC 5 5 5 OMC +C A . n 
A 1 6 OMG 6 6 6 OMG +G A . n 
B 1 1 OMC 1 1 1 OMC +C B . n 
B 1 2 OMG 2 2 2 OMG +G B . n 
B 1 3 OMC 3 3 3 OMC +C B . n 
B 1 4 OMG 4 4 4 OMG +G B . n 
B 1 5 OMC 5 5 5 OMC +C B . n 
B 1 6 OMG 6 6 6 OMG +G B . n 
# 
loop_
_pdbx_nonpoly_scheme.asym_id 
_pdbx_nonpoly_scheme.entity_id 
_pdbx_nonpoly_scheme.mon_id 
_pdbx_nonpoly_scheme.ndb_seq_num 
_pdbx_nonpoly_scheme.pdb_seq_num 
_pdbx_nonpoly_scheme.auth_seq_num 
_pdbx_nonpoly_scheme.pdb_mon_id 
_pdbx_nonpoly_scheme.auth_mon_id 
_pdbx_nonpoly_scheme.pdb_strand_id 
_pdbx_nonpoly_scheme.pdb_ins_code 
C 2 MG  1  101 1  MG  MG  A . 
D 2 MG  1  103 3  MG  MG  A . 
E 2 MG  1  104 4  MG  MG  A . 
F 3 MPD 1  201 1  MPD MPD A . 
G 2 MG  1  102 2  MG  MG  B . 
H 2 MG  1  105 5  MG  MG  B . 
I 3 MPD 1  202 2  MPD MPD B . 
J 4 HOH 1  202 1  HOH HOH A . 
J 4 HOH 2  203 4  HOH HOH A . 
J 4 HOH 3  204 5  HOH HOH A . 
J 4 HOH 4  205 6  HOH HOH A . 
J 4 HOH 5  206 12 HOH HOH A . 
J 4 HOH 6  207 13 HOH HOH A . 
J 4 HOH 7  208 14 HOH HOH A . 
J 4 HOH 8  209 15 HOH HOH A . 
J 4 HOH 9  210 16 HOH HOH A . 
J 4 HOH 10 211 17 HOH HOH A . 
J 4 HOH 11 212 18 HOH HOH A . 
J 4 HOH 12 213 20 HOH HOH A . 
J 4 HOH 13 214 24 HOH HOH A . 
J 4 HOH 14 215 26 HOH HOH A . 
J 4 HOH 15 216 30 HOH HOH A . 
J 4 HOH 16 217 32 HOH HOH A . 
J 4 HOH 17 218 37 HOH HOH A . 
J 4 HOH 18 219 38 HOH HOH A . 
J 4 HOH 19 220 39 HOH HOH A . 
J 4 HOH 20 221 40 HOH HOH A . 
J 4 HOH 21 222 43 HOH HOH A . 
J 4 HOH 22 223 44 HOH HOH A . 
J 4 HOH 23 224 45 HOH HOH A . 
J 4 HOH 24 225 46 HOH HOH A . 
J 4 HOH 25 226 47 HOH HOH A . 
J 4 HOH 26 227 48 HOH HOH A . 
J 4 HOH 27 228 49 HOH HOH A . 
J 4 HOH 28 229 51 HOH HOH A . 
J 4 HOH 29 230 52 HOH HOH A . 
J 4 HOH 30 231 55 HOH HOH A . 
J 4 HOH 31 232 59 HOH HOH A . 
J 4 HOH 32 233 61 HOH HOH A . 
J 4 HOH 33 234 62 HOH HOH A . 
K 4 HOH 1  203 2  HOH HOH B . 
K 4 HOH 2  204 3  HOH HOH B . 
K 4 HOH 3  205 7  HOH HOH B . 
K 4 HOH 4  206 8  HOH HOH B . 
K 4 HOH 5  207 9  HOH HOH B . 
K 4 HOH 6  208 10 HOH HOH B . 
K 4 HOH 7  209 11 HOH HOH B . 
K 4 HOH 8  210 19 HOH HOH B . 
K 4 HOH 9  211 21 HOH HOH B . 
K 4 HOH 10 212 22 HOH HOH B . 
K 4 HOH 11 213 23 HOH HOH B . 
K 4 HOH 12 214 25 HOH HOH B . 
K 4 HOH 13 215 27 HOH HOH B . 
K 4 HOH 14 216 28 HOH HOH B . 
K 4 HOH 15 217 29 HOH HOH B . 
K 4 HOH 16 218 31 HOH HOH B . 
K 4 HOH 17 219 33 HOH HOH B . 
K 4 HOH 18 220 34 HOH HOH B . 
K 4 HOH 19 221 35 HOH HOH B . 
K 4 HOH 20 222 36 HOH HOH B . 
K 4 HOH 21 223 41 HOH HOH B . 
K 4 HOH 22 224 42 HOH HOH B . 
K 4 HOH 23 225 50 HOH HOH B . 
K 4 HOH 24 226 53 HOH HOH B . 
K 4 HOH 25 227 54 HOH HOH B . 
K 4 HOH 26 228 56 HOH HOH B . 
K 4 HOH 27 229 57 HOH HOH B . 
K 4 HOH 28 230 58 HOH HOH B . 
K 4 HOH 29 231 60 HOH HOH B . 
K 4 HOH 30 232 63 HOH HOH B . 
K 4 HOH 31 233 64 HOH HOH B . 
K 4 HOH 32 234 65 HOH HOH B . 
# 
loop_
_pdbx_struct_mod_residue.id 
_pdbx_struct_mod_residue.label_asym_id 
_pdbx_struct_mod_residue.label_comp_id 
_pdbx_struct_mod_residue.label_seq_id 
_pdbx_struct_mod_residue.auth_asym_id 
_pdbx_struct_mod_residue.auth_comp_id 
_pdbx_struct_mod_residue.auth_seq_id 
_pdbx_struct_mod_residue.PDB_ins_code 
_pdbx_struct_mod_residue.parent_comp_id 
_pdbx_struct_mod_residue.details 
1  A OMC 1 A OMC 1 ? C "O2'-METHYLYCYTIDINE-5'-MONOPHOSPHATE" 
2  A OMG 2 A OMG 2 ? G "O2'-METHYLGUANOSINE-5'-MONOPHOSPHATE" 
3  A OMC 3 A OMC 3 ? C "O2'-METHYLYCYTIDINE-5'-MONOPHOSPHATE" 
4  A OMG 4 A OMG 4 ? G "O2'-METHYLGUANOSINE-5'-MONOPHOSPHATE" 
5  A OMC 5 A OMC 5 ? C "O2'-METHYLYCYTIDINE-5'-MONOPHOSPHATE" 
6  A OMG 6 A OMG 6 ? G "O2'-METHYLGUANOSINE-5'-MONOPHOSPHATE" 
7  B OMC 1 B OMC 1 ? C "O2'-METHYLYCYTIDINE-5'-MONOPHOSPHATE" 
8  B OMG 2 B OMG 2 ? G "O2'-METHYLGUANOSINE-5'-MONOPHOSPHATE" 
9  B OMC 3 B OMC 3 ? C "O2'-METHYLYCYTIDINE-5'-MONOPHOSPHATE" 
10 B OMG 4 B OMG 4 ? G "O2'-METHYLGUANOSINE-5'-MONOPHOSPHATE" 
11 B OMC 5 B OMC 5 ? C "O2'-METHYLYCYTIDINE-5'-MONOPHOSPHATE" 
12 B OMG 6 B OMG 6 ? G "O2'-METHYLGUANOSINE-5'-MONOPHOSPHATE" 
# 
_pdbx_struct_assembly.id                   1 
_pdbx_struct_assembly.details              author_defined_assembly 
_pdbx_struct_assembly.method_details       ? 
_pdbx_struct_assembly.oligomeric_details   dimeric 
_pdbx_struct_assembly.oligomeric_count     2 
# 
_pdbx_struct_assembly_gen.assembly_id       1 
_pdbx_struct_assembly_gen.oper_expression   1 
_pdbx_struct_assembly_gen.asym_id_list      A,B,C,D,E,F,G,H,I,J,K 
# 
_pdbx_struct_oper_list.id                   1 
_pdbx_struct_oper_list.type                 'identity operation' 
_pdbx_struct_oper_list.name                 1_555 
_pdbx_struct_oper_list.symmetry_operation   x,y,z 
_pdbx_struct_oper_list.matrix[1][1]         1.0000000000 
_pdbx_struct_oper_list.matrix[1][2]         0.0000000000 
_pdbx_struct_oper_list.matrix[1][3]         0.0000000000 
_pdbx_struct_oper_list.vector[1]            0.0000000000 
_pdbx_struct_oper_list.matrix[2][1]         0.0000000000 
_pdbx_struct_oper_list.matrix[2][2]         1.0000000000 
_pdbx_struct_oper_list.matrix[2][3]         0.0000000000 
_pdbx_struct_oper_list.vector[2]            0.0000000000 
_pdbx_struct_oper_list.matrix[3][1]         0.0000000000 
_pdbx_struct_oper_list.matrix[3][2]         0.0000000000 
_pdbx_struct_oper_list.matrix[3][3]         1.0000000000 
_pdbx_struct_oper_list.vector[3]            0.0000000000 
# 
loop_
_pdbx_struct_special_symmetry.id 
_pdbx_struct_special_symmetry.PDB_model_num 
_pdbx_struct_special_symmetry.auth_asym_id 
_pdbx_struct_special_symmetry.auth_comp_id 
_pdbx_struct_special_symmetry.auth_seq_id 
_pdbx_struct_special_symmetry.PDB_ins_code 
_pdbx_struct_special_symmetry.label_asym_id 
_pdbx_struct_special_symmetry.label_comp_id 
_pdbx_struct_special_symmetry.label_seq_id 
1 1 A HOH 211 ? J HOH . 
2 1 B HOH 215 ? K HOH . 
# 
loop_
_pdbx_struct_conn_angle.id 
_pdbx_struct_conn_angle.ptnr1_label_atom_id 
_pdbx_struct_conn_angle.ptnr1_label_alt_id 
_pdbx_struct_conn_angle.ptnr1_label_asym_id 
_pdbx_struct_conn_angle.ptnr1_label_comp_id 
_pdbx_struct_conn_angle.ptnr1_label_seq_id 
_pdbx_struct_conn_angle.ptnr1_auth_atom_id 
_pdbx_struct_conn_angle.ptnr1_auth_asym_id 
_pdbx_struct_conn_angle.ptnr1_auth_comp_id 
_pdbx_struct_conn_angle.ptnr1_auth_seq_id 
_pdbx_struct_conn_angle.ptnr1_PDB_ins_code 
_pdbx_struct_conn_angle.ptnr1_symmetry 
_pdbx_struct_conn_angle.ptnr2_label_atom_id 
_pdbx_struct_conn_angle.ptnr2_label_alt_id 
_pdbx_struct_conn_angle.ptnr2_label_asym_id 
_pdbx_struct_conn_angle.ptnr2_label_comp_id 
_pdbx_struct_conn_angle.ptnr2_label_seq_id 
_pdbx_struct_conn_angle.ptnr2_auth_atom_id 
_pdbx_struct_conn_angle.ptnr2_auth_asym_id 
_pdbx_struct_conn_angle.ptnr2_auth_comp_id 
_pdbx_struct_conn_angle.ptnr2_auth_seq_id 
_pdbx_struct_conn_angle.ptnr2_PDB_ins_code 
_pdbx_struct_conn_angle.ptnr2_symmetry 
_pdbx_struct_conn_angle.ptnr3_label_atom_id 
_pdbx_struct_conn_angle.ptnr3_label_alt_id 
_pdbx_struct_conn_angle.ptnr3_label_asym_id 
_pdbx_struct_conn_angle.ptnr3_label_comp_id 
_pdbx_struct_conn_angle.ptnr3_label_seq_id 
_pdbx_struct_conn_angle.ptnr3_auth_atom_id 
_pdbx_struct_conn_angle.ptnr3_auth_asym_id 
_pdbx_struct_conn_angle.ptnr3_auth_comp_id 
_pdbx_struct_conn_angle.ptnr3_auth_seq_id 
_pdbx_struct_conn_angle.ptnr3_PDB_ins_code 
_pdbx_struct_conn_angle.ptnr3_symmetry 
_pdbx_struct_conn_angle.value 
_pdbx_struct_conn_angle.value_esd 
1  OP1 ? A OMG 2 ? A OMG 2   ? 1_555 MG ? C MG . ? A MG 101 ? 1_555 O ? J HOH . ? A HOH 224 ? 1_555 75.4  ? 
2  OP1 ? A OMG 2 ? A OMG 2   ? 1_555 MG ? C MG . ? A MG 101 ? 1_555 O ? J HOH . ? A HOH 226 ? 1_555 96.4  ? 
3  O   ? J HOH . ? A HOH 224 ? 1_555 MG ? C MG . ? A MG 101 ? 1_555 O ? J HOH . ? A HOH 226 ? 1_555 82.7  ? 
4  OP1 ? A OMG 2 ? A OMG 2   ? 1_555 MG ? C MG . ? A MG 101 ? 1_555 O ? J HOH . ? A HOH 228 ? 1_555 172.9 ? 
5  O   ? J HOH . ? A HOH 224 ? 1_555 MG ? C MG . ? A MG 101 ? 1_555 O ? J HOH . ? A HOH 228 ? 1_555 107.7 ? 
6  O   ? J HOH . ? A HOH 226 ? 1_555 MG ? C MG . ? A MG 101 ? 1_555 O ? J HOH . ? A HOH 228 ? 1_555 90.4  ? 
7  OP1 ? A OMC 5 ? A OMC 5   ? 1_555 MG ? D MG . ? A MG 103 ? 1_555 O ? J HOH . ? A HOH 219 ? 1_555 85.4  ? 
8  OP1 ? A OMC 5 ? A OMC 5   ? 1_555 MG ? D MG . ? A MG 103 ? 1_555 O ? J HOH . ? A HOH 221 ? 1_555 86.8  ? 
9  O   ? J HOH . ? A HOH 219 ? 1_555 MG ? D MG . ? A MG 103 ? 1_555 O ? J HOH . ? A HOH 221 ? 1_555 98.2  ? 
10 OP1 ? A OMC 5 ? A OMC 5   ? 1_555 MG ? D MG . ? A MG 103 ? 1_555 O ? K HOH . ? B HOH 217 ? 6_665 100.5 ? 
11 O   ? J HOH . ? A HOH 219 ? 1_555 MG ? D MG . ? A MG 103 ? 1_555 O ? K HOH . ? B HOH 217 ? 6_665 162.3 ? 
12 O   ? J HOH . ? A HOH 221 ? 1_555 MG ? D MG . ? A MG 103 ? 1_555 O ? K HOH . ? B HOH 217 ? 6_665 98.8  ? 
13 OP1 ? A OMC 5 ? A OMC 5   ? 1_555 MG ? D MG . ? A MG 103 ? 1_555 O ? K HOH . ? B HOH 223 ? 6_665 97.7  ? 
14 O   ? J HOH . ? A HOH 219 ? 1_555 MG ? D MG . ? A MG 103 ? 1_555 O ? K HOH . ? B HOH 223 ? 6_665 59.3  ? 
15 O   ? J HOH . ? A HOH 221 ? 1_555 MG ? D MG . ? A MG 103 ? 1_555 O ? K HOH . ? B HOH 223 ? 6_665 41.6  ? 
16 O   ? K HOH . ? B HOH 217 ? 6_665 MG ? D MG . ? A MG 103 ? 1_555 O ? K HOH . ? B HOH 223 ? 6_665 135.0 ? 
17 OP1 ? A OMC 5 ? A OMC 5   ? 1_555 MG ? D MG . ? A MG 103 ? 1_555 O ? K HOH . ? B HOH 224 ? 6_665 80.2  ? 
18 O   ? J HOH . ? A HOH 219 ? 1_555 MG ? D MG . ? A MG 103 ? 1_555 O ? K HOH . ? B HOH 224 ? 6_665 138.5 ? 
19 O   ? J HOH . ? A HOH 221 ? 1_555 MG ? D MG . ? A MG 103 ? 1_555 O ? K HOH . ? B HOH 224 ? 6_665 42.6  ? 
20 O   ? K HOH . ? B HOH 217 ? 6_665 MG ? D MG . ? A MG 103 ? 1_555 O ? K HOH . ? B HOH 224 ? 6_665 59.2  ? 
21 O   ? K HOH . ? B HOH 223 ? 6_665 MG ? D MG . ? A MG 103 ? 1_555 O ? K HOH . ? B HOH 224 ? 6_665 84.2  ? 
22 O   ? J HOH . ? A HOH 208 ? 1_555 MG ? E MG . ? A MG 104 ? 1_555 O ? J HOH . ? A HOH 212 ? 1_555 95.6  ? 
23 O   ? J HOH . ? A HOH 208 ? 1_555 MG ? E MG . ? A MG 104 ? 1_555 O ? J HOH . ? A HOH 218 ? 1_555 167.7 ? 
24 O   ? J HOH . ? A HOH 212 ? 1_555 MG ? E MG . ? A MG 104 ? 1_555 O ? J HOH . ? A HOH 218 ? 1_555 92.7  ? 
25 O   ? J HOH . ? A HOH 208 ? 1_555 MG ? E MG . ? A MG 104 ? 1_555 O ? J HOH . ? A HOH 222 ? 1_555 101.2 ? 
26 O   ? J HOH . ? A HOH 212 ? 1_555 MG ? E MG . ? A MG 104 ? 1_555 O ? J HOH . ? A HOH 222 ? 1_555 85.2  ? 
27 O   ? J HOH . ? A HOH 218 ? 1_555 MG ? E MG . ? A MG 104 ? 1_555 O ? J HOH . ? A HOH 222 ? 1_555 88.6  ? 
28 OP1 ? B OMG 2 ? B OMG 2   ? 1_555 MG ? G MG . ? B MG 102 ? 1_555 O ? K HOH . ? B HOH 219 ? 1_555 102.1 ? 
29 OP1 ? B OMG 2 ? B OMG 2   ? 1_555 MG ? G MG . ? B MG 102 ? 1_555 O ? K HOH . ? B HOH 221 ? 1_555 98.8  ? 
30 O   ? K HOH . ? B HOH 219 ? 1_555 MG ? G MG . ? B MG 102 ? 1_555 O ? K HOH . ? B HOH 221 ? 1_555 87.2  ? 
31 OP1 ? B OMG 2 ? B OMG 2   ? 1_555 MG ? G MG . ? B MG 102 ? 1_555 O ? K HOH . ? B HOH 222 ? 1_555 160.4 ? 
32 O   ? K HOH . ? B HOH 219 ? 1_555 MG ? G MG . ? B MG 102 ? 1_555 O ? K HOH . ? B HOH 222 ? 1_555 96.3  ? 
33 O   ? K HOH . ? B HOH 221 ? 1_555 MG ? G MG . ? B MG 102 ? 1_555 O ? K HOH . ? B HOH 222 ? 1_555 88.6  ? 
34 OP1 ? B OMG 2 ? B OMG 2   ? 1_555 MG ? G MG . ? B MG 102 ? 1_555 O ? K HOH . ? B HOH 227 ? 1_555 95.8  ? 
35 O   ? K HOH . ? B HOH 219 ? 1_555 MG ? G MG . ? B MG 102 ? 1_555 O ? K HOH . ? B HOH 227 ? 1_555 78.3  ? 
36 O   ? K HOH . ? B HOH 221 ? 1_555 MG ? G MG . ? B MG 102 ? 1_555 O ? K HOH . ? B HOH 227 ? 1_555 161.2 ? 
37 O   ? K HOH . ? B HOH 222 ? 1_555 MG ? G MG . ? B MG 102 ? 1_555 O ? K HOH . ? B HOH 227 ? 1_555 81.4  ? 
38 OP1 ? B OMG 2 ? B OMG 2   ? 1_555 MG ? G MG . ? B MG 102 ? 1_555 O ? K HOH . ? B HOH 232 ? 1_555 75.1  ? 
39 O   ? K HOH . ? B HOH 219 ? 1_555 MG ? G MG . ? B MG 102 ? 1_555 O ? K HOH . ? B HOH 232 ? 1_555 177.2 ? 
40 O   ? K HOH . ? B HOH 221 ? 1_555 MG ? G MG . ? B MG 102 ? 1_555 O ? K HOH . ? B HOH 232 ? 1_555 93.5  ? 
41 O   ? K HOH . ? B HOH 222 ? 1_555 MG ? G MG . ? B MG 102 ? 1_555 O ? K HOH . ? B HOH 232 ? 1_555 86.4  ? 
42 O   ? K HOH . ? B HOH 227 ? 1_555 MG ? G MG . ? B MG 102 ? 1_555 O ? K HOH . ? B HOH 232 ? 1_555 101.6 ? 
43 O   ? K HOH . ? B HOH 206 ? 1_555 MG ? H MG . ? B MG 105 ? 1_555 O ? K HOH . ? B HOH 207 ? 1_555 87.3  ? 
44 O   ? K HOH . ? B HOH 206 ? 1_555 MG ? H MG . ? B MG 105 ? 1_555 O ? K HOH . ? B HOH 226 ? 1_555 104.5 ? 
45 O   ? K HOH . ? B HOH 207 ? 1_555 MG ? H MG . ? B MG 105 ? 1_555 O ? K HOH . ? B HOH 226 ? 1_555 96.6  ? 
46 O   ? K HOH . ? B HOH 206 ? 1_555 MG ? H MG . ? B MG 105 ? 1_555 O ? K HOH . ? B HOH 231 ? 1_555 94.3  ? 
47 O   ? K HOH . ? B HOH 207 ? 1_555 MG ? H MG . ? B MG 105 ? 1_555 O ? K HOH . ? B HOH 231 ? 1_555 172.1 ? 
48 O   ? K HOH . ? B HOH 226 ? 1_555 MG ? H MG . ? B MG 105 ? 1_555 O ? K HOH . ? B HOH 231 ? 1_555 90.5  ? 
# 
loop_
_pdbx_audit_revision_history.ordinal 
_pdbx_audit_revision_history.data_content_type 
_pdbx_audit_revision_history.major_revision 
_pdbx_audit_revision_history.minor_revision 
_pdbx_audit_revision_history.revision_date 
1 'Structure model' 1 0 2001-09-21 
2 'Structure model' 1 1 2008-04-27 
3 'Structure model' 1 2 2011-07-13 
4 'Structure model' 1 3 2023-08-09 
# 
_pdbx_audit_revision_details.ordinal             1 
_pdbx_audit_revision_details.revision_ordinal    1 
_pdbx_audit_revision_details.data_content_type   'Structure model' 
_pdbx_audit_revision_details.provider            repository 
_pdbx_audit_revision_details.type                'Initial release' 
_pdbx_audit_revision_details.description         ? 
_pdbx_audit_revision_details.details             ? 
# 
loop_
_pdbx_audit_revision_group.ordinal 
_pdbx_audit_revision_group.revision_ordinal 
_pdbx_audit_revision_group.data_content_type 
_pdbx_audit_revision_group.group 
1 2 'Structure model' 'Version format compliance' 
2 3 'Structure model' 'Version format compliance' 
3 4 'Structure model' 'Data collection'           
4 4 'Structure model' 'Database references'       
5 4 'Structure model' 'Derived calculations'      
6 4 'Structure model' 'Refinement description'    
# 
loop_
_pdbx_audit_revision_category.ordinal 
_pdbx_audit_revision_category.revision_ordinal 
_pdbx_audit_revision_category.data_content_type 
_pdbx_audit_revision_category.category 
1 4 'Structure model' chem_comp_atom                
2 4 'Structure model' chem_comp_bond                
3 4 'Structure model' database_2                    
4 4 'Structure model' diffrn_source                 
5 4 'Structure model' pdbx_initial_refinement_model 
6 4 'Structure model' pdbx_struct_conn_angle        
7 4 'Structure model' struct_conn                   
8 4 'Structure model' struct_site                   
# 
loop_
_pdbx_audit_revision_item.ordinal 
_pdbx_audit_revision_item.revision_ordinal 
_pdbx_audit_revision_item.data_content_type 
_pdbx_audit_revision_item.item 
1  4 'Structure model' '_database_2.pdbx_DOI'                        
2  4 'Structure model' '_database_2.pdbx_database_accession'         
3  4 'Structure model' '_diffrn_source.pdbx_synchrotron_site'        
4  4 'Structure model' '_pdbx_struct_conn_angle.ptnr1_auth_asym_id'  
5  4 'Structure model' '_pdbx_struct_conn_angle.ptnr1_auth_comp_id'  
6  4 'Structure model' '_pdbx_struct_conn_angle.ptnr1_auth_seq_id'   
7  4 'Structure model' '_pdbx_struct_conn_angle.ptnr1_label_asym_id' 
8  4 'Structure model' '_pdbx_struct_conn_angle.ptnr1_label_atom_id' 
9  4 'Structure model' '_pdbx_struct_conn_angle.ptnr1_label_comp_id' 
10 4 'Structure model' '_pdbx_struct_conn_angle.ptnr1_label_seq_id'  
11 4 'Structure model' '_pdbx_struct_conn_angle.ptnr1_symmetry'      
12 4 'Structure model' '_pdbx_struct_conn_angle.ptnr2_auth_asym_id'  
13 4 'Structure model' '_pdbx_struct_conn_angle.ptnr2_auth_seq_id'   
14 4 'Structure model' '_pdbx_struct_conn_angle.ptnr2_label_asym_id' 
15 4 'Structure model' '_pdbx_struct_conn_angle.ptnr3_auth_asym_id'  
16 4 'Structure model' '_pdbx_struct_conn_angle.ptnr3_auth_comp_id'  
17 4 'Structure model' '_pdbx_struct_conn_angle.ptnr3_auth_seq_id'   
18 4 'Structure model' '_pdbx_struct_conn_angle.ptnr3_label_asym_id' 
19 4 'Structure model' '_pdbx_struct_conn_angle.ptnr3_label_atom_id' 
20 4 'Structure model' '_pdbx_struct_conn_angle.ptnr3_label_comp_id' 
21 4 'Structure model' '_pdbx_struct_conn_angle.ptnr3_label_seq_id'  
22 4 'Structure model' '_pdbx_struct_conn_angle.ptnr3_symmetry'      
23 4 'Structure model' '_pdbx_struct_conn_angle.value'               
24 4 'Structure model' '_struct_conn.pdbx_dist_value'                
25 4 'Structure model' '_struct_conn.pdbx_leaving_atom_flag'         
26 4 'Structure model' '_struct_conn.ptnr1_auth_asym_id'             
27 4 'Structure model' '_struct_conn.ptnr1_auth_comp_id'             
28 4 'Structure model' '_struct_conn.ptnr1_auth_seq_id'              
29 4 'Structure model' '_struct_conn.ptnr1_label_asym_id'            
30 4 'Structure model' '_struct_conn.ptnr1_label_atom_id'            
31 4 'Structure model' '_struct_conn.ptnr1_label_comp_id'            
32 4 'Structure model' '_struct_conn.ptnr1_label_seq_id'             
33 4 'Structure model' '_struct_conn.ptnr2_auth_asym_id'             
34 4 'Structure model' '_struct_conn.ptnr2_auth_comp_id'             
35 4 'Structure model' '_struct_conn.ptnr2_auth_seq_id'              
36 4 'Structure model' '_struct_conn.ptnr2_label_asym_id'            
37 4 'Structure model' '_struct_conn.ptnr2_label_atom_id'            
38 4 'Structure model' '_struct_conn.ptnr2_label_comp_id'            
39 4 'Structure model' '_struct_conn.ptnr2_symmetry'                 
40 4 'Structure model' '_struct_site.pdbx_auth_asym_id'              
41 4 'Structure model' '_struct_site.pdbx_auth_comp_id'              
42 4 'Structure model' '_struct_site.pdbx_auth_seq_id'               
# 
loop_
_software.name 
_software.classification 
_software.version 
_software.citation_id 
_software.pdbx_ordinal 
AMoRE     phasing          . ? 1 
SHELXL-97 refinement       . ? 2 
DENZO     'data reduction' . ? 3 
SCALEPACK 'data scaling'   . ? 4 
# 
loop_
_chem_comp_atom.comp_id 
_chem_comp_atom.atom_id 
_chem_comp_atom.type_symbol 
_chem_comp_atom.pdbx_aromatic_flag 
_chem_comp_atom.pdbx_stereo_config 
_chem_comp_atom.pdbx_ordinal 
HOH O      O  N N 1   
HOH H1     H  N N 2   
HOH H2     H  N N 3   
MG  MG     MG N N 4   
MPD C1     C  N N 5   
MPD C2     C  N N 6   
MPD O2     O  N N 7   
MPD CM     C  N N 8   
MPD C3     C  N N 9   
MPD C4     C  N S 10  
MPD O4     O  N N 11  
MPD C5     C  N N 12  
MPD H11    H  N N 13  
MPD H12    H  N N 14  
MPD H13    H  N N 15  
MPD HO2    H  N N 16  
MPD HM1    H  N N 17  
MPD HM2    H  N N 18  
MPD HM3    H  N N 19  
MPD H31    H  N N 20  
MPD H32    H  N N 21  
MPD H4     H  N N 22  
MPD HO4    H  N N 23  
MPD H51    H  N N 24  
MPD H52    H  N N 25  
MPD H53    H  N N 26  
OMC N1     N  N N 27  
OMC C2     C  N N 28  
OMC N3     N  N N 29  
OMC C4     C  N N 30  
OMC C5     C  N N 31  
OMC C6     C  N N 32  
OMC O2     O  N N 33  
OMC N4     N  N N 34  
OMC "C1'"  C  N R 35  
OMC "C2'"  C  N R 36  
OMC "O2'"  O  N N 37  
OMC CM2    C  N N 38  
OMC "C3'"  C  N R 39  
OMC "C4'"  C  N R 40  
OMC "O4'"  O  N N 41  
OMC "O3'"  O  N N 42  
OMC "C5'"  C  N N 43  
OMC "O5'"  O  N N 44  
OMC P      P  N N 45  
OMC OP1    O  N N 46  
OMC OP2    O  N N 47  
OMC OP3    O  N N 48  
OMC H5     H  N N 49  
OMC H6     H  N N 50  
OMC HN41   H  N N 51  
OMC HN42   H  N N 52  
OMC "H1'"  H  N N 53  
OMC "H2'"  H  N N 54  
OMC HM21   H  N N 55  
OMC HM22   H  N N 56  
OMC HM23   H  N N 57  
OMC "H3'"  H  N N 58  
OMC "H4'"  H  N N 59  
OMC "HO3'" H  N N 60  
OMC "H5'"  H  N N 61  
OMC "H5''" H  N N 62  
OMC HOP2   H  N N 63  
OMC HOP3   H  N N 64  
OMG P      P  N N 65  
OMG OP1    O  N N 66  
OMG OP2    O  N N 67  
OMG OP3    O  N N 68  
OMG "O5'"  O  N N 69  
OMG "C5'"  C  N N 70  
OMG "C4'"  C  N R 71  
OMG "O4'"  O  N N 72  
OMG "C3'"  C  N R 73  
OMG "O3'"  O  N N 74  
OMG "C2'"  C  N R 75  
OMG "O2'"  O  N N 76  
OMG CM2    C  N N 77  
OMG "C1'"  C  N R 78  
OMG N9     N  Y N 79  
OMG C8     C  Y N 80  
OMG N7     N  Y N 81  
OMG C5     C  Y N 82  
OMG C6     C  N N 83  
OMG O6     O  N N 84  
OMG N1     N  N N 85  
OMG C2     C  N N 86  
OMG N2     N  N N 87  
OMG N3     N  N N 88  
OMG C4     C  Y N 89  
OMG HOP2   H  N N 90  
OMG HOP3   H  N N 91  
OMG "H5'"  H  N N 92  
OMG "H5''" H  N N 93  
OMG "H4'"  H  N N 94  
OMG "H3'"  H  N N 95  
OMG "HO3'" H  N N 96  
OMG "H2'"  H  N N 97  
OMG HM21   H  N N 98  
OMG HM22   H  N N 99  
OMG HM23   H  N N 100 
OMG "H1'"  H  N N 101 
OMG H8     H  N N 102 
OMG HN1    H  N N 103 
OMG HN21   H  N N 104 
OMG HN22   H  N N 105 
# 
loop_
_chem_comp_bond.comp_id 
_chem_comp_bond.atom_id_1 
_chem_comp_bond.atom_id_2 
_chem_comp_bond.value_order 
_chem_comp_bond.pdbx_aromatic_flag 
_chem_comp_bond.pdbx_stereo_config 
_chem_comp_bond.pdbx_ordinal 
HOH O     H1     sing N N 1   
HOH O     H2     sing N N 2   
MPD C1    C2     sing N N 3   
MPD C1    H11    sing N N 4   
MPD C1    H12    sing N N 5   
MPD C1    H13    sing N N 6   
MPD C2    O2     sing N N 7   
MPD C2    CM     sing N N 8   
MPD C2    C3     sing N N 9   
MPD O2    HO2    sing N N 10  
MPD CM    HM1    sing N N 11  
MPD CM    HM2    sing N N 12  
MPD CM    HM3    sing N N 13  
MPD C3    C4     sing N N 14  
MPD C3    H31    sing N N 15  
MPD C3    H32    sing N N 16  
MPD C4    O4     sing N N 17  
MPD C4    C5     sing N N 18  
MPD C4    H4     sing N N 19  
MPD O4    HO4    sing N N 20  
MPD C5    H51    sing N N 21  
MPD C5    H52    sing N N 22  
MPD C5    H53    sing N N 23  
OMC N1    C2     sing N N 24  
OMC N1    C6     sing N N 25  
OMC N1    "C1'"  sing N N 26  
OMC C2    N3     sing N N 27  
OMC C2    O2     doub N N 28  
OMC N3    C4     doub N N 29  
OMC C4    C5     sing N N 30  
OMC C4    N4     sing N N 31  
OMC C5    C6     doub N N 32  
OMC C5    H5     sing N N 33  
OMC C6    H6     sing N N 34  
OMC N4    HN41   sing N N 35  
OMC N4    HN42   sing N N 36  
OMC "C1'" "C2'"  sing N N 37  
OMC "C1'" "O4'"  sing N N 38  
OMC "C1'" "H1'"  sing N N 39  
OMC "C2'" "O2'"  sing N N 40  
OMC "C2'" "C3'"  sing N N 41  
OMC "C2'" "H2'"  sing N N 42  
OMC "O2'" CM2    sing N N 43  
OMC CM2   HM21   sing N N 44  
OMC CM2   HM22   sing N N 45  
OMC CM2   HM23   sing N N 46  
OMC "C3'" "C4'"  sing N N 47  
OMC "C3'" "O3'"  sing N N 48  
OMC "C3'" "H3'"  sing N N 49  
OMC "C4'" "O4'"  sing N N 50  
OMC "C4'" "C5'"  sing N N 51  
OMC "C4'" "H4'"  sing N N 52  
OMC "O3'" "HO3'" sing N N 53  
OMC "C5'" "O5'"  sing N N 54  
OMC "C5'" "H5'"  sing N N 55  
OMC "C5'" "H5''" sing N N 56  
OMC "O5'" P      sing N N 57  
OMC P     OP1    doub N N 58  
OMC P     OP2    sing N N 59  
OMC P     OP3    sing N N 60  
OMC OP2   HOP2   sing N N 61  
OMC OP3   HOP3   sing N N 62  
OMG P     OP1    doub N N 63  
OMG P     OP2    sing N N 64  
OMG P     OP3    sing N N 65  
OMG P     "O5'"  sing N N 66  
OMG OP2   HOP2   sing N N 67  
OMG OP3   HOP3   sing N N 68  
OMG "O5'" "C5'"  sing N N 69  
OMG "C5'" "C4'"  sing N N 70  
OMG "C5'" "H5'"  sing N N 71  
OMG "C5'" "H5''" sing N N 72  
OMG "C4'" "O4'"  sing N N 73  
OMG "C4'" "C3'"  sing N N 74  
OMG "C4'" "H4'"  sing N N 75  
OMG "O4'" "C1'"  sing N N 76  
OMG "C3'" "O3'"  sing N N 77  
OMG "C3'" "C2'"  sing N N 78  
OMG "C3'" "H3'"  sing N N 79  
OMG "O3'" "HO3'" sing N N 80  
OMG "C2'" "O2'"  sing N N 81  
OMG "C2'" "C1'"  sing N N 82  
OMG "C2'" "H2'"  sing N N 83  
OMG "O2'" CM2    sing N N 84  
OMG CM2   HM21   sing N N 85  
OMG CM2   HM22   sing N N 86  
OMG CM2   HM23   sing N N 87  
OMG "C1'" N9     sing N N 88  
OMG "C1'" "H1'"  sing N N 89  
OMG N9    C8     sing Y N 90  
OMG N9    C4     sing Y N 91  
OMG C8    N7     doub Y N 92  
OMG C8    H8     sing N N 93  
OMG N7    C5     sing Y N 94  
OMG C5    C6     sing N N 95  
OMG C5    C4     doub Y N 96  
OMG C6    O6     doub N N 97  
OMG C6    N1     sing N N 98  
OMG N1    C2     sing N N 99  
OMG N1    HN1    sing N N 100 
OMG C2    N2     sing N N 101 
OMG C2    N3     doub N N 102 
OMG N2    HN21   sing N N 103 
OMG N2    HN22   sing N N 104 
OMG N3    C4     sing N N 105 
# 
_ndb_struct_conf_na.entry_id   1I7J 
_ndb_struct_conf_na.feature    'a-form double helix' 
# 
loop_
_ndb_struct_na_base_pair.model_number 
_ndb_struct_na_base_pair.i_label_asym_id 
_ndb_struct_na_base_pair.i_label_comp_id 
_ndb_struct_na_base_pair.i_label_seq_id 
_ndb_struct_na_base_pair.i_symmetry 
_ndb_struct_na_base_pair.j_label_asym_id 
_ndb_struct_na_base_pair.j_label_comp_id 
_ndb_struct_na_base_pair.j_label_seq_id 
_ndb_struct_na_base_pair.j_symmetry 
_ndb_struct_na_base_pair.shear 
_ndb_struct_na_base_pair.stretch 
_ndb_struct_na_base_pair.stagger 
_ndb_struct_na_base_pair.buckle 
_ndb_struct_na_base_pair.propeller 
_ndb_struct_na_base_pair.opening 
_ndb_struct_na_base_pair.pair_number 
_ndb_struct_na_base_pair.pair_name 
_ndb_struct_na_base_pair.i_auth_asym_id 
_ndb_struct_na_base_pair.i_auth_seq_id 
_ndb_struct_na_base_pair.i_PDB_ins_code 
_ndb_struct_na_base_pair.j_auth_asym_id 
_ndb_struct_na_base_pair.j_auth_seq_id 
_ndb_struct_na_base_pair.j_PDB_ins_code 
_ndb_struct_na_base_pair.hbond_type_28 
_ndb_struct_na_base_pair.hbond_type_12 
1 A OMC 1 1_555 B OMG 6 1_555 0.028  -0.068 -0.065 9.032  -16.361 -2.306 1 A_OMC1:OMG6_B A 1 ? B 6 ? 19 1 
1 A OMG 2 1_555 B OMC 5 1_555 -0.183 -0.141 0.268  6.930  -13.356 -0.442 2 A_OMG2:OMC5_B A 2 ? B 5 ? 19 1 
1 A OMC 3 1_555 B OMG 4 1_555 0.195  -0.148 -0.074 3.680  -15.822 -1.232 3 A_OMC3:OMG4_B A 3 ? B 4 ? 19 1 
1 A OMG 4 1_555 B OMC 3 1_555 -0.155 -0.176 -0.044 -3.036 -15.390 -1.537 4 A_OMG4:OMC3_B A 4 ? B 3 ? 19 1 
1 A OMC 5 1_555 B OMG 2 1_555 0.151  -0.145 0.120  -5.489 -14.397 -1.409 5 A_OMC5:OMG2_B A 5 ? B 2 ? 19 1 
1 A OMG 6 1_555 B OMC 1 1_555 -0.041 -0.123 -0.009 -8.044 -17.141 -3.630 6 A_OMG6:OMC1_B A 6 ? B 1 ? 19 1 
# 
loop_
_ndb_struct_na_base_pair_step.model_number 
_ndb_struct_na_base_pair_step.i_label_asym_id_1 
_ndb_struct_na_base_pair_step.i_label_comp_id_1 
_ndb_struct_na_base_pair_step.i_label_seq_id_1 
_ndb_struct_na_base_pair_step.i_symmetry_1 
_ndb_struct_na_base_pair_step.j_label_asym_id_1 
_ndb_struct_na_base_pair_step.j_label_comp_id_1 
_ndb_struct_na_base_pair_step.j_label_seq_id_1 
_ndb_struct_na_base_pair_step.j_symmetry_1 
_ndb_struct_na_base_pair_step.i_label_asym_id_2 
_ndb_struct_na_base_pair_step.i_label_comp_id_2 
_ndb_struct_na_base_pair_step.i_label_seq_id_2 
_ndb_struct_na_base_pair_step.i_symmetry_2 
_ndb_struct_na_base_pair_step.j_label_asym_id_2 
_ndb_struct_na_base_pair_step.j_label_comp_id_2 
_ndb_struct_na_base_pair_step.j_label_seq_id_2 
_ndb_struct_na_base_pair_step.j_symmetry_2 
_ndb_struct_na_base_pair_step.shift 
_ndb_struct_na_base_pair_step.slide 
_ndb_struct_na_base_pair_step.rise 
_ndb_struct_na_base_pair_step.tilt 
_ndb_struct_na_base_pair_step.roll 
_ndb_struct_na_base_pair_step.twist 
_ndb_struct_na_base_pair_step.x_displacement 
_ndb_struct_na_base_pair_step.y_displacement 
_ndb_struct_na_base_pair_step.helical_rise 
_ndb_struct_na_base_pair_step.inclination 
_ndb_struct_na_base_pair_step.tip 
_ndb_struct_na_base_pair_step.helical_twist 
_ndb_struct_na_base_pair_step.step_number 
_ndb_struct_na_base_pair_step.step_name 
_ndb_struct_na_base_pair_step.i_auth_asym_id_1 
_ndb_struct_na_base_pair_step.i_auth_seq_id_1 
_ndb_struct_na_base_pair_step.i_PDB_ins_code_1 
_ndb_struct_na_base_pair_step.j_auth_asym_id_1 
_ndb_struct_na_base_pair_step.j_auth_seq_id_1 
_ndb_struct_na_base_pair_step.j_PDB_ins_code_1 
_ndb_struct_na_base_pair_step.i_auth_asym_id_2 
_ndb_struct_na_base_pair_step.i_auth_seq_id_2 
_ndb_struct_na_base_pair_step.i_PDB_ins_code_2 
_ndb_struct_na_base_pair_step.j_auth_asym_id_2 
_ndb_struct_na_base_pair_step.j_auth_seq_id_2 
_ndb_struct_na_base_pair_step.j_PDB_ins_code_2 
1 A OMC 1 1_555 B OMG 6 1_555 A OMG 2 1_555 B OMC 5 1_555 -0.374 -1.817 3.133 -7.429 15.004 32.300 -4.719 -0.292 2.143 24.985 
12.371 36.279 1 AA_OMC1OMG2:OMC5OMG6_BB A 1 ? B 6 ? A 2 ? B 5 ? 
1 A OMG 2 1_555 B OMC 5 1_555 A OMC 3 1_555 B OMG 4 1_555 -0.580 -1.419 3.295 0.447  10.373 34.917 -3.641 0.988  2.767 16.833 
-0.725 36.382 2 AA_OMG2OMC3:OMG4OMC5_BB A 2 ? B 5 ? A 3 ? B 4 ? 
1 A OMC 3 1_555 B OMG 4 1_555 A OMG 4 1_555 B OMC 3 1_555 -0.015 -1.672 3.233 -0.411 19.895 30.766 -5.004 -0.024 1.849 33.469 
0.691  36.510 3 AA_OMC3OMG4:OMC3OMG4_BB A 3 ? B 4 ? A 4 ? B 3 ? 
1 A OMG 4 1_555 B OMC 3 1_555 A OMC 5 1_555 B OMG 2 1_555 0.544  -1.412 3.276 1.107  10.495 34.372 -3.706 -0.733 2.756 17.261 
-1.821 35.909 4 AA_OMG4OMC5:OMG2OMC3_BB A 4 ? B 3 ? A 5 ? B 2 ? 
1 A OMC 5 1_555 B OMG 2 1_555 A OMG 6 1_555 B OMC 1 1_555 0.386  -1.819 3.162 5.835  15.419 32.310 -4.798 0.086  2.140 25.724 
-9.735 36.173 5 AA_OMC5OMG6:OMC1OMG2_BB A 5 ? B 2 ? A 6 ? B 1 ? 
# 
loop_
_pdbx_entity_nonpoly.entity_id 
_pdbx_entity_nonpoly.name 
_pdbx_entity_nonpoly.comp_id 
2 'MAGNESIUM ION'                 MG  
3 '(4S)-2-METHYL-2,4-PENTANEDIOL' MPD 
4 water                           HOH 
# 
_pdbx_initial_refinement_model.id               1 
_pdbx_initial_refinement_model.entity_id_list   ? 
_pdbx_initial_refinement_model.type             'experimental model' 
_pdbx_initial_refinement_model.source_name      PDB 
_pdbx_initial_refinement_model.accession_code   310D 
_pdbx_initial_refinement_model.details          'PDB 310D' 
# 
